data_9IIJ
# 
_entry.id   9IIJ 
# 
_audit_conform.dict_name       mmcif_pdbx.dic 
_audit_conform.dict_version    5.404 
_audit_conform.dict_location   http://mmcif.pdb.org/dictionaries/ascii/mmcif_pdbx.dic 
# 
loop_
_database_2.database_id 
_database_2.database_code 
_database_2.pdbx_database_accession 
_database_2.pdbx_DOI 
PDB   9IIJ         pdb_00009iij 10.2210/pdb9iij/pdb 
WWPDB D_1300046206 ?            ?                   
# 
_pdbx_audit_revision_history.ordinal             1 
_pdbx_audit_revision_history.data_content_type   'Structure model' 
_pdbx_audit_revision_history.major_revision      1 
_pdbx_audit_revision_history.minor_revision      0 
_pdbx_audit_revision_history.revision_date       2025-06-25 
_pdbx_audit_revision_history.part_number         ? 
# 
_pdbx_audit_revision_details.ordinal             1 
_pdbx_audit_revision_details.revision_ordinal    1 
_pdbx_audit_revision_details.data_content_type   'Structure model' 
_pdbx_audit_revision_details.provider            repository 
_pdbx_audit_revision_details.type                'Initial release' 
_pdbx_audit_revision_details.description         ? 
_pdbx_audit_revision_details.details             ? 
# 
_pdbx_database_status.status_code                     REL 
_pdbx_database_status.status_code_sf                  REL 
_pdbx_database_status.status_code_mr                  ? 
_pdbx_database_status.entry_id                        9IIJ 
_pdbx_database_status.recvd_initial_deposition_date   2024-06-20 
_pdbx_database_status.SG_entry                        N 
_pdbx_database_status.deposit_site                    PDBJ 
_pdbx_database_status.process_site                    PDBC 
_pdbx_database_status.status_code_cs                  ? 
_pdbx_database_status.status_code_nmr_data            ? 
_pdbx_database_status.methods_development_category    ? 
_pdbx_database_status.pdb_format_compatible           N 
# 
_pdbx_contact_author.id                 3 
_pdbx_contact_author.email              zhouzhi@jiangnan.edu.cn 
_pdbx_contact_author.name_first         Zhi 
_pdbx_contact_author.name_last          Zhou 
_pdbx_contact_author.name_mi            ? 
_pdbx_contact_author.role               'principal investigator/group leader' 
_pdbx_contact_author.identifier_ORCID   0000-0001-7926-118X 
# 
loop_
_audit_author.name 
_audit_author.pdbx_ordinal 
_audit_author.identifier_ORCID 
'Zhou, Z.'  1 0000-0001-7926-118X 
'Huang, W.' 2 0000-0002-7412-3965 
# 
_citation.abstract                  ? 
_citation.abstract_id_CAS           ? 
_citation.book_id_ISBN              ? 
_citation.book_publisher            ? 
_citation.book_publisher_city       ? 
_citation.book_title                ? 
_citation.coordinate_linkage        ? 
_citation.country                   ? 
_citation.database_id_Medline       ? 
_citation.details                   ? 
_citation.id                        primary 
_citation.journal_abbrev            'To Be Published' 
_citation.journal_id_ASTM           ? 
_citation.journal_id_CSD            0353 
_citation.journal_id_ISSN           ? 
_citation.journal_full              ? 
_citation.journal_issue             ? 
_citation.journal_volume            ? 
_citation.language                  ? 
_citation.page_first                ? 
_citation.page_last                 ? 
_citation.title                     'Engineered LmrR with V15 replaced by unnatural amino acid 4-amino-L-phenyl-cysteine' 
_citation.year                      ? 
_citation.database_id_CSD           ? 
_citation.pdbx_database_id_DOI      ? 
_citation.pdbx_database_id_PubMed   ? 
_citation.pdbx_database_id_patent   ? 
_citation.unpublished_flag          ? 
# 
loop_
_citation_author.citation_id 
_citation_author.name 
_citation_author.ordinal 
_citation_author.identifier_ORCID 
primary 'Zhou, Z.'  1 0000-0001-7926-118X 
primary 'Huang, W.' 2 0000-0002-7412-3965 
# 
loop_
_entity.id 
_entity.type 
_entity.src_method 
_entity.pdbx_description 
_entity.formula_weight 
_entity.pdbx_number_of_molecules 
_entity.pdbx_ec 
_entity.pdbx_mutation 
_entity.pdbx_fragment 
_entity.details 
1 polymer     man 'Transcriptional regulator, PadR-like family' 14079.756 1 ? 
'Valine 15 replaced with S-(4-aminophenyl)cysteine (A1D64)' ? ? 
2 non-polymer syn 1,2-ETHANEDIOL                                62.068    1 ? ? ? ? 
# 
_entity_poly.entity_id                      1 
_entity_poly.type                           'polypeptide(L)' 
_entity_poly.nstd_linkage                   no 
_entity_poly.nstd_monomer                   yes 
_entity_poly.pdbx_seq_one_letter_code       
;GAEIPKERLRAQTN(A1D64)ILLNVLKQGDNYVYGIIKQVKEASNGEMELNEATLYTIFDRLEQDGIISSYWGDESQGG
RRKYYRLTEIGHENMRLDIESWSRVDKIIENLEANKKSEAIKSRGGSGG
;
_entity_poly.pdbx_seq_one_letter_code_can   
;GAEIPKERLRAQTNXILLNVLKQGDNYVYGIIKQVKEASNGEMELNEATLYTIFDRLEQDGIISSYWGDESQGGRRKYYR
LTEIGHENMRLDIESWSRVDKIIENLEANKKSEAIKSRGGSGG
;
_entity_poly.pdbx_strand_id                 A 
_entity_poly.pdbx_target_identifier         ? 
# 
_pdbx_entity_nonpoly.entity_id   2 
_pdbx_entity_nonpoly.name        1,2-ETHANEDIOL 
_pdbx_entity_nonpoly.comp_id     EDO 
# 
loop_
_entity_poly_seq.entity_id 
_entity_poly_seq.num 
_entity_poly_seq.mon_id 
_entity_poly_seq.hetero 
1 1   GLY   n 
1 2   ALA   n 
1 3   GLU   n 
1 4   ILE   n 
1 5   PRO   n 
1 6   LYS   n 
1 7   GLU   n 
1 8   ARG   n 
1 9   LEU   n 
1 10  ARG   n 
1 11  ALA   n 
1 12  GLN   n 
1 13  THR   n 
1 14  ASN   n 
1 15  A1D64 n 
1 16  ILE   n 
1 17  LEU   n 
1 18  LEU   n 
1 19  ASN   n 
1 20  VAL   n 
1 21  LEU   n 
1 22  LYS   n 
1 23  GLN   n 
1 24  GLY   n 
1 25  ASP   n 
1 26  ASN   n 
1 27  TYR   n 
1 28  VAL   n 
1 29  TYR   n 
1 30  GLY   n 
1 31  ILE   n 
1 32  ILE   n 
1 33  LYS   n 
1 34  GLN   n 
1 35  VAL   n 
1 36  LYS   n 
1 37  GLU   n 
1 38  ALA   n 
1 39  SER   n 
1 40  ASN   n 
1 41  GLY   n 
1 42  GLU   n 
1 43  MET   n 
1 44  GLU   n 
1 45  LEU   n 
1 46  ASN   n 
1 47  GLU   n 
1 48  ALA   n 
1 49  THR   n 
1 50  LEU   n 
1 51  TYR   n 
1 52  THR   n 
1 53  ILE   n 
1 54  PHE   n 
1 55  ASP   n 
1 56  ARG   n 
1 57  LEU   n 
1 58  GLU   n 
1 59  GLN   n 
1 60  ASP   n 
1 61  GLY   n 
1 62  ILE   n 
1 63  ILE   n 
1 64  SER   n 
1 65  SER   n 
1 66  TYR   n 
1 67  TRP   n 
1 68  GLY   n 
1 69  ASP   n 
1 70  GLU   n 
1 71  SER   n 
1 72  GLN   n 
1 73  GLY   n 
1 74  GLY   n 
1 75  ARG   n 
1 76  ARG   n 
1 77  LYS   n 
1 78  TYR   n 
1 79  TYR   n 
1 80  ARG   n 
1 81  LEU   n 
1 82  THR   n 
1 83  GLU   n 
1 84  ILE   n 
1 85  GLY   n 
1 86  HIS   n 
1 87  GLU   n 
1 88  ASN   n 
1 89  MET   n 
1 90  ARG   n 
1 91  LEU   n 
1 92  ASP   n 
1 93  ILE   n 
1 94  GLU   n 
1 95  SER   n 
1 96  TRP   n 
1 97  SER   n 
1 98  ARG   n 
1 99  VAL   n 
1 100 ASP   n 
1 101 LYS   n 
1 102 ILE   n 
1 103 ILE   n 
1 104 GLU   n 
1 105 ASN   n 
1 106 LEU   n 
1 107 GLU   n 
1 108 ALA   n 
1 109 ASN   n 
1 110 LYS   n 
1 111 LYS   n 
1 112 SER   n 
1 113 GLU   n 
1 114 ALA   n 
1 115 ILE   n 
1 116 LYS   n 
1 117 SER   n 
1 118 ARG   n 
1 119 GLY   n 
1 120 GLY   n 
1 121 SER   n 
1 122 GLY   n 
1 123 GLY   n 
# 
_entity_src_gen.entity_id                          1 
_entity_src_gen.pdbx_src_id                        1 
_entity_src_gen.pdbx_alt_source_flag               sample 
_entity_src_gen.pdbx_seq_type                      'Biological sequence' 
_entity_src_gen.pdbx_beg_seq_num                   1 
_entity_src_gen.pdbx_end_seq_num                   123 
_entity_src_gen.gene_src_common_name               ? 
_entity_src_gen.gene_src_genus                     ? 
_entity_src_gen.pdbx_gene_src_gene                 llmg_0323 
_entity_src_gen.gene_src_species                   ? 
_entity_src_gen.gene_src_strain                    ? 
_entity_src_gen.gene_src_tissue                    ? 
_entity_src_gen.gene_src_tissue_fraction           ? 
_entity_src_gen.gene_src_details                   ? 
_entity_src_gen.pdbx_gene_src_fragment             ? 
_entity_src_gen.pdbx_gene_src_scientific_name      'Lactococcus cremoris subsp. cremoris MG1363' 
_entity_src_gen.pdbx_gene_src_ncbi_taxonomy_id     416870 
_entity_src_gen.pdbx_gene_src_variant              ? 
_entity_src_gen.pdbx_gene_src_cell_line            ? 
_entity_src_gen.pdbx_gene_src_atcc                 ? 
_entity_src_gen.pdbx_gene_src_organ                ? 
_entity_src_gen.pdbx_gene_src_organelle            ? 
_entity_src_gen.pdbx_gene_src_cell                 ? 
_entity_src_gen.pdbx_gene_src_cellular_location    ? 
_entity_src_gen.host_org_common_name               ? 
_entity_src_gen.pdbx_host_org_scientific_name      'Escherichia coli' 
_entity_src_gen.pdbx_host_org_ncbi_taxonomy_id     562 
_entity_src_gen.host_org_genus                     ? 
_entity_src_gen.pdbx_host_org_gene                 ? 
_entity_src_gen.pdbx_host_org_organ                ? 
_entity_src_gen.host_org_species                   ? 
_entity_src_gen.pdbx_host_org_tissue               ? 
_entity_src_gen.pdbx_host_org_tissue_fraction      ? 
_entity_src_gen.pdbx_host_org_strain               ? 
_entity_src_gen.pdbx_host_org_variant              ? 
_entity_src_gen.pdbx_host_org_cell_line            ? 
_entity_src_gen.pdbx_host_org_atcc                 ? 
_entity_src_gen.pdbx_host_org_culture_collection   ? 
_entity_src_gen.pdbx_host_org_cell                 ? 
_entity_src_gen.pdbx_host_org_organelle            ? 
_entity_src_gen.pdbx_host_org_cellular_location    ? 
_entity_src_gen.pdbx_host_org_vector_type          ? 
_entity_src_gen.pdbx_host_org_vector               ? 
_entity_src_gen.host_org_details                   ? 
_entity_src_gen.expression_system_id               ? 
_entity_src_gen.plasmid_name                       ? 
_entity_src_gen.plasmid_details                    ? 
_entity_src_gen.pdbx_description                   ? 
# 
loop_
_chem_comp.id 
_chem_comp.type 
_chem_comp.mon_nstd_flag 
_chem_comp.name 
_chem_comp.pdbx_synonyms 
_chem_comp.formula 
_chem_comp.formula_weight 
A1D64 'L-peptide linking' n '(2~{R})-3-(4-aminophenyl)sulfanyl-2-azanyl-propanoic acid' 'S-(4-aminophenyl)cysteine' 
'C9 H12 N2 O2 S' 212.269 
ALA   'L-peptide linking' y ALANINE                                                     ?                           'C3 H7 N O2' 
89.093  
ARG   'L-peptide linking' y ARGININE                                                    ?                           
'C6 H15 N4 O2 1' 175.209 
ASN   'L-peptide linking' y ASPARAGINE                                                  ?                           'C4 H8 N2 O3' 
132.118 
ASP   'L-peptide linking' y 'ASPARTIC ACID'                                             ?                           'C4 H7 N O4' 
133.103 
EDO   non-polymer         . 1,2-ETHANEDIOL                                              'ETHYLENE GLYCOL'           'C2 H6 O2' 
62.068  
GLN   'L-peptide linking' y GLUTAMINE                                                   ?                           'C5 H10 N2 O3' 
146.144 
GLU   'L-peptide linking' y 'GLUTAMIC ACID'                                             ?                           'C5 H9 N O4' 
147.129 
GLY   'peptide linking'   y GLYCINE                                                     ?                           'C2 H5 N O2' 
75.067  
HIS   'L-peptide linking' y HISTIDINE                                                   ?                           
'C6 H10 N3 O2 1' 156.162 
ILE   'L-peptide linking' y ISOLEUCINE                                                  ?                           'C6 H13 N O2' 
131.173 
LEU   'L-peptide linking' y LEUCINE                                                     ?                           'C6 H13 N O2' 
131.173 
LYS   'L-peptide linking' y LYSINE                                                      ?                           
'C6 H15 N2 O2 1' 147.195 
MET   'L-peptide linking' y METHIONINE                                                  ?                           
'C5 H11 N O2 S'  149.211 
PHE   'L-peptide linking' y PHENYLALANINE                                               ?                           'C9 H11 N O2' 
165.189 
PRO   'L-peptide linking' y PROLINE                                                     ?                           'C5 H9 N O2' 
115.130 
SER   'L-peptide linking' y SERINE                                                      ?                           'C3 H7 N O3' 
105.093 
THR   'L-peptide linking' y THREONINE                                                   ?                           'C4 H9 N O3' 
119.119 
TRP   'L-peptide linking' y TRYPTOPHAN                                                  ?                           
'C11 H12 N2 O2'  204.225 
TYR   'L-peptide linking' y TYROSINE                                                    ?                           'C9 H11 N O3' 
181.189 
VAL   'L-peptide linking' y VALINE                                                      ?                           'C5 H11 N O2' 
117.146 
# 
loop_
_pdbx_poly_seq_scheme.asym_id 
_pdbx_poly_seq_scheme.entity_id 
_pdbx_poly_seq_scheme.seq_id 
_pdbx_poly_seq_scheme.mon_id 
_pdbx_poly_seq_scheme.ndb_seq_num 
_pdbx_poly_seq_scheme.pdb_seq_num 
_pdbx_poly_seq_scheme.auth_seq_num 
_pdbx_poly_seq_scheme.pdb_mon_id 
_pdbx_poly_seq_scheme.auth_mon_id 
_pdbx_poly_seq_scheme.pdb_strand_id 
_pdbx_poly_seq_scheme.pdb_ins_code 
_pdbx_poly_seq_scheme.hetero 
A 1 1   GLY   1   1   ?   ?     ?   A . n 
A 1 2   ALA   2   2   ?   ?     ?   A . n 
A 1 3   GLU   3   3   ?   ?     ?   A . n 
A 1 4   ILE   4   4   4   ILE   ILE A . n 
A 1 5   PRO   5   5   5   PRO   PRO A . n 
A 1 6   LYS   6   6   6   LYS   LYS A . n 
A 1 7   GLU   7   7   7   GLU   GLU A . n 
A 1 8   ARG   8   8   8   ARG   ARG A . n 
A 1 9   LEU   9   9   9   LEU   LEU A . n 
A 1 10  ARG   10  10  10  ARG   ARG A . n 
A 1 11  ALA   11  11  11  ALA   ALA A . n 
A 1 12  GLN   12  12  12  GLN   GLN A . n 
A 1 13  THR   13  13  13  THR   THR A . n 
A 1 14  ASN   14  14  14  ASN   ASN A . n 
A 1 15  A1D64 15  15  15  A1D64 LIG A . n 
A 1 16  ILE   16  16  16  ILE   ILE A . n 
A 1 17  LEU   17  17  17  LEU   LEU A . n 
A 1 18  LEU   18  18  18  LEU   LEU A . n 
A 1 19  ASN   19  19  19  ASN   ASN A . n 
A 1 20  VAL   20  20  20  VAL   VAL A . n 
A 1 21  LEU   21  21  21  LEU   LEU A . n 
A 1 22  LYS   22  22  22  LYS   LYS A . n 
A 1 23  GLN   23  23  23  GLN   GLN A . n 
A 1 24  GLY   24  24  24  GLY   GLY A . n 
A 1 25  ASP   25  25  25  ASP   ASP A . n 
A 1 26  ASN   26  26  26  ASN   ASN A . n 
A 1 27  TYR   27  27  27  TYR   TYR A . n 
A 1 28  VAL   28  28  28  VAL   VAL A . n 
A 1 29  TYR   29  29  29  TYR   TYR A . n 
A 1 30  GLY   30  30  30  GLY   GLY A . n 
A 1 31  ILE   31  31  31  ILE   ILE A . n 
A 1 32  ILE   32  32  32  ILE   ILE A . n 
A 1 33  LYS   33  33  33  LYS   LYS A . n 
A 1 34  GLN   34  34  34  GLN   GLN A . n 
A 1 35  VAL   35  35  35  VAL   VAL A . n 
A 1 36  LYS   36  36  36  LYS   LYS A . n 
A 1 37  GLU   37  37  37  GLU   GLU A . n 
A 1 38  ALA   38  38  38  ALA   ALA A . n 
A 1 39  SER   39  39  39  SER   SER A . n 
A 1 40  ASN   40  40  40  ASN   ASN A . n 
A 1 41  GLY   41  41  41  GLY   GLY A . n 
A 1 42  GLU   42  42  42  GLU   GLU A . n 
A 1 43  MET   43  43  43  MET   MET A . n 
A 1 44  GLU   44  44  44  GLU   GLU A . n 
A 1 45  LEU   45  45  45  LEU   LEU A . n 
A 1 46  ASN   46  46  46  ASN   ASN A . n 
A 1 47  GLU   47  47  47  GLU   GLU A . n 
A 1 48  ALA   48  48  48  ALA   ALA A . n 
A 1 49  THR   49  49  49  THR   THR A . n 
A 1 50  LEU   50  50  50  LEU   LEU A . n 
A 1 51  TYR   51  51  51  TYR   TYR A . n 
A 1 52  THR   52  52  52  THR   THR A . n 
A 1 53  ILE   53  53  53  ILE   ILE A . n 
A 1 54  PHE   54  54  54  PHE   PHE A . n 
A 1 55  ASP   55  55  55  ASP   ASP A . n 
A 1 56  ARG   56  56  56  ARG   ARG A . n 
A 1 57  LEU   57  57  57  LEU   LEU A . n 
A 1 58  GLU   58  58  58  GLU   GLU A . n 
A 1 59  GLN   59  59  59  GLN   GLN A . n 
A 1 60  ASP   60  60  60  ASP   ASP A . n 
A 1 61  GLY   61  61  61  GLY   GLY A . n 
A 1 62  ILE   62  62  62  ILE   ILE A . n 
A 1 63  ILE   63  63  63  ILE   ILE A . n 
A 1 64  SER   64  64  64  SER   SER A . n 
A 1 65  SER   65  65  65  SER   SER A . n 
A 1 66  TYR   66  66  66  TYR   TYR A . n 
A 1 67  TRP   67  67  67  TRP   TRP A . n 
A 1 68  GLY   68  68  68  GLY   GLY A . n 
A 1 69  ASP   69  69  69  ASP   ASP A . n 
A 1 70  GLU   70  70  70  GLU   GLU A . n 
A 1 71  SER   71  71  71  SER   SER A . n 
A 1 72  GLN   72  72  72  GLN   GLN A . n 
A 1 73  GLY   73  73  73  GLY   GLY A . n 
A 1 74  GLY   74  74  74  GLY   GLY A . n 
A 1 75  ARG   75  75  75  ARG   ARG A . n 
A 1 76  ARG   76  76  76  ARG   ARG A . n 
A 1 77  LYS   77  77  77  LYS   LYS A . n 
A 1 78  TYR   78  78  78  TYR   TYR A . n 
A 1 79  TYR   79  79  79  TYR   TYR A . n 
A 1 80  ARG   80  80  80  ARG   ARG A . n 
A 1 81  LEU   81  81  81  LEU   LEU A . n 
A 1 82  THR   82  82  82  THR   THR A . n 
A 1 83  GLU   83  83  83  GLU   GLU A . n 
A 1 84  ILE   84  84  84  ILE   ILE A . n 
A 1 85  GLY   85  85  85  GLY   GLY A . n 
A 1 86  HIS   86  86  86  HIS   HIS A . n 
A 1 87  GLU   87  87  87  GLU   GLU A . n 
A 1 88  ASN   88  88  88  ASN   ASN A . n 
A 1 89  MET   89  89  89  MET   MET A . n 
A 1 90  ARG   90  90  90  ARG   ARG A . n 
A 1 91  LEU   91  91  91  LEU   LEU A . n 
A 1 92  ASP   92  92  92  ASP   ASP A . n 
A 1 93  ILE   93  93  93  ILE   ILE A . n 
A 1 94  GLU   94  94  94  GLU   GLU A . n 
A 1 95  SER   95  95  95  SER   SER A . n 
A 1 96  TRP   96  96  96  TRP   TRP A . n 
A 1 97  SER   97  97  97  SER   SER A . n 
A 1 98  ARG   98  98  98  ARG   ARG A . n 
A 1 99  VAL   99  99  99  VAL   VAL A . n 
A 1 100 ASP   100 100 100 ASP   ASP A . n 
A 1 101 LYS   101 101 101 LYS   LYS A . n 
A 1 102 ILE   102 102 102 ILE   ILE A . n 
A 1 103 ILE   103 103 103 ILE   ILE A . n 
A 1 104 GLU   104 104 104 GLU   GLU A . n 
A 1 105 ASN   105 105 105 ASN   ASN A . n 
A 1 106 LEU   106 106 106 LEU   LEU A . n 
A 1 107 GLU   107 107 107 GLU   GLU A . n 
A 1 108 ALA   108 108 108 ALA   ALA A . n 
A 1 109 ASN   109 109 109 ASN   ASN A . n 
A 1 110 LYS   110 110 110 LYS   LYS A . n 
A 1 111 LYS   111 111 111 LYS   LYS A . n 
A 1 112 SER   112 112 112 SER   SER A . n 
A 1 113 GLU   113 113 113 GLU   GLU A . n 
A 1 114 ALA   114 114 ?   ?     ?   A . n 
A 1 115 ILE   115 115 ?   ?     ?   A . n 
A 1 116 LYS   116 116 ?   ?     ?   A . n 
A 1 117 SER   117 117 ?   ?     ?   A . n 
A 1 118 ARG   118 118 ?   ?     ?   A . n 
A 1 119 GLY   119 119 ?   ?     ?   A . n 
A 1 120 GLY   120 120 ?   ?     ?   A . n 
A 1 121 SER   121 121 ?   ?     ?   A . n 
A 1 122 GLY   122 122 ?   ?     ?   A . n 
A 1 123 GLY   123 123 ?   ?     ?   A . n 
# 
_pdbx_nonpoly_scheme.asym_id         B 
_pdbx_nonpoly_scheme.entity_id       2 
_pdbx_nonpoly_scheme.mon_id          EDO 
_pdbx_nonpoly_scheme.ndb_seq_num     1 
_pdbx_nonpoly_scheme.pdb_seq_num     201 
_pdbx_nonpoly_scheme.auth_seq_num    1 
_pdbx_nonpoly_scheme.pdb_mon_id      EDO 
_pdbx_nonpoly_scheme.auth_mon_id     EDO 
_pdbx_nonpoly_scheme.pdb_strand_id   A 
_pdbx_nonpoly_scheme.pdb_ins_code    . 
# 
loop_
_software.citation_id 
_software.classification 
_software.compiler_name 
_software.compiler_version 
_software.contact_author 
_software.contact_author_email 
_software.date 
_software.description 
_software.dependencies 
_software.hardware 
_software.language 
_software.location 
_software.mods 
_software.name 
_software.os 
_software.os_version 
_software.type 
_software.version 
_software.pdbx_ordinal 
? refinement       ? ? ? ? ? ? ? ? ? ? ? REFMAC   ? ? ? 5.8.0267 1 
? 'data reduction' ? ? ? ? ? ? ? ? ? ? ? HKL-3000 ? ? ? .        2 
? 'data scaling'   ? ? ? ? ? ? ? ? ? ? ? HKL-3000 ? ? ? .        3 
? phasing          ? ? ? ? ? ? ? ? ? ? ? PHASER   ? ? ? .        4 
# 
_cell.angle_alpha                  90.00 
_cell.angle_alpha_esd              ? 
_cell.angle_beta                   90.00 
_cell.angle_beta_esd               ? 
_cell.angle_gamma                  120.00 
_cell.angle_gamma_esd              ? 
_cell.entry_id                     9IIJ 
_cell.details                      ? 
_cell.formula_units_Z              ? 
_cell.length_a                     70.620 
_cell.length_a_esd                 ? 
_cell.length_b                     70.620 
_cell.length_b_esd                 ? 
_cell.length_c                     61.330 
_cell.length_c_esd                 ? 
_cell.volume                       ? 
_cell.volume_esd                   ? 
_cell.Z_PDB                        6 
_cell.reciprocal_angle_alpha       ? 
_cell.reciprocal_angle_beta        ? 
_cell.reciprocal_angle_gamma       ? 
_cell.reciprocal_angle_alpha_esd   ? 
_cell.reciprocal_angle_beta_esd    ? 
_cell.reciprocal_angle_gamma_esd   ? 
_cell.reciprocal_length_a          ? 
_cell.reciprocal_length_b          ? 
_cell.reciprocal_length_c          ? 
_cell.reciprocal_length_a_esd      ? 
_cell.reciprocal_length_b_esd      ? 
_cell.reciprocal_length_c_esd      ? 
_cell.pdbx_unique_axis             ? 
_cell.pdbx_esd_method              ? 
# 
_symmetry.entry_id                         9IIJ 
_symmetry.cell_setting                     ? 
_symmetry.Int_Tables_number                153 
_symmetry.space_group_name_Hall            ? 
_symmetry.space_group_name_H-M             'P 32 1 2' 
_symmetry.pdbx_full_space_group_name_H-M   ? 
# 
_exptl.absorpt_coefficient_mu     ? 
_exptl.absorpt_correction_T_max   ? 
_exptl.absorpt_correction_T_min   ? 
_exptl.absorpt_correction_type    ? 
_exptl.absorpt_process_details    ? 
_exptl.entry_id                   9IIJ 
_exptl.crystals_number            1 
_exptl.details                    ? 
_exptl.method                     'X-RAY DIFFRACTION' 
_exptl.method_details             ? 
# 
_exptl_crystal.colour                       ? 
_exptl_crystal.density_diffrn               ? 
_exptl_crystal.density_Matthews             2.92 
_exptl_crystal.density_method               ? 
_exptl_crystal.density_percent_sol          57.81 
_exptl_crystal.description                  ? 
_exptl_crystal.F_000                        ? 
_exptl_crystal.id                           1 
_exptl_crystal.preparation                  ? 
_exptl_crystal.size_max                     ? 
_exptl_crystal.size_mid                     ? 
_exptl_crystal.size_min                     ? 
_exptl_crystal.size_rad                     ? 
_exptl_crystal.colour_lustre                ? 
_exptl_crystal.colour_modifier              ? 
_exptl_crystal.colour_primary               ? 
_exptl_crystal.density_meas                 ? 
_exptl_crystal.density_meas_esd             ? 
_exptl_crystal.density_meas_gt              ? 
_exptl_crystal.density_meas_lt              ? 
_exptl_crystal.density_meas_temp            ? 
_exptl_crystal.density_meas_temp_esd        ? 
_exptl_crystal.density_meas_temp_gt         ? 
_exptl_crystal.density_meas_temp_lt         ? 
_exptl_crystal.pdbx_crystal_image_url       ? 
_exptl_crystal.pdbx_crystal_image_format    ? 
_exptl_crystal.pdbx_mosaicity               ? 
_exptl_crystal.pdbx_mosaicity_esd           ? 
_exptl_crystal.pdbx_mosaic_method           ? 
_exptl_crystal.pdbx_mosaic_block_size       ? 
_exptl_crystal.pdbx_mosaic_block_size_esd   ? 
# 
_exptl_crystal_grow.apparatus       ? 
_exptl_crystal_grow.atmosphere      ? 
_exptl_crystal_grow.crystal_id      1 
_exptl_crystal_grow.details         ? 
_exptl_crystal_grow.method          'VAPOR DIFFUSION, SITTING DROP' 
_exptl_crystal_grow.method_ref      ? 
_exptl_crystal_grow.pH              7.0 
_exptl_crystal_grow.pressure        ? 
_exptl_crystal_grow.pressure_esd    ? 
_exptl_crystal_grow.seeding         ? 
_exptl_crystal_grow.seeding_ref     ? 
_exptl_crystal_grow.temp_details    ? 
_exptl_crystal_grow.temp_esd        ? 
_exptl_crystal_grow.time            ? 
_exptl_crystal_grow.pdbx_details    'PEGRX2 containing 1.8M Ammonium sulfate, 0.1M Bis-Tris, pH 6.5 and 2% (v/v) PEG 550' 
_exptl_crystal_grow.pdbx_pH_range   ? 
_exptl_crystal_grow.temp            293.15 
# 
_diffrn.ambient_environment              ? 
_diffrn.ambient_temp                     100 
_diffrn.ambient_temp_details             ? 
_diffrn.ambient_temp_esd                 ? 
_diffrn.crystal_id                       1 
_diffrn.crystal_support                  ? 
_diffrn.crystal_treatment                ? 
_diffrn.details                          ? 
_diffrn.id                               1 
_diffrn.ambient_pressure                 ? 
_diffrn.ambient_pressure_esd             ? 
_diffrn.ambient_pressure_gt              ? 
_diffrn.ambient_pressure_lt              ? 
_diffrn.ambient_temp_gt                  ? 
_diffrn.ambient_temp_lt                  ? 
_diffrn.pdbx_serial_crystal_experiment   N 
# 
_diffrn_detector.details                      multilayer 
_diffrn_detector.detector                     PIXEL 
_diffrn_detector.diffrn_id                    1 
_diffrn_detector.type                         'Bruker PHOTON II' 
_diffrn_detector.area_resol_mean              ? 
_diffrn_detector.dtime                        ? 
_diffrn_detector.pdbx_frames_total            ? 
_diffrn_detector.pdbx_collection_time_total   ? 
_diffrn_detector.pdbx_collection_date         2024-01-12 
_diffrn_detector.pdbx_frequency               ? 
_diffrn_detector.id                           ? 
_diffrn_detector.number_of_axes               ? 
# 
_diffrn_radiation.collimation                      ? 
_diffrn_radiation.diffrn_id                        1 
_diffrn_radiation.filter_edge                      ? 
_diffrn_radiation.inhomogeneity                    ? 
_diffrn_radiation.monochromator                    ? 
_diffrn_radiation.polarisn_norm                    ? 
_diffrn_radiation.polarisn_ratio                   ? 
_diffrn_radiation.probe                            ? 
_diffrn_radiation.type                             ? 
_diffrn_radiation.xray_symbol                      ? 
_diffrn_radiation.wavelength_id                    1 
_diffrn_radiation.pdbx_monochromatic_or_laue_m_l   M 
_diffrn_radiation.pdbx_wavelength_list             ? 
_diffrn_radiation.pdbx_wavelength                  ? 
_diffrn_radiation.pdbx_diffrn_protocol             'SINGLE WAVELENGTH' 
_diffrn_radiation.pdbx_analyzer                    ? 
_diffrn_radiation.pdbx_scattering_type             x-ray 
# 
_diffrn_radiation_wavelength.id           1 
_diffrn_radiation_wavelength.wavelength   1.54178 
_diffrn_radiation_wavelength.wt           1.0 
# 
_diffrn_source.current                     ? 
_diffrn_source.details                     ? 
_diffrn_source.diffrn_id                   1 
_diffrn_source.power                       ? 
_diffrn_source.size                        ? 
_diffrn_source.source                      'SEALED TUBE' 
_diffrn_source.target                      ? 
_diffrn_source.type                        'BRUKER D8 QUEST' 
_diffrn_source.voltage                     ? 
_diffrn_source.take-off_angle              ? 
_diffrn_source.pdbx_wavelength_list        1.54178 
_diffrn_source.pdbx_wavelength             ? 
_diffrn_source.pdbx_synchrotron_beamline   ? 
_diffrn_source.pdbx_synchrotron_site       ? 
# 
_reflns.B_iso_Wilson_estimate                          ? 
_reflns.entry_id                                       9IIJ 
_reflns.data_reduction_details                         ? 
_reflns.data_reduction_method                          ? 
_reflns.d_resolution_high                              2.7 
_reflns.d_resolution_low                               43.34 
_reflns.details                                        ? 
_reflns.limit_h_max                                    ? 
_reflns.limit_h_min                                    ? 
_reflns.limit_k_max                                    ? 
_reflns.limit_k_min                                    ? 
_reflns.limit_l_max                                    ? 
_reflns.limit_l_min                                    ? 
_reflns.number_all                                     ? 
_reflns.number_obs                                     4944 
_reflns.observed_criterion                             ? 
_reflns.observed_criterion_F_max                       ? 
_reflns.observed_criterion_F_min                       ? 
_reflns.observed_criterion_I_max                       ? 
_reflns.observed_criterion_I_min                       ? 
_reflns.observed_criterion_sigma_F                     ? 
_reflns.observed_criterion_sigma_I                     ? 
_reflns.percent_possible_obs                           100.0 
_reflns.R_free_details                                 ? 
_reflns.Rmerge_F_all                                   ? 
_reflns.Rmerge_F_obs                                   ? 
_reflns.Friedel_coverage                               ? 
_reflns.number_gt                                      ? 
_reflns.threshold_expression                           ? 
_reflns.pdbx_redundancy                                8.9 
_reflns.pdbx_netI_over_av_sigmaI                       ? 
_reflns.pdbx_netI_over_sigmaI                          17.7 
_reflns.pdbx_res_netI_over_av_sigmaI_2                 ? 
_reflns.pdbx_res_netI_over_sigmaI_2                    ? 
_reflns.pdbx_chi_squared                               ? 
_reflns.pdbx_scaling_rejects                           ? 
_reflns.pdbx_d_res_high_opt                            ? 
_reflns.pdbx_d_res_low_opt                             ? 
_reflns.pdbx_d_res_opt_method                          ? 
_reflns.phase_calculation_details                      ? 
_reflns.pdbx_Rrim_I_all                                ? 
_reflns.pdbx_Rpim_I_all                                0.035 
_reflns.pdbx_d_opt                                     ? 
_reflns.pdbx_number_measured_all                       ? 
_reflns.pdbx_diffrn_id                                 1 
_reflns.pdbx_ordinal                                   1 
_reflns.pdbx_CC_half                                   0.999 
_reflns.pdbx_CC_star                                   ? 
_reflns.pdbx_R_split                                   ? 
_reflns.pdbx_Rmerge_I_obs                              0.099 
_reflns.pdbx_Rmerge_I_all                              ? 
_reflns.pdbx_Rsym_value                                ? 
_reflns.pdbx_CC_split_method                           ? 
_reflns.pdbx_aniso_diffraction_limit_axis_1_ortho[1]   ? 
_reflns.pdbx_aniso_diffraction_limit_axis_1_ortho[2]   ? 
_reflns.pdbx_aniso_diffraction_limit_axis_1_ortho[3]   ? 
_reflns.pdbx_aniso_diffraction_limit_axis_2_ortho[1]   ? 
_reflns.pdbx_aniso_diffraction_limit_axis_2_ortho[2]   ? 
_reflns.pdbx_aniso_diffraction_limit_axis_2_ortho[3]   ? 
_reflns.pdbx_aniso_diffraction_limit_axis_3_ortho[1]   ? 
_reflns.pdbx_aniso_diffraction_limit_axis_3_ortho[2]   ? 
_reflns.pdbx_aniso_diffraction_limit_axis_3_ortho[3]   ? 
_reflns.pdbx_aniso_diffraction_limit_1                 ? 
_reflns.pdbx_aniso_diffraction_limit_2                 ? 
_reflns.pdbx_aniso_diffraction_limit_3                 ? 
_reflns.pdbx_aniso_B_tensor_eigenvector_1_ortho[1]     ? 
_reflns.pdbx_aniso_B_tensor_eigenvector_1_ortho[2]     ? 
_reflns.pdbx_aniso_B_tensor_eigenvector_1_ortho[3]     ? 
_reflns.pdbx_aniso_B_tensor_eigenvector_2_ortho[1]     ? 
_reflns.pdbx_aniso_B_tensor_eigenvector_2_ortho[2]     ? 
_reflns.pdbx_aniso_B_tensor_eigenvector_2_ortho[3]     ? 
_reflns.pdbx_aniso_B_tensor_eigenvector_3_ortho[1]     ? 
_reflns.pdbx_aniso_B_tensor_eigenvector_3_ortho[2]     ? 
_reflns.pdbx_aniso_B_tensor_eigenvector_3_ortho[3]     ? 
_reflns.pdbx_aniso_B_tensor_eigenvalue_1               ? 
_reflns.pdbx_aniso_B_tensor_eigenvalue_2               ? 
_reflns.pdbx_aniso_B_tensor_eigenvalue_3               ? 
_reflns.pdbx_orthogonalization_convention              ? 
_reflns.pdbx_percent_possible_ellipsoidal              ? 
_reflns.pdbx_percent_possible_spherical                ? 
_reflns.pdbx_percent_possible_ellipsoidal_anomalous    ? 
_reflns.pdbx_percent_possible_spherical_anomalous      ? 
_reflns.pdbx_redundancy_anomalous                      ? 
_reflns.pdbx_CC_half_anomalous                         ? 
_reflns.pdbx_absDiff_over_sigma_anomalous              ? 
_reflns.pdbx_percent_possible_anomalous                ? 
_reflns.pdbx_observed_signal_threshold                 ? 
_reflns.pdbx_signal_type                               ? 
_reflns.pdbx_signal_details                            ? 
_reflns.pdbx_signal_software_id                        ? 
# 
_reflns_shell.d_res_high                                    2.70 
_reflns_shell.d_res_low                                     2.83 
_reflns_shell.meanI_over_sigI_all                           ? 
_reflns_shell.meanI_over_sigI_obs                           ? 
_reflns_shell.number_measured_all                           ? 
_reflns_shell.number_measured_obs                           ? 
_reflns_shell.number_possible                               ? 
_reflns_shell.number_unique_all                             ? 
_reflns_shell.number_unique_obs                             663 
_reflns_shell.percent_possible_obs                          ? 
_reflns_shell.Rmerge_F_all                                  ? 
_reflns_shell.Rmerge_F_obs                                  ? 
_reflns_shell.meanI_over_sigI_gt                            ? 
_reflns_shell.meanI_over_uI_all                             ? 
_reflns_shell.meanI_over_uI_gt                              ? 
_reflns_shell.number_measured_gt                            ? 
_reflns_shell.number_unique_gt                              ? 
_reflns_shell.percent_possible_gt                           ? 
_reflns_shell.Rmerge_F_gt                                   ? 
_reflns_shell.Rmerge_I_gt                                   ? 
_reflns_shell.pdbx_redundancy                               ? 
_reflns_shell.pdbx_chi_squared                              ? 
_reflns_shell.pdbx_netI_over_sigmaI_all                     ? 
_reflns_shell.pdbx_netI_over_sigmaI_obs                     ? 
_reflns_shell.pdbx_Rrim_I_all                               ? 
_reflns_shell.pdbx_Rpim_I_all                               0.411 
_reflns_shell.pdbx_rejects                                  ? 
_reflns_shell.pdbx_ordinal                                  1 
_reflns_shell.pdbx_diffrn_id                                1 
_reflns_shell.pdbx_CC_half                                  ? 
_reflns_shell.pdbx_CC_star                                  ? 
_reflns_shell.pdbx_R_split                                  ? 
_reflns_shell.percent_possible_all                          100.0 
_reflns_shell.Rmerge_I_all                                  ? 
_reflns_shell.Rmerge_I_obs                                  1.094 
_reflns_shell.pdbx_Rsym_value                               ? 
_reflns_shell.pdbx_percent_possible_ellipsoidal             ? 
_reflns_shell.pdbx_percent_possible_spherical               ? 
_reflns_shell.pdbx_percent_possible_ellipsoidal_anomalous   ? 
_reflns_shell.pdbx_percent_possible_spherical_anomalous     ? 
_reflns_shell.pdbx_redundancy_anomalous                     ? 
_reflns_shell.pdbx_CC_half_anomalous                        ? 
_reflns_shell.pdbx_absDiff_over_sigma_anomalous             ? 
_reflns_shell.pdbx_percent_possible_anomalous               ? 
# 
_refine.aniso_B[1][1]                            -1.26 
_refine.aniso_B[1][2]                            -0.63 
_refine.aniso_B[1][3]                            -0.00 
_refine.aniso_B[2][2]                            -1.26 
_refine.aniso_B[2][3]                            0.00 
_refine.aniso_B[3][3]                            4.10 
_refine.B_iso_max                                ? 
_refine.B_iso_mean                               66.893 
_refine.B_iso_min                                ? 
_refine.correlation_coeff_Fo_to_Fc               0.933 
_refine.correlation_coeff_Fo_to_Fc_free          0.879 
_refine.details                                  'HYDROGENS HAVE BEEN ADDED IN THE RIDING POSITIONS' 
_refine.diff_density_max                         ? 
_refine.diff_density_max_esd                     ? 
_refine.diff_density_min                         ? 
_refine.diff_density_min_esd                     ? 
_refine.diff_density_rms                         ? 
_refine.diff_density_rms_esd                     ? 
_refine.entry_id                                 9IIJ 
_refine.pdbx_refine_id                           'X-RAY DIFFRACTION' 
_refine.ls_abs_structure_details                 ? 
_refine.ls_abs_structure_Flack                   ? 
_refine.ls_abs_structure_Flack_esd               ? 
_refine.ls_abs_structure_Rogers                  ? 
_refine.ls_abs_structure_Rogers_esd              ? 
_refine.ls_d_res_high                            2.70 
_refine.ls_d_res_low                             43.34 
_refine.ls_extinction_coef                       ? 
_refine.ls_extinction_coef_esd                   ? 
_refine.ls_extinction_expression                 ? 
_refine.ls_extinction_method                     ? 
_refine.ls_goodness_of_fit_all                   ? 
_refine.ls_goodness_of_fit_all_esd               ? 
_refine.ls_goodness_of_fit_obs                   ? 
_refine.ls_goodness_of_fit_obs_esd               ? 
_refine.ls_hydrogen_treatment                    ? 
_refine.ls_matrix_type                           ? 
_refine.ls_number_constraints                    ? 
_refine.ls_number_parameters                     ? 
_refine.ls_number_reflns_all                     ? 
_refine.ls_number_reflns_obs                     4719 
_refine.ls_number_reflns_R_free                  208 
_refine.ls_number_reflns_R_work                  ? 
_refine.ls_number_restraints                     ? 
_refine.ls_percent_reflns_obs                    99.88 
_refine.ls_percent_reflns_R_free                 4.2 
_refine.ls_R_factor_all                          ? 
_refine.ls_R_factor_obs                          0.24390 
_refine.ls_R_factor_R_free                       0.28605 
_refine.ls_R_factor_R_free_error                 ? 
_refine.ls_R_factor_R_free_error_details         ? 
_refine.ls_R_factor_R_work                       0.24175 
_refine.ls_R_Fsqd_factor_obs                     ? 
_refine.ls_R_I_factor_obs                        ? 
_refine.ls_redundancy_reflns_all                 ? 
_refine.ls_redundancy_reflns_obs                 ? 
_refine.ls_restrained_S_all                      ? 
_refine.ls_restrained_S_obs                      ? 
_refine.ls_shift_over_esd_max                    ? 
_refine.ls_shift_over_esd_mean                   ? 
_refine.ls_structure_factor_coef                 ? 
_refine.ls_weighting_details                     ? 
_refine.ls_weighting_scheme                      ? 
_refine.ls_wR_factor_all                         ? 
_refine.ls_wR_factor_obs                         ? 
_refine.ls_wR_factor_R_free                      ? 
_refine.ls_wR_factor_R_work                      ? 
_refine.occupancy_max                            ? 
_refine.occupancy_min                            ? 
_refine.solvent_model_details                    MASK 
_refine.solvent_model_param_bsol                 ? 
_refine.solvent_model_param_ksol                 ? 
_refine.correlation_coeff_I_to_Fcsqd_work        ? 
_refine.correlation_coeff_I_to_Fcsqd_free        ? 
_refine.pdbx_R_complete                          ? 
_refine.ls_R_factor_gt                           ? 
_refine.ls_goodness_of_fit_gt                    ? 
_refine.ls_goodness_of_fit_ref                   ? 
_refine.ls_shift_over_su_max                     ? 
_refine.ls_shift_over_su_max_lt                  ? 
_refine.ls_shift_over_su_mean                    ? 
_refine.ls_shift_over_su_mean_lt                 ? 
_refine.pdbx_ls_sigma_I                          ? 
_refine.pdbx_ls_sigma_F                          ? 
_refine.pdbx_ls_sigma_Fsqd                       ? 
_refine.pdbx_data_cutoff_high_absF               ? 
_refine.pdbx_data_cutoff_high_rms_absF           ? 
_refine.pdbx_data_cutoff_low_absF                ? 
_refine.pdbx_isotropic_thermal_model             ? 
_refine.pdbx_ls_cross_valid_method               THROUGHOUT 
_refine.pdbx_method_to_determine_struct          'MOLECULAR REPLACEMENT' 
_refine.pdbx_starting_model                      ? 
_refine.pdbx_stereochemistry_target_values       'MAXIMUM LIKELIHOOD' 
_refine.pdbx_R_Free_selection_details            RANDOM 
_refine.pdbx_stereochem_target_val_spec_case     ? 
_refine.pdbx_overall_ESU_R                       0.613 
_refine.pdbx_overall_ESU_R_Free                  0.345 
_refine.pdbx_solvent_vdw_probe_radii             1.20 
_refine.pdbx_solvent_ion_probe_radii             0.80 
_refine.pdbx_solvent_shrinkage_radii             0.80 
_refine.pdbx_real_space_R                        ? 
_refine.pdbx_density_correlation                 ? 
_refine.pdbx_pd_number_of_powder_patterns        ? 
_refine.pdbx_pd_number_of_points                 ? 
_refine.pdbx_pd_meas_number_of_points            ? 
_refine.pdbx_pd_proc_ls_prof_R_factor            ? 
_refine.pdbx_pd_proc_ls_prof_wR_factor           ? 
_refine.pdbx_pd_Marquardt_correlation_coeff      ? 
_refine.pdbx_pd_Fsqrd_R_factor                   ? 
_refine.pdbx_pd_ls_matrix_band_width             ? 
_refine.pdbx_overall_phase_error                 ? 
_refine.pdbx_overall_SU_R_free_Cruickshank_DPI   ? 
_refine.pdbx_overall_SU_R_free_Blow_DPI          ? 
_refine.pdbx_overall_SU_R_Blow_DPI               ? 
_refine.pdbx_TLS_residual_ADP_flag               ? 
_refine.pdbx_diffrn_id                           1 
_refine.overall_SU_B                             18.681 
_refine.overall_SU_ML                            0.362 
_refine.overall_SU_R_Cruickshank_DPI             ? 
_refine.overall_SU_R_free                        ? 
_refine.overall_FOM_free_R_set                   ? 
_refine.overall_FOM_work_R_set                   ? 
_refine.pdbx_average_fsc_overall                 ? 
_refine.pdbx_average_fsc_work                    ? 
_refine.pdbx_average_fsc_free                    ? 
# 
_refine_hist.pdbx_refine_id                   'X-RAY DIFFRACTION' 
_refine_hist.cycle_id                         1 
_refine_hist.details                          ? 
_refine_hist.d_res_high                       2.70 
_refine_hist.d_res_low                        43.34 
_refine_hist.number_atoms_solvent             0 
_refine_hist.number_atoms_total               913 
_refine_hist.number_reflns_all                ? 
_refine_hist.number_reflns_obs                ? 
_refine_hist.number_reflns_R_free             ? 
_refine_hist.number_reflns_R_work             ? 
_refine_hist.R_factor_all                     ? 
_refine_hist.R_factor_obs                     ? 
_refine_hist.R_factor_R_free                  ? 
_refine_hist.R_factor_R_work                  ? 
_refine_hist.pdbx_number_residues_total       ? 
_refine_hist.pdbx_B_iso_mean_ligand           ? 
_refine_hist.pdbx_B_iso_mean_solvent          ? 
_refine_hist.pdbx_number_atoms_protein        909 
_refine_hist.pdbx_number_atoms_nucleic_acid   0 
_refine_hist.pdbx_number_atoms_ligand         4 
_refine_hist.pdbx_number_atoms_lipid          ? 
_refine_hist.pdbx_number_atoms_carb           ? 
_refine_hist.pdbx_pseudo_atom_details         ? 
# 
loop_
_refine_ls_restr.pdbx_refine_id 
_refine_ls_restr.criterion 
_refine_ls_restr.dev_ideal 
_refine_ls_restr.dev_ideal_target 
_refine_ls_restr.number 
_refine_ls_restr.rejects 
_refine_ls_restr.type 
_refine_ls_restr.weight 
_refine_ls_restr.pdbx_restraint_function 
'X-RAY DIFFRACTION' ? 0.005  0.019  925  ? r_bond_refined_d             ? ? 
'X-RAY DIFFRACTION' ? 0.001  0.020  888  ? r_bond_other_d               ? ? 
'X-RAY DIFFRACTION' ? 0.937  1.981  1240 ? r_angle_refined_deg          ? ? 
'X-RAY DIFFRACTION' ? 0.712  3.000  2038 ? r_angle_other_deg            ? ? 
'X-RAY DIFFRACTION' ? 4.843  5.000  107  ? r_dihedral_angle_1_deg       ? ? 
'X-RAY DIFFRACTION' ? 36.543 24.800 50   ? r_dihedral_angle_2_deg       ? ? 
'X-RAY DIFFRACTION' ? 17.148 15.000 179  ? r_dihedral_angle_3_deg       ? ? 
'X-RAY DIFFRACTION' ? 13.085 15.000 8    ? r_dihedral_angle_4_deg       ? ? 
'X-RAY DIFFRACTION' ? 0.055  0.200  131  ? r_chiral_restr               ? ? 
'X-RAY DIFFRACTION' ? 0.003  0.020  1049 ? r_gen_planes_refined         ? ? 
'X-RAY DIFFRACTION' ? 0.001  0.020  219  ? r_gen_planes_other           ? ? 
'X-RAY DIFFRACTION' ? ?      ?      ?    ? r_nbd_refined                ? ? 
'X-RAY DIFFRACTION' ? ?      ?      ?    ? r_nbd_other                  ? ? 
'X-RAY DIFFRACTION' ? ?      ?      ?    ? r_nbtor_refined              ? ? 
'X-RAY DIFFRACTION' ? ?      ?      ?    ? r_nbtor_other                ? ? 
'X-RAY DIFFRACTION' ? ?      ?      ?    ? r_xyhbond_nbd_refined        ? ? 
'X-RAY DIFFRACTION' ? ?      ?      ?    ? r_xyhbond_nbd_other          ? ? 
'X-RAY DIFFRACTION' ? ?      ?      ?    ? r_metal_ion_refined          ? ? 
'X-RAY DIFFRACTION' ? ?      ?      ?    ? r_metal_ion_other            ? ? 
'X-RAY DIFFRACTION' ? ?      ?      ?    ? r_symmetry_vdw_refined       ? ? 
'X-RAY DIFFRACTION' ? ?      ?      ?    ? r_symmetry_vdw_other         ? ? 
'X-RAY DIFFRACTION' ? ?      ?      ?    ? r_symmetry_hbond_refined     ? ? 
'X-RAY DIFFRACTION' ? ?      ?      ?    ? r_symmetry_hbond_other       ? ? 
'X-RAY DIFFRACTION' ? ?      ?      ?    ? r_symmetry_metal_ion_refined ? ? 
'X-RAY DIFFRACTION' ? ?      ?      ?    ? r_symmetry_metal_ion_other   ? ? 
'X-RAY DIFFRACTION' ? 2.636  6.617  436  ? r_mcbond_it                  ? ? 
'X-RAY DIFFRACTION' ? 2.587  6.606  435  ? r_mcbond_other               ? ? 
'X-RAY DIFFRACTION' ? 4.469  9.894  545  ? r_mcangle_it                 ? ? 
'X-RAY DIFFRACTION' ? 4.471  9.909  546  ? r_mcangle_other              ? ? 
'X-RAY DIFFRACTION' ? 2.036  6.740  489  ? r_scbond_it                  ? ? 
'X-RAY DIFFRACTION' ? 2.031  6.740  489  ? r_scbond_other               ? ? 
'X-RAY DIFFRACTION' ? ?      ?      ?    ? r_scangle_it                 ? ? 
'X-RAY DIFFRACTION' ? 3.598  9.988  696  ? r_scangle_other              ? ? 
'X-RAY DIFFRACTION' ? 5.971  74.152 1055 ? r_long_range_B_refined       ? ? 
'X-RAY DIFFRACTION' ? 5.968  74.135 1056 ? r_long_range_B_other         ? ? 
'X-RAY DIFFRACTION' ? ?      ?      ?    ? r_rigid_bond_restr           ? ? 
'X-RAY DIFFRACTION' ? ?      ?      ?    ? r_sphericity_free            ? ? 
'X-RAY DIFFRACTION' ? ?      ?      ?    ? r_sphericity_bonded          ? ? 
# 
_refine_ls_shell.pdbx_refine_id                      'X-RAY DIFFRACTION' 
_refine_ls_shell.d_res_high                          2.701 
_refine_ls_shell.d_res_low                           2.771 
_refine_ls_shell.number_reflns_all                   ? 
_refine_ls_shell.number_reflns_obs                   ? 
_refine_ls_shell.number_reflns_R_free                14 
_refine_ls_shell.number_reflns_R_work                345 
_refine_ls_shell.percent_reflns_obs                  100.00 
_refine_ls_shell.percent_reflns_R_free               ? 
_refine_ls_shell.R_factor_all                        ? 
_refine_ls_shell.R_factor_obs                        ? 
_refine_ls_shell.R_factor_R_free_error               ? 
_refine_ls_shell.R_factor_R_work                     0.343 
_refine_ls_shell.redundancy_reflns_all               ? 
_refine_ls_shell.redundancy_reflns_obs               ? 
_refine_ls_shell.wR_factor_all                       ? 
_refine_ls_shell.wR_factor_obs                       ? 
_refine_ls_shell.wR_factor_R_free                    ? 
_refine_ls_shell.wR_factor_R_work                    ? 
_refine_ls_shell.pdbx_R_complete                     ? 
_refine_ls_shell.correlation_coeff_Fo_to_Fc          ? 
_refine_ls_shell.correlation_coeff_Fo_to_Fc_free     ? 
_refine_ls_shell.correlation_coeff_I_to_Fcsqd_work   ? 
_refine_ls_shell.correlation_coeff_I_to_Fcsqd_free   ? 
_refine_ls_shell.pdbx_total_number_of_bins_used      20 
_refine_ls_shell.pdbx_phase_error                    ? 
_refine_ls_shell.pdbx_fsc_work                       ? 
_refine_ls_shell.pdbx_fsc_free                       ? 
_refine_ls_shell.R_factor_R_free                     0.744 
# 
_struct.entry_id                     9IIJ 
_struct.title                        'Engineered LmrR with V15 replaced by unnatural amino acid 4-amino-L-phenyl-cysteine' 
_struct.pdbx_model_details           ? 
_struct.pdbx_formula_weight          ? 
_struct.pdbx_formula_weight_method   ? 
_struct.pdbx_model_type_details      ? 
_struct.pdbx_CASP_flag               N 
# 
_struct_keywords.entry_id        9IIJ 
_struct_keywords.text            'LmrR, Artificial Enzymes, Unnatural Amino Acid, TRANSCRIPTION' 
_struct_keywords.pdbx_keywords   TRANSCRIPTION 
# 
loop_
_struct_asym.id 
_struct_asym.pdbx_blank_PDB_chainid_flag 
_struct_asym.pdbx_modified 
_struct_asym.entity_id 
_struct_asym.details 
A N N 1 ? 
B N N 2 ? 
# 
_struct_ref.id                         1 
_struct_ref.db_name                    UNP 
_struct_ref.db_code                    A2RI36_LACLM 
_struct_ref.pdbx_db_accession          A2RI36 
_struct_ref.pdbx_db_isoform            ? 
_struct_ref.entity_id                  1 
_struct_ref.pdbx_seq_one_letter_code   
;AEIPKEMLRAQTNVILLNVLKQGDNYVYGIIKQVKEASNGEMELNEATLYTIFKRLEKDGIISSYWGDESQGGRRKYYRL
TEIGHENMRLAFESWSRVDKIIENLEANKKSEAIK
;
_struct_ref.pdbx_align_begin           2 
# 
_struct_ref_seq.align_id                      1 
_struct_ref_seq.ref_id                        1 
_struct_ref_seq.pdbx_PDB_id_code              9IIJ 
_struct_ref_seq.pdbx_strand_id                A 
_struct_ref_seq.seq_align_beg                 2 
_struct_ref_seq.pdbx_seq_align_beg_ins_code   ? 
_struct_ref_seq.seq_align_end                 116 
_struct_ref_seq.pdbx_seq_align_end_ins_code   ? 
_struct_ref_seq.pdbx_db_accession             A2RI36 
_struct_ref_seq.db_align_beg                  2 
_struct_ref_seq.pdbx_db_align_beg_ins_code    ? 
_struct_ref_seq.db_align_end                  116 
_struct_ref_seq.pdbx_db_align_end_ins_code    ? 
_struct_ref_seq.pdbx_auth_seq_align_beg       2 
_struct_ref_seq.pdbx_auth_seq_align_end       116 
# 
loop_
_struct_ref_seq_dif.align_id 
_struct_ref_seq_dif.pdbx_pdb_id_code 
_struct_ref_seq_dif.mon_id 
_struct_ref_seq_dif.pdbx_pdb_strand_id 
_struct_ref_seq_dif.seq_num 
_struct_ref_seq_dif.pdbx_pdb_ins_code 
_struct_ref_seq_dif.pdbx_seq_db_name 
_struct_ref_seq_dif.pdbx_seq_db_accession_code 
_struct_ref_seq_dif.db_mon_id 
_struct_ref_seq_dif.pdbx_seq_db_seq_num 
_struct_ref_seq_dif.details 
_struct_ref_seq_dif.pdbx_auth_seq_num 
_struct_ref_seq_dif.pdbx_ordinal 
1 9IIJ GLY   A 1   ? UNP A2RI36 ?   ?  'expression tag'      1   1  
1 9IIJ ARG   A 8   ? UNP A2RI36 MET 8  conflict              8   2  
1 9IIJ A1D64 A 15  ? UNP A2RI36 VAL 15 'engineered mutation' 15  3  
1 9IIJ ASP   A 55  ? UNP A2RI36 LYS 55 conflict              55  4  
1 9IIJ GLN   A 59  ? UNP A2RI36 LYS 59 conflict              59  5  
1 9IIJ ASP   A 92  ? UNP A2RI36 ALA 92 conflict              92  6  
1 9IIJ ILE   A 93  ? UNP A2RI36 PHE 93 conflict              93  7  
1 9IIJ SER   A 117 ? UNP A2RI36 ?   ?  'expression tag'      117 8  
1 9IIJ ARG   A 118 ? UNP A2RI36 ?   ?  'expression tag'      118 9  
1 9IIJ GLY   A 119 ? UNP A2RI36 ?   ?  'expression tag'      119 10 
1 9IIJ GLY   A 120 ? UNP A2RI36 ?   ?  'expression tag'      120 11 
1 9IIJ SER   A 121 ? UNP A2RI36 ?   ?  'expression tag'      121 12 
1 9IIJ GLY   A 122 ? UNP A2RI36 ?   ?  'expression tag'      122 13 
1 9IIJ GLY   A 123 ? UNP A2RI36 ?   ?  'expression tag'      123 14 
# 
_pdbx_struct_assembly.id                   1 
_pdbx_struct_assembly.details              author_and_software_defined_assembly 
_pdbx_struct_assembly.method_details       PISA 
_pdbx_struct_assembly.oligomeric_details   dimeric 
_pdbx_struct_assembly.oligomeric_count     2 
# 
loop_
_pdbx_struct_assembly_prop.biol_id 
_pdbx_struct_assembly_prop.type 
_pdbx_struct_assembly_prop.value 
_pdbx_struct_assembly_prop.details 
1 'ABSA (A^2)' 3300  ? 
1 MORE         -5    ? 
1 'SSA (A^2)'  13380 ? 
# 
_pdbx_struct_assembly_gen.assembly_id       1 
_pdbx_struct_assembly_gen.oper_expression   1,2 
_pdbx_struct_assembly_gen.asym_id_list      A,B 
# 
_pdbx_struct_assembly_auth_evidence.id                     1 
_pdbx_struct_assembly_auth_evidence.assembly_id            1 
_pdbx_struct_assembly_auth_evidence.experimental_support   'gel filtration' 
_pdbx_struct_assembly_auth_evidence.details                ? 
# 
loop_
_pdbx_struct_oper_list.id 
_pdbx_struct_oper_list.type 
_pdbx_struct_oper_list.name 
_pdbx_struct_oper_list.symmetry_operation 
_pdbx_struct_oper_list.matrix[1][1] 
_pdbx_struct_oper_list.matrix[1][2] 
_pdbx_struct_oper_list.matrix[1][3] 
_pdbx_struct_oper_list.vector[1] 
_pdbx_struct_oper_list.matrix[2][1] 
_pdbx_struct_oper_list.matrix[2][2] 
_pdbx_struct_oper_list.matrix[2][3] 
_pdbx_struct_oper_list.vector[2] 
_pdbx_struct_oper_list.matrix[3][1] 
_pdbx_struct_oper_list.matrix[3][2] 
_pdbx_struct_oper_list.matrix[3][3] 
_pdbx_struct_oper_list.vector[3] 
1 'identity operation'         1_555 x,y,z      1.0000000000  0.0000000000  0.0000000000 0.0000000000   0.0000000000  1.0000000000  0.0000000000  0.0000000000 0.0000000000 0.0000000000  1.0000000000 0.0000000000  
2 'crystal symmetry operation' 6_565 x,x-y+1,-z -0.3442383232 -0.1006933732 0.9334670971 -18.5505032160 -0.1006933732 -0.9845383532 -0.1433355350 4.4399193956 0.9334670971 -0.1433355350 0.3287766765 13.5106846231 
# 
loop_
_struct_conf.conf_type_id 
_struct_conf.id 
_struct_conf.pdbx_PDB_helix_id 
_struct_conf.beg_label_comp_id 
_struct_conf.beg_label_asym_id 
_struct_conf.beg_label_seq_id 
_struct_conf.pdbx_beg_PDB_ins_code 
_struct_conf.end_label_comp_id 
_struct_conf.end_label_asym_id 
_struct_conf.end_label_seq_id 
_struct_conf.pdbx_end_PDB_ins_code 
_struct_conf.beg_auth_comp_id 
_struct_conf.beg_auth_asym_id 
_struct_conf.beg_auth_seq_id 
_struct_conf.end_auth_comp_id 
_struct_conf.end_auth_asym_id 
_struct_conf.end_auth_seq_id 
_struct_conf.pdbx_PDB_helix_class 
_struct_conf.details 
_struct_conf.pdbx_PDB_helix_length 
HELX_P HELX_P1 AA1 ILE A 4  ? GLN A 23  ? ILE A 4  GLN A 23  1 ? 20 
HELX_P HELX_P2 AA2 TYR A 27 ? SER A 39  ? TYR A 27 SER A 39  1 ? 13 
HELX_P HELX_P3 AA3 ASN A 46 ? ASP A 60  ? ASN A 46 ASP A 60  1 ? 15 
HELX_P HELX_P4 AA4 THR A 82 ? GLU A 113 ? THR A 82 GLU A 113 1 ? 32 
# 
_struct_conf_type.id          HELX_P 
_struct_conf_type.criteria    ? 
_struct_conf_type.reference   ? 
# 
loop_
_struct_conn.id 
_struct_conn.conn_type_id 
_struct_conn.pdbx_leaving_atom_flag 
_struct_conn.pdbx_PDB_id 
_struct_conn.ptnr1_label_asym_id 
_struct_conn.ptnr1_label_comp_id 
_struct_conn.ptnr1_label_seq_id 
_struct_conn.ptnr1_label_atom_id 
_struct_conn.pdbx_ptnr1_label_alt_id 
_struct_conn.pdbx_ptnr1_PDB_ins_code 
_struct_conn.pdbx_ptnr1_standard_comp_id 
_struct_conn.ptnr1_symmetry 
_struct_conn.ptnr2_label_asym_id 
_struct_conn.ptnr2_label_comp_id 
_struct_conn.ptnr2_label_seq_id 
_struct_conn.ptnr2_label_atom_id 
_struct_conn.pdbx_ptnr2_label_alt_id 
_struct_conn.pdbx_ptnr2_PDB_ins_code 
_struct_conn.ptnr1_auth_asym_id 
_struct_conn.ptnr1_auth_comp_id 
_struct_conn.ptnr1_auth_seq_id 
_struct_conn.ptnr2_auth_asym_id 
_struct_conn.ptnr2_auth_comp_id 
_struct_conn.ptnr2_auth_seq_id 
_struct_conn.ptnr2_symmetry 
_struct_conn.pdbx_ptnr3_label_atom_id 
_struct_conn.pdbx_ptnr3_label_seq_id 
_struct_conn.pdbx_ptnr3_label_comp_id 
_struct_conn.pdbx_ptnr3_label_asym_id 
_struct_conn.pdbx_ptnr3_label_alt_id 
_struct_conn.pdbx_ptnr3_PDB_ins_code 
_struct_conn.details 
_struct_conn.pdbx_dist_value 
_struct_conn.pdbx_value_order 
_struct_conn.pdbx_role 
covale1 covale both ? A ASN   14 C ? ? ? 1_555 A A1D64 15 N ? ? A ASN   14 A A1D64 15 1_555 ? ? ? ? ? ? ? 1.320 ? ? 
covale2 covale both ? A A1D64 15 C ? ? ? 1_555 A ILE   16 N ? ? A A1D64 15 A ILE   16 1_555 ? ? ? ? ? ? ? 1.341 ? ? 
# 
_struct_conn_type.id          covale 
_struct_conn_type.criteria    ? 
_struct_conn_type.reference   ? 
# 
_pdbx_modification_feature.ordinal                            1 
_pdbx_modification_feature.label_comp_id                      A1D64 
_pdbx_modification_feature.label_asym_id                      A 
_pdbx_modification_feature.label_seq_id                       15 
_pdbx_modification_feature.label_alt_id                       ? 
_pdbx_modification_feature.modified_residue_label_comp_id     . 
_pdbx_modification_feature.modified_residue_label_asym_id     . 
_pdbx_modification_feature.modified_residue_label_seq_id      . 
_pdbx_modification_feature.modified_residue_label_alt_id      . 
_pdbx_modification_feature.auth_comp_id                       A1D64 
_pdbx_modification_feature.auth_asym_id                       A 
_pdbx_modification_feature.auth_seq_id                        15 
_pdbx_modification_feature.PDB_ins_code                       ? 
_pdbx_modification_feature.symmetry                           1_555 
_pdbx_modification_feature.modified_residue_auth_comp_id      . 
_pdbx_modification_feature.modified_residue_auth_asym_id      . 
_pdbx_modification_feature.modified_residue_auth_seq_id       . 
_pdbx_modification_feature.modified_residue_PDB_ins_code      . 
_pdbx_modification_feature.modified_residue_symmetry          . 
_pdbx_modification_feature.comp_id_linking_atom               . 
_pdbx_modification_feature.modified_residue_id_linking_atom   . 
_pdbx_modification_feature.modified_residue_id                CYS 
_pdbx_modification_feature.ref_pcm_id                         1 
_pdbx_modification_feature.ref_comp_id                        A1D64 
_pdbx_modification_feature.type                               None 
_pdbx_modification_feature.category                           'Non-standard residue' 
# 
_struct_sheet.id               AA1 
_struct_sheet.type             ? 
_struct_sheet.number_strands   2 
_struct_sheet.details          ? 
# 
_struct_sheet_order.sheet_id     AA1 
_struct_sheet_order.range_id_1   1 
_struct_sheet_order.range_id_2   2 
_struct_sheet_order.offset       ? 
_struct_sheet_order.sense        anti-parallel 
# 
loop_
_struct_sheet_range.sheet_id 
_struct_sheet_range.id 
_struct_sheet_range.beg_label_comp_id 
_struct_sheet_range.beg_label_asym_id 
_struct_sheet_range.beg_label_seq_id 
_struct_sheet_range.pdbx_beg_PDB_ins_code 
_struct_sheet_range.end_label_comp_id 
_struct_sheet_range.end_label_asym_id 
_struct_sheet_range.end_label_seq_id 
_struct_sheet_range.pdbx_end_PDB_ins_code 
_struct_sheet_range.beg_auth_comp_id 
_struct_sheet_range.beg_auth_asym_id 
_struct_sheet_range.beg_auth_seq_id 
_struct_sheet_range.end_auth_comp_id 
_struct_sheet_range.end_auth_asym_id 
_struct_sheet_range.end_auth_seq_id 
AA1 1 ILE A 63 ? TRP A 67 ? ILE A 63 TRP A 67 
AA1 2 LYS A 77 ? LEU A 81 ? LYS A 77 LEU A 81 
# 
_pdbx_struct_sheet_hbond.sheet_id                AA1 
_pdbx_struct_sheet_hbond.range_id_1              1 
_pdbx_struct_sheet_hbond.range_id_2              2 
_pdbx_struct_sheet_hbond.range_1_label_atom_id   N 
_pdbx_struct_sheet_hbond.range_1_label_comp_id   SER 
_pdbx_struct_sheet_hbond.range_1_label_asym_id   A 
_pdbx_struct_sheet_hbond.range_1_label_seq_id    64 
_pdbx_struct_sheet_hbond.range_1_PDB_ins_code    ? 
_pdbx_struct_sheet_hbond.range_1_auth_atom_id    N 
_pdbx_struct_sheet_hbond.range_1_auth_comp_id    SER 
_pdbx_struct_sheet_hbond.range_1_auth_asym_id    A 
_pdbx_struct_sheet_hbond.range_1_auth_seq_id     64 
_pdbx_struct_sheet_hbond.range_2_label_atom_id   O 
_pdbx_struct_sheet_hbond.range_2_label_comp_id   ARG 
_pdbx_struct_sheet_hbond.range_2_label_asym_id   A 
_pdbx_struct_sheet_hbond.range_2_label_seq_id    80 
_pdbx_struct_sheet_hbond.range_2_PDB_ins_code    ? 
_pdbx_struct_sheet_hbond.range_2_auth_atom_id    O 
_pdbx_struct_sheet_hbond.range_2_auth_comp_id    ARG 
_pdbx_struct_sheet_hbond.range_2_auth_asym_id    A 
_pdbx_struct_sheet_hbond.range_2_auth_seq_id     80 
# 
_pdbx_entry_details.entry_id                   9IIJ 
_pdbx_entry_details.nonpolymer_details         ? 
_pdbx_entry_details.sequence_details           ? 
_pdbx_entry_details.compound_details           ? 
_pdbx_entry_details.source_details             ? 
_pdbx_entry_details.has_ligand_of_interest     N 
_pdbx_entry_details.has_protein_modification   Y 
# 
loop_
_pdbx_unobs_or_zero_occ_residues.id 
_pdbx_unobs_or_zero_occ_residues.PDB_model_num 
_pdbx_unobs_or_zero_occ_residues.polymer_flag 
_pdbx_unobs_or_zero_occ_residues.occupancy_flag 
_pdbx_unobs_or_zero_occ_residues.auth_asym_id 
_pdbx_unobs_or_zero_occ_residues.auth_comp_id 
_pdbx_unobs_or_zero_occ_residues.auth_seq_id 
_pdbx_unobs_or_zero_occ_residues.PDB_ins_code 
_pdbx_unobs_or_zero_occ_residues.label_asym_id 
_pdbx_unobs_or_zero_occ_residues.label_comp_id 
_pdbx_unobs_or_zero_occ_residues.label_seq_id 
1  1 Y 1 A GLY 1   ? A GLY 1   
2  1 Y 1 A ALA 2   ? A ALA 2   
3  1 Y 1 A GLU 3   ? A GLU 3   
4  1 Y 1 A ALA 114 ? A ALA 114 
5  1 Y 1 A ILE 115 ? A ILE 115 
6  1 Y 1 A LYS 116 ? A LYS 116 
7  1 Y 1 A SER 117 ? A SER 117 
8  1 Y 1 A ARG 118 ? A ARG 118 
9  1 Y 1 A GLY 119 ? A GLY 119 
10 1 Y 1 A GLY 120 ? A GLY 120 
11 1 Y 1 A SER 121 ? A SER 121 
12 1 Y 1 A GLY 122 ? A GLY 122 
13 1 Y 1 A GLY 123 ? A GLY 123 
# 
loop_
_chem_comp_atom.comp_id 
_chem_comp_atom.atom_id 
_chem_comp_atom.type_symbol 
_chem_comp_atom.pdbx_aromatic_flag 
_chem_comp_atom.pdbx_stereo_config 
_chem_comp_atom.pdbx_ordinal 
A1D64 N1   N N N 1   
A1D64 C4   C Y N 2   
A1D64 C5   C Y N 3   
A1D64 C6   C Y N 4   
A1D64 C7   C Y N 5   
A1D64 C8   C Y N 6   
A1D64 C    C N N 7   
A1D64 O    O N N 8   
A1D64 CA   C N R 9   
A1D64 N    N N N 10  
A1D64 CB   C N N 11  
A1D64 SG   S N N 12  
A1D64 C3   C Y N 13  
A1D64 H1   H N N 14  
A1D64 H7   H N N 15  
A1D64 H3   H N N 16  
A1D64 H4   H N N 17  
A1D64 H5   H N N 18  
A1D64 H6   H N N 19  
A1D64 HA   H N N 20  
A1D64 H2   H N N 21  
A1D64 H    H N N 22  
A1D64 HB2  H N N 23  
A1D64 HB3  H N N 24  
A1D64 OXT  O N N 25  
A1D64 HXT  H N N 26  
ALA   N    N N N 27  
ALA   CA   C N S 28  
ALA   C    C N N 29  
ALA   O    O N N 30  
ALA   CB   C N N 31  
ALA   OXT  O N N 32  
ALA   H    H N N 33  
ALA   H2   H N N 34  
ALA   HA   H N N 35  
ALA   HB1  H N N 36  
ALA   HB2  H N N 37  
ALA   HB3  H N N 38  
ALA   HXT  H N N 39  
ARG   N    N N N 40  
ARG   CA   C N S 41  
ARG   C    C N N 42  
ARG   O    O N N 43  
ARG   CB   C N N 44  
ARG   CG   C N N 45  
ARG   CD   C N N 46  
ARG   NE   N N N 47  
ARG   CZ   C N N 48  
ARG   NH1  N N N 49  
ARG   NH2  N N N 50  
ARG   OXT  O N N 51  
ARG   H    H N N 52  
ARG   H2   H N N 53  
ARG   HA   H N N 54  
ARG   HB2  H N N 55  
ARG   HB3  H N N 56  
ARG   HG2  H N N 57  
ARG   HG3  H N N 58  
ARG   HD2  H N N 59  
ARG   HD3  H N N 60  
ARG   HE   H N N 61  
ARG   HH11 H N N 62  
ARG   HH12 H N N 63  
ARG   HH21 H N N 64  
ARG   HH22 H N N 65  
ARG   HXT  H N N 66  
ASN   N    N N N 67  
ASN   CA   C N S 68  
ASN   C    C N N 69  
ASN   O    O N N 70  
ASN   CB   C N N 71  
ASN   CG   C N N 72  
ASN   OD1  O N N 73  
ASN   ND2  N N N 74  
ASN   OXT  O N N 75  
ASN   H    H N N 76  
ASN   H2   H N N 77  
ASN   HA   H N N 78  
ASN   HB2  H N N 79  
ASN   HB3  H N N 80  
ASN   HD21 H N N 81  
ASN   HD22 H N N 82  
ASN   HXT  H N N 83  
ASP   N    N N N 84  
ASP   CA   C N S 85  
ASP   C    C N N 86  
ASP   O    O N N 87  
ASP   CB   C N N 88  
ASP   CG   C N N 89  
ASP   OD1  O N N 90  
ASP   OD2  O N N 91  
ASP   OXT  O N N 92  
ASP   H    H N N 93  
ASP   H2   H N N 94  
ASP   HA   H N N 95  
ASP   HB2  H N N 96  
ASP   HB3  H N N 97  
ASP   HD2  H N N 98  
ASP   HXT  H N N 99  
EDO   C1   C N N 100 
EDO   O1   O N N 101 
EDO   C2   C N N 102 
EDO   O2   O N N 103 
EDO   H11  H N N 104 
EDO   H12  H N N 105 
EDO   HO1  H N N 106 
EDO   H21  H N N 107 
EDO   H22  H N N 108 
EDO   HO2  H N N 109 
GLN   N    N N N 110 
GLN   CA   C N S 111 
GLN   C    C N N 112 
GLN   O    O N N 113 
GLN   CB   C N N 114 
GLN   CG   C N N 115 
GLN   CD   C N N 116 
GLN   OE1  O N N 117 
GLN   NE2  N N N 118 
GLN   OXT  O N N 119 
GLN   H    H N N 120 
GLN   H2   H N N 121 
GLN   HA   H N N 122 
GLN   HB2  H N N 123 
GLN   HB3  H N N 124 
GLN   HG2  H N N 125 
GLN   HG3  H N N 126 
GLN   HE21 H N N 127 
GLN   HE22 H N N 128 
GLN   HXT  H N N 129 
GLU   N    N N N 130 
GLU   CA   C N S 131 
GLU   C    C N N 132 
GLU   O    O N N 133 
GLU   CB   C N N 134 
GLU   CG   C N N 135 
GLU   CD   C N N 136 
GLU   OE1  O N N 137 
GLU   OE2  O N N 138 
GLU   OXT  O N N 139 
GLU   H    H N N 140 
GLU   H2   H N N 141 
GLU   HA   H N N 142 
GLU   HB2  H N N 143 
GLU   HB3  H N N 144 
GLU   HG2  H N N 145 
GLU   HG3  H N N 146 
GLU   HE2  H N N 147 
GLU   HXT  H N N 148 
GLY   N    N N N 149 
GLY   CA   C N N 150 
GLY   C    C N N 151 
GLY   O    O N N 152 
GLY   OXT  O N N 153 
GLY   H    H N N 154 
GLY   H2   H N N 155 
GLY   HA2  H N N 156 
GLY   HA3  H N N 157 
GLY   HXT  H N N 158 
HIS   N    N N N 159 
HIS   CA   C N S 160 
HIS   C    C N N 161 
HIS   O    O N N 162 
HIS   CB   C N N 163 
HIS   CG   C Y N 164 
HIS   ND1  N Y N 165 
HIS   CD2  C Y N 166 
HIS   CE1  C Y N 167 
HIS   NE2  N Y N 168 
HIS   OXT  O N N 169 
HIS   H    H N N 170 
HIS   H2   H N N 171 
HIS   HA   H N N 172 
HIS   HB2  H N N 173 
HIS   HB3  H N N 174 
HIS   HD1  H N N 175 
HIS   HD2  H N N 176 
HIS   HE1  H N N 177 
HIS   HE2  H N N 178 
HIS   HXT  H N N 179 
ILE   N    N N N 180 
ILE   CA   C N S 181 
ILE   C    C N N 182 
ILE   O    O N N 183 
ILE   CB   C N S 184 
ILE   CG1  C N N 185 
ILE   CG2  C N N 186 
ILE   CD1  C N N 187 
ILE   OXT  O N N 188 
ILE   H    H N N 189 
ILE   H2   H N N 190 
ILE   HA   H N N 191 
ILE   HB   H N N 192 
ILE   HG12 H N N 193 
ILE   HG13 H N N 194 
ILE   HG21 H N N 195 
ILE   HG22 H N N 196 
ILE   HG23 H N N 197 
ILE   HD11 H N N 198 
ILE   HD12 H N N 199 
ILE   HD13 H N N 200 
ILE   HXT  H N N 201 
LEU   N    N N N 202 
LEU   CA   C N S 203 
LEU   C    C N N 204 
LEU   O    O N N 205 
LEU   CB   C N N 206 
LEU   CG   C N N 207 
LEU   CD1  C N N 208 
LEU   CD2  C N N 209 
LEU   OXT  O N N 210 
LEU   H    H N N 211 
LEU   H2   H N N 212 
LEU   HA   H N N 213 
LEU   HB2  H N N 214 
LEU   HB3  H N N 215 
LEU   HG   H N N 216 
LEU   HD11 H N N 217 
LEU   HD12 H N N 218 
LEU   HD13 H N N 219 
LEU   HD21 H N N 220 
LEU   HD22 H N N 221 
LEU   HD23 H N N 222 
LEU   HXT  H N N 223 
LYS   N    N N N 224 
LYS   CA   C N S 225 
LYS   C    C N N 226 
LYS   O    O N N 227 
LYS   CB   C N N 228 
LYS   CG   C N N 229 
LYS   CD   C N N 230 
LYS   CE   C N N 231 
LYS   NZ   N N N 232 
LYS   OXT  O N N 233 
LYS   H    H N N 234 
LYS   H2   H N N 235 
LYS   HA   H N N 236 
LYS   HB2  H N N 237 
LYS   HB3  H N N 238 
LYS   HG2  H N N 239 
LYS   HG3  H N N 240 
LYS   HD2  H N N 241 
LYS   HD3  H N N 242 
LYS   HE2  H N N 243 
LYS   HE3  H N N 244 
LYS   HZ1  H N N 245 
LYS   HZ2  H N N 246 
LYS   HZ3  H N N 247 
LYS   HXT  H N N 248 
MET   N    N N N 249 
MET   CA   C N S 250 
MET   C    C N N 251 
MET   O    O N N 252 
MET   CB   C N N 253 
MET   CG   C N N 254 
MET   SD   S N N 255 
MET   CE   C N N 256 
MET   OXT  O N N 257 
MET   H    H N N 258 
MET   H2   H N N 259 
MET   HA   H N N 260 
MET   HB2  H N N 261 
MET   HB3  H N N 262 
MET   HG2  H N N 263 
MET   HG3  H N N 264 
MET   HE1  H N N 265 
MET   HE2  H N N 266 
MET   HE3  H N N 267 
MET   HXT  H N N 268 
PHE   N    N N N 269 
PHE   CA   C N S 270 
PHE   C    C N N 271 
PHE   O    O N N 272 
PHE   CB   C N N 273 
PHE   CG   C Y N 274 
PHE   CD1  C Y N 275 
PHE   CD2  C Y N 276 
PHE   CE1  C Y N 277 
PHE   CE2  C Y N 278 
PHE   CZ   C Y N 279 
PHE   OXT  O N N 280 
PHE   H    H N N 281 
PHE   H2   H N N 282 
PHE   HA   H N N 283 
PHE   HB2  H N N 284 
PHE   HB3  H N N 285 
PHE   HD1  H N N 286 
PHE   HD2  H N N 287 
PHE   HE1  H N N 288 
PHE   HE2  H N N 289 
PHE   HZ   H N N 290 
PHE   HXT  H N N 291 
PRO   N    N N N 292 
PRO   CA   C N S 293 
PRO   C    C N N 294 
PRO   O    O N N 295 
PRO   CB   C N N 296 
PRO   CG   C N N 297 
PRO   CD   C N N 298 
PRO   OXT  O N N 299 
PRO   H    H N N 300 
PRO   HA   H N N 301 
PRO   HB2  H N N 302 
PRO   HB3  H N N 303 
PRO   HG2  H N N 304 
PRO   HG3  H N N 305 
PRO   HD2  H N N 306 
PRO   HD3  H N N 307 
PRO   HXT  H N N 308 
SER   N    N N N 309 
SER   CA   C N S 310 
SER   C    C N N 311 
SER   O    O N N 312 
SER   CB   C N N 313 
SER   OG   O N N 314 
SER   OXT  O N N 315 
SER   H    H N N 316 
SER   H2   H N N 317 
SER   HA   H N N 318 
SER   HB2  H N N 319 
SER   HB3  H N N 320 
SER   HG   H N N 321 
SER   HXT  H N N 322 
THR   N    N N N 323 
THR   CA   C N S 324 
THR   C    C N N 325 
THR   O    O N N 326 
THR   CB   C N R 327 
THR   OG1  O N N 328 
THR   CG2  C N N 329 
THR   OXT  O N N 330 
THR   H    H N N 331 
THR   H2   H N N 332 
THR   HA   H N N 333 
THR   HB   H N N 334 
THR   HG1  H N N 335 
THR   HG21 H N N 336 
THR   HG22 H N N 337 
THR   HG23 H N N 338 
THR   HXT  H N N 339 
TRP   N    N N N 340 
TRP   CA   C N S 341 
TRP   C    C N N 342 
TRP   O    O N N 343 
TRP   CB   C N N 344 
TRP   CG   C Y N 345 
TRP   CD1  C Y N 346 
TRP   CD2  C Y N 347 
TRP   NE1  N Y N 348 
TRP   CE2  C Y N 349 
TRP   CE3  C Y N 350 
TRP   CZ2  C Y N 351 
TRP   CZ3  C Y N 352 
TRP   CH2  C Y N 353 
TRP   OXT  O N N 354 
TRP   H    H N N 355 
TRP   H2   H N N 356 
TRP   HA   H N N 357 
TRP   HB2  H N N 358 
TRP   HB3  H N N 359 
TRP   HD1  H N N 360 
TRP   HE1  H N N 361 
TRP   HE3  H N N 362 
TRP   HZ2  H N N 363 
TRP   HZ3  H N N 364 
TRP   HH2  H N N 365 
TRP   HXT  H N N 366 
TYR   N    N N N 367 
TYR   CA   C N S 368 
TYR   C    C N N 369 
TYR   O    O N N 370 
TYR   CB   C N N 371 
TYR   CG   C Y N 372 
TYR   CD1  C Y N 373 
TYR   CD2  C Y N 374 
TYR   CE1  C Y N 375 
TYR   CE2  C Y N 376 
TYR   CZ   C Y N 377 
TYR   OH   O N N 378 
TYR   OXT  O N N 379 
TYR   H    H N N 380 
TYR   H2   H N N 381 
TYR   HA   H N N 382 
TYR   HB2  H N N 383 
TYR   HB3  H N N 384 
TYR   HD1  H N N 385 
TYR   HD2  H N N 386 
TYR   HE1  H N N 387 
TYR   HE2  H N N 388 
TYR   HH   H N N 389 
TYR   HXT  H N N 390 
VAL   N    N N N 391 
VAL   CA   C N S 392 
VAL   C    C N N 393 
VAL   O    O N N 394 
VAL   CB   C N N 395 
VAL   CG1  C N N 396 
VAL   CG2  C N N 397 
VAL   OXT  O N N 398 
VAL   H    H N N 399 
VAL   H2   H N N 400 
VAL   HA   H N N 401 
VAL   HB   H N N 402 
VAL   HG11 H N N 403 
VAL   HG12 H N N 404 
VAL   HG13 H N N 405 
VAL   HG21 H N N 406 
VAL   HG22 H N N 407 
VAL   HG23 H N N 408 
VAL   HXT  H N N 409 
# 
loop_
_chem_comp_bond.comp_id 
_chem_comp_bond.atom_id_1 
_chem_comp_bond.atom_id_2 
_chem_comp_bond.value_order 
_chem_comp_bond.pdbx_aromatic_flag 
_chem_comp_bond.pdbx_stereo_config 
_chem_comp_bond.pdbx_ordinal 
A1D64 C   CA   sing N N 1   
A1D64 C   O    doub N N 2   
A1D64 N   CA   sing N N 3   
A1D64 CB  CA   sing N N 4   
A1D64 CB  SG   sing N N 5   
A1D64 SG  C3   sing N N 6   
A1D64 C3  C4   doub Y N 7   
A1D64 C3  C8   sing Y N 8   
A1D64 C4  C5   sing Y N 9   
A1D64 C8  C7   doub Y N 10  
A1D64 C5  C6   doub Y N 11  
A1D64 C7  C6   sing Y N 12  
A1D64 C6  N1   sing N N 13  
A1D64 N1  H1   sing N N 14  
A1D64 N1  H7   sing N N 15  
A1D64 C4  H3   sing N N 16  
A1D64 C5  H4   sing N N 17  
A1D64 C7  H5   sing N N 18  
A1D64 C8  H6   sing N N 19  
A1D64 CA  HA   sing N N 20  
A1D64 N   H2   sing N N 21  
A1D64 N   H    sing N N 22  
A1D64 CB  HB2  sing N N 23  
A1D64 CB  HB3  sing N N 24  
A1D64 C   OXT  sing N N 25  
A1D64 OXT HXT  sing N N 26  
ALA   N   CA   sing N N 27  
ALA   N   H    sing N N 28  
ALA   N   H2   sing N N 29  
ALA   CA  C    sing N N 30  
ALA   CA  CB   sing N N 31  
ALA   CA  HA   sing N N 32  
ALA   C   O    doub N N 33  
ALA   C   OXT  sing N N 34  
ALA   CB  HB1  sing N N 35  
ALA   CB  HB2  sing N N 36  
ALA   CB  HB3  sing N N 37  
ALA   OXT HXT  sing N N 38  
ARG   N   CA   sing N N 39  
ARG   N   H    sing N N 40  
ARG   N   H2   sing N N 41  
ARG   CA  C    sing N N 42  
ARG   CA  CB   sing N N 43  
ARG   CA  HA   sing N N 44  
ARG   C   O    doub N N 45  
ARG   C   OXT  sing N N 46  
ARG   CB  CG   sing N N 47  
ARG   CB  HB2  sing N N 48  
ARG   CB  HB3  sing N N 49  
ARG   CG  CD   sing N N 50  
ARG   CG  HG2  sing N N 51  
ARG   CG  HG3  sing N N 52  
ARG   CD  NE   sing N N 53  
ARG   CD  HD2  sing N N 54  
ARG   CD  HD3  sing N N 55  
ARG   NE  CZ   sing N N 56  
ARG   NE  HE   sing N N 57  
ARG   CZ  NH1  sing N N 58  
ARG   CZ  NH2  doub N N 59  
ARG   NH1 HH11 sing N N 60  
ARG   NH1 HH12 sing N N 61  
ARG   NH2 HH21 sing N N 62  
ARG   NH2 HH22 sing N N 63  
ARG   OXT HXT  sing N N 64  
ASN   N   CA   sing N N 65  
ASN   N   H    sing N N 66  
ASN   N   H2   sing N N 67  
ASN   CA  C    sing N N 68  
ASN   CA  CB   sing N N 69  
ASN   CA  HA   sing N N 70  
ASN   C   O    doub N N 71  
ASN   C   OXT  sing N N 72  
ASN   CB  CG   sing N N 73  
ASN   CB  HB2  sing N N 74  
ASN   CB  HB3  sing N N 75  
ASN   CG  OD1  doub N N 76  
ASN   CG  ND2  sing N N 77  
ASN   ND2 HD21 sing N N 78  
ASN   ND2 HD22 sing N N 79  
ASN   OXT HXT  sing N N 80  
ASP   N   CA   sing N N 81  
ASP   N   H    sing N N 82  
ASP   N   H2   sing N N 83  
ASP   CA  C    sing N N 84  
ASP   CA  CB   sing N N 85  
ASP   CA  HA   sing N N 86  
ASP   C   O    doub N N 87  
ASP   C   OXT  sing N N 88  
ASP   CB  CG   sing N N 89  
ASP   CB  HB2  sing N N 90  
ASP   CB  HB3  sing N N 91  
ASP   CG  OD1  doub N N 92  
ASP   CG  OD2  sing N N 93  
ASP   OD2 HD2  sing N N 94  
ASP   OXT HXT  sing N N 95  
EDO   C1  O1   sing N N 96  
EDO   C1  C2   sing N N 97  
EDO   C1  H11  sing N N 98  
EDO   C1  H12  sing N N 99  
EDO   O1  HO1  sing N N 100 
EDO   C2  O2   sing N N 101 
EDO   C2  H21  sing N N 102 
EDO   C2  H22  sing N N 103 
EDO   O2  HO2  sing N N 104 
GLN   N   CA   sing N N 105 
GLN   N   H    sing N N 106 
GLN   N   H2   sing N N 107 
GLN   CA  C    sing N N 108 
GLN   CA  CB   sing N N 109 
GLN   CA  HA   sing N N 110 
GLN   C   O    doub N N 111 
GLN   C   OXT  sing N N 112 
GLN   CB  CG   sing N N 113 
GLN   CB  HB2  sing N N 114 
GLN   CB  HB3  sing N N 115 
GLN   CG  CD   sing N N 116 
GLN   CG  HG2  sing N N 117 
GLN   CG  HG3  sing N N 118 
GLN   CD  OE1  doub N N 119 
GLN   CD  NE2  sing N N 120 
GLN   NE2 HE21 sing N N 121 
GLN   NE2 HE22 sing N N 122 
GLN   OXT HXT  sing N N 123 
GLU   N   CA   sing N N 124 
GLU   N   H    sing N N 125 
GLU   N   H2   sing N N 126 
GLU   CA  C    sing N N 127 
GLU   CA  CB   sing N N 128 
GLU   CA  HA   sing N N 129 
GLU   C   O    doub N N 130 
GLU   C   OXT  sing N N 131 
GLU   CB  CG   sing N N 132 
GLU   CB  HB2  sing N N 133 
GLU   CB  HB3  sing N N 134 
GLU   CG  CD   sing N N 135 
GLU   CG  HG2  sing N N 136 
GLU   CG  HG3  sing N N 137 
GLU   CD  OE1  doub N N 138 
GLU   CD  OE2  sing N N 139 
GLU   OE2 HE2  sing N N 140 
GLU   OXT HXT  sing N N 141 
GLY   N   CA   sing N N 142 
GLY   N   H    sing N N 143 
GLY   N   H2   sing N N 144 
GLY   CA  C    sing N N 145 
GLY   CA  HA2  sing N N 146 
GLY   CA  HA3  sing N N 147 
GLY   C   O    doub N N 148 
GLY   C   OXT  sing N N 149 
GLY   OXT HXT  sing N N 150 
HIS   N   CA   sing N N 151 
HIS   N   H    sing N N 152 
HIS   N   H2   sing N N 153 
HIS   CA  C    sing N N 154 
HIS   CA  CB   sing N N 155 
HIS   CA  HA   sing N N 156 
HIS   C   O    doub N N 157 
HIS   C   OXT  sing N N 158 
HIS   CB  CG   sing N N 159 
HIS   CB  HB2  sing N N 160 
HIS   CB  HB3  sing N N 161 
HIS   CG  ND1  sing Y N 162 
HIS   CG  CD2  doub Y N 163 
HIS   ND1 CE1  doub Y N 164 
HIS   ND1 HD1  sing N N 165 
HIS   CD2 NE2  sing Y N 166 
HIS   CD2 HD2  sing N N 167 
HIS   CE1 NE2  sing Y N 168 
HIS   CE1 HE1  sing N N 169 
HIS   NE2 HE2  sing N N 170 
HIS   OXT HXT  sing N N 171 
ILE   N   CA   sing N N 172 
ILE   N   H    sing N N 173 
ILE   N   H2   sing N N 174 
ILE   CA  C    sing N N 175 
ILE   CA  CB   sing N N 176 
ILE   CA  HA   sing N N 177 
ILE   C   O    doub N N 178 
ILE   C   OXT  sing N N 179 
ILE   CB  CG1  sing N N 180 
ILE   CB  CG2  sing N N 181 
ILE   CB  HB   sing N N 182 
ILE   CG1 CD1  sing N N 183 
ILE   CG1 HG12 sing N N 184 
ILE   CG1 HG13 sing N N 185 
ILE   CG2 HG21 sing N N 186 
ILE   CG2 HG22 sing N N 187 
ILE   CG2 HG23 sing N N 188 
ILE   CD1 HD11 sing N N 189 
ILE   CD1 HD12 sing N N 190 
ILE   CD1 HD13 sing N N 191 
ILE   OXT HXT  sing N N 192 
LEU   N   CA   sing N N 193 
LEU   N   H    sing N N 194 
LEU   N   H2   sing N N 195 
LEU   CA  C    sing N N 196 
LEU   CA  CB   sing N N 197 
LEU   CA  HA   sing N N 198 
LEU   C   O    doub N N 199 
LEU   C   OXT  sing N N 200 
LEU   CB  CG   sing N N 201 
LEU   CB  HB2  sing N N 202 
LEU   CB  HB3  sing N N 203 
LEU   CG  CD1  sing N N 204 
LEU   CG  CD2  sing N N 205 
LEU   CG  HG   sing N N 206 
LEU   CD1 HD11 sing N N 207 
LEU   CD1 HD12 sing N N 208 
LEU   CD1 HD13 sing N N 209 
LEU   CD2 HD21 sing N N 210 
LEU   CD2 HD22 sing N N 211 
LEU   CD2 HD23 sing N N 212 
LEU   OXT HXT  sing N N 213 
LYS   N   CA   sing N N 214 
LYS   N   H    sing N N 215 
LYS   N   H2   sing N N 216 
LYS   CA  C    sing N N 217 
LYS   CA  CB   sing N N 218 
LYS   CA  HA   sing N N 219 
LYS   C   O    doub N N 220 
LYS   C   OXT  sing N N 221 
LYS   CB  CG   sing N N 222 
LYS   CB  HB2  sing N N 223 
LYS   CB  HB3  sing N N 224 
LYS   CG  CD   sing N N 225 
LYS   CG  HG2  sing N N 226 
LYS   CG  HG3  sing N N 227 
LYS   CD  CE   sing N N 228 
LYS   CD  HD2  sing N N 229 
LYS   CD  HD3  sing N N 230 
LYS   CE  NZ   sing N N 231 
LYS   CE  HE2  sing N N 232 
LYS   CE  HE3  sing N N 233 
LYS   NZ  HZ1  sing N N 234 
LYS   NZ  HZ2  sing N N 235 
LYS   NZ  HZ3  sing N N 236 
LYS   OXT HXT  sing N N 237 
MET   N   CA   sing N N 238 
MET   N   H    sing N N 239 
MET   N   H2   sing N N 240 
MET   CA  C    sing N N 241 
MET   CA  CB   sing N N 242 
MET   CA  HA   sing N N 243 
MET   C   O    doub N N 244 
MET   C   OXT  sing N N 245 
MET   CB  CG   sing N N 246 
MET   CB  HB2  sing N N 247 
MET   CB  HB3  sing N N 248 
MET   CG  SD   sing N N 249 
MET   CG  HG2  sing N N 250 
MET   CG  HG3  sing N N 251 
MET   SD  CE   sing N N 252 
MET   CE  HE1  sing N N 253 
MET   CE  HE2  sing N N 254 
MET   CE  HE3  sing N N 255 
MET   OXT HXT  sing N N 256 
PHE   N   CA   sing N N 257 
PHE   N   H    sing N N 258 
PHE   N   H2   sing N N 259 
PHE   CA  C    sing N N 260 
PHE   CA  CB   sing N N 261 
PHE   CA  HA   sing N N 262 
PHE   C   O    doub N N 263 
PHE   C   OXT  sing N N 264 
PHE   CB  CG   sing N N 265 
PHE   CB  HB2  sing N N 266 
PHE   CB  HB3  sing N N 267 
PHE   CG  CD1  doub Y N 268 
PHE   CG  CD2  sing Y N 269 
PHE   CD1 CE1  sing Y N 270 
PHE   CD1 HD1  sing N N 271 
PHE   CD2 CE2  doub Y N 272 
PHE   CD2 HD2  sing N N 273 
PHE   CE1 CZ   doub Y N 274 
PHE   CE1 HE1  sing N N 275 
PHE   CE2 CZ   sing Y N 276 
PHE   CE2 HE2  sing N N 277 
PHE   CZ  HZ   sing N N 278 
PHE   OXT HXT  sing N N 279 
PRO   N   CA   sing N N 280 
PRO   N   CD   sing N N 281 
PRO   N   H    sing N N 282 
PRO   CA  C    sing N N 283 
PRO   CA  CB   sing N N 284 
PRO   CA  HA   sing N N 285 
PRO   C   O    doub N N 286 
PRO   C   OXT  sing N N 287 
PRO   CB  CG   sing N N 288 
PRO   CB  HB2  sing N N 289 
PRO   CB  HB3  sing N N 290 
PRO   CG  CD   sing N N 291 
PRO   CG  HG2  sing N N 292 
PRO   CG  HG3  sing N N 293 
PRO   CD  HD2  sing N N 294 
PRO   CD  HD3  sing N N 295 
PRO   OXT HXT  sing N N 296 
SER   N   CA   sing N N 297 
SER   N   H    sing N N 298 
SER   N   H2   sing N N 299 
SER   CA  C    sing N N 300 
SER   CA  CB   sing N N 301 
SER   CA  HA   sing N N 302 
SER   C   O    doub N N 303 
SER   C   OXT  sing N N 304 
SER   CB  OG   sing N N 305 
SER   CB  HB2  sing N N 306 
SER   CB  HB3  sing N N 307 
SER   OG  HG   sing N N 308 
SER   OXT HXT  sing N N 309 
THR   N   CA   sing N N 310 
THR   N   H    sing N N 311 
THR   N   H2   sing N N 312 
THR   CA  C    sing N N 313 
THR   CA  CB   sing N N 314 
THR   CA  HA   sing N N 315 
THR   C   O    doub N N 316 
THR   C   OXT  sing N N 317 
THR   CB  OG1  sing N N 318 
THR   CB  CG2  sing N N 319 
THR   CB  HB   sing N N 320 
THR   OG1 HG1  sing N N 321 
THR   CG2 HG21 sing N N 322 
THR   CG2 HG22 sing N N 323 
THR   CG2 HG23 sing N N 324 
THR   OXT HXT  sing N N 325 
TRP   N   CA   sing N N 326 
TRP   N   H    sing N N 327 
TRP   N   H2   sing N N 328 
TRP   CA  C    sing N N 329 
TRP   CA  CB   sing N N 330 
TRP   CA  HA   sing N N 331 
TRP   C   O    doub N N 332 
TRP   C   OXT  sing N N 333 
TRP   CB  CG   sing N N 334 
TRP   CB  HB2  sing N N 335 
TRP   CB  HB3  sing N N 336 
TRP   CG  CD1  doub Y N 337 
TRP   CG  CD2  sing Y N 338 
TRP   CD1 NE1  sing Y N 339 
TRP   CD1 HD1  sing N N 340 
TRP   CD2 CE2  doub Y N 341 
TRP   CD2 CE3  sing Y N 342 
TRP   NE1 CE2  sing Y N 343 
TRP   NE1 HE1  sing N N 344 
TRP   CE2 CZ2  sing Y N 345 
TRP   CE3 CZ3  doub Y N 346 
TRP   CE3 HE3  sing N N 347 
TRP   CZ2 CH2  doub Y N 348 
TRP   CZ2 HZ2  sing N N 349 
TRP   CZ3 CH2  sing Y N 350 
TRP   CZ3 HZ3  sing N N 351 
TRP   CH2 HH2  sing N N 352 
TRP   OXT HXT  sing N N 353 
TYR   N   CA   sing N N 354 
TYR   N   H    sing N N 355 
TYR   N   H2   sing N N 356 
TYR   CA  C    sing N N 357 
TYR   CA  CB   sing N N 358 
TYR   CA  HA   sing N N 359 
TYR   C   O    doub N N 360 
TYR   C   OXT  sing N N 361 
TYR   CB  CG   sing N N 362 
TYR   CB  HB2  sing N N 363 
TYR   CB  HB3  sing N N 364 
TYR   CG  CD1  doub Y N 365 
TYR   CG  CD2  sing Y N 366 
TYR   CD1 CE1  sing Y N 367 
TYR   CD1 HD1  sing N N 368 
TYR   CD2 CE2  doub Y N 369 
TYR   CD2 HD2  sing N N 370 
TYR   CE1 CZ   doub Y N 371 
TYR   CE1 HE1  sing N N 372 
TYR   CE2 CZ   sing Y N 373 
TYR   CE2 HE2  sing N N 374 
TYR   CZ  OH   sing N N 375 
TYR   OH  HH   sing N N 376 
TYR   OXT HXT  sing N N 377 
VAL   N   CA   sing N N 378 
VAL   N   H    sing N N 379 
VAL   N   H2   sing N N 380 
VAL   CA  C    sing N N 381 
VAL   CA  CB   sing N N 382 
VAL   CA  HA   sing N N 383 
VAL   C   O    doub N N 384 
VAL   C   OXT  sing N N 385 
VAL   CB  CG1  sing N N 386 
VAL   CB  CG2  sing N N 387 
VAL   CB  HB   sing N N 388 
VAL   CG1 HG11 sing N N 389 
VAL   CG1 HG12 sing N N 390 
VAL   CG1 HG13 sing N N 391 
VAL   CG2 HG21 sing N N 392 
VAL   CG2 HG22 sing N N 393 
VAL   CG2 HG23 sing N N 394 
VAL   OXT HXT  sing N N 395 
# 
_pdbx_audit_support.funding_organization   'National Natural Science Foundation of China (NSFC)' 
_pdbx_audit_support.country                China 
_pdbx_audit_support.grant_number           22207043 
_pdbx_audit_support.ordinal                1 
# 
_pdbx_initial_refinement_model.id               1 
_pdbx_initial_refinement_model.entity_id_list   ? 
_pdbx_initial_refinement_model.type             'experimental model' 
_pdbx_initial_refinement_model.source_name      PDB 
_pdbx_initial_refinement_model.accession_code   6I8N 
_pdbx_initial_refinement_model.details          ? 
# 
_atom_sites.entry_id                    9IIJ 
_atom_sites.Cartn_transf_matrix[1][1]   ? 
_atom_sites.Cartn_transf_matrix[1][2]   ? 
_atom_sites.Cartn_transf_matrix[1][3]   ? 
_atom_sites.Cartn_transf_matrix[2][1]   ? 
_atom_sites.Cartn_transf_matrix[2][2]   ? 
_atom_sites.Cartn_transf_matrix[2][3]   ? 
_atom_sites.Cartn_transf_matrix[3][1]   ? 
_atom_sites.Cartn_transf_matrix[3][2]   ? 
_atom_sites.Cartn_transf_matrix[3][3]   ? 
_atom_sites.Cartn_transf_vector[1]      ? 
_atom_sites.Cartn_transf_vector[2]      ? 
_atom_sites.Cartn_transf_vector[3]      ? 
_atom_sites.Cartn_transform_axes        ? 
_atom_sites.fract_transf_matrix[1][1]   0.00936259 
_atom_sites.fract_transf_matrix[1][2]   -0.00143763 
_atom_sites.fract_transf_matrix[1][3]   0.01332709 
_atom_sites.fract_transf_matrix[2][1]   -0.00684319 
_atom_sites.fract_transf_matrix[2][2]   0.00011384 
_atom_sites.fract_transf_matrix[2][3]   0.01484968 
_atom_sites.fract_transf_matrix[3][1]   -0.00161025 
_atom_sites.fract_transf_matrix[3][2]   -0.01621353 
_atom_sites.fract_transf_matrix[3][3]   -0.00061776 
_atom_sites.fract_transf_vector[1]      0.044145 
_atom_sites.fract_transf_vector[2]      0.358040 
_atom_sites.fract_transf_vector[3]      0.025231 
_atom_sites.solution_primary            ? 
_atom_sites.solution_secondary          ? 
_atom_sites.solution_hydrogens          ? 
_atom_sites.special_details             ? 
# 
loop_
_atom_type.symbol 
C 
N 
O 
S 
# 
loop_
_atom_site.group_PDB 
_atom_site.id 
_atom_site.type_symbol 
_atom_site.label_atom_id 
_atom_site.label_alt_id 
_atom_site.label_comp_id 
_atom_site.label_asym_id 
_atom_site.label_entity_id 
_atom_site.label_seq_id 
_atom_site.pdbx_PDB_ins_code 
_atom_site.Cartn_x 
_atom_site.Cartn_y 
_atom_site.Cartn_z 
_atom_site.occupancy 
_atom_site.B_iso_or_equiv 
_atom_site.pdbx_formal_charge 
_atom_site.auth_seq_id 
_atom_site.auth_comp_id 
_atom_site.auth_asym_id 
_atom_site.auth_atom_id 
_atom_site.pdbx_PDB_model_num 
ATOM   1   N N   . ILE   A 1 4   ? -18.581 -5.212  1.107   1.00 102.47 ? 4   ILE   A N   1 
ATOM   2   C CA  . ILE   A 1 4   ? -18.212 -5.048  2.554   1.00 107.12 ? 4   ILE   A CA  1 
ATOM   3   C C   . ILE   A 1 4   ? -17.074 -5.981  2.999   1.00 109.33 ? 4   ILE   A C   1 
ATOM   4   O O   . ILE   A 1 4   ? -16.167 -5.533  3.704   1.00 103.97 ? 4   ILE   A O   1 
ATOM   5   C CB  . ILE   A 1 4   ? -19.444 -5.188  3.491   1.00 107.25 ? 4   ILE   A CB  1 
ATOM   6   C CG1 . ILE   A 1 4   ? -20.444 -4.056  3.209   1.00 106.13 ? 4   ILE   A CG1 1 
ATOM   7   C CG2 . ILE   A 1 4   ? -19.020 -5.160  4.959   1.00 104.11 ? 4   ILE   A CG2 1 
ATOM   8   C CD1 . ILE   A 1 4   ? -21.791 -4.214  3.885   1.00 104.41 ? 4   ILE   A CD1 1 
ATOM   9   N N   . PRO   A 1 5   ? -17.124 -7.276  2.616   1.00 117.57 ? 5   PRO   A N   1 
ATOM   10  C CA  . PRO   A 1 5   ? -15.943 -8.116  2.860   1.00 117.23 ? 5   PRO   A CA  1 
ATOM   11  C C   . PRO   A 1 5   ? -14.842 -7.915  1.804   1.00 114.17 ? 5   PRO   A C   1 
ATOM   12  O O   . PRO   A 1 5   ? -13.674 -8.202  2.072   1.00 114.14 ? 5   PRO   A O   1 
ATOM   13  C CB  . PRO   A 1 5   ? -16.504 -9.543  2.810   1.00 118.56 ? 5   PRO   A CB  1 
ATOM   14  C CG  . PRO   A 1 5   ? -17.697 -9.455  1.926   1.00 119.88 ? 5   PRO   A CG  1 
ATOM   15  C CD  . PRO   A 1 5   ? -18.247 -8.059  2.055   1.00 120.54 ? 5   PRO   A CD  1 
ATOM   16  N N   . LYS   A 1 6   ? -15.222 -7.432  0.621   1.00 108.38 ? 6   LYS   A N   1 
ATOM   17  C CA  . LYS   A 1 6   ? -14.275 -7.121  -0.448  1.00 103.55 ? 6   LYS   A CA  1 
ATOM   18  C C   . LYS   A 1 6   ? -13.716 -5.698  -0.306  1.00 99.21  ? 6   LYS   A C   1 
ATOM   19  O O   . LYS   A 1 6   ? -12.577 -5.434  -0.695  1.00 93.83  ? 6   LYS   A O   1 
ATOM   20  C CB  . LYS   A 1 6   ? -14.955 -7.284  -1.810  1.00 103.67 ? 6   LYS   A CB  1 
ATOM   21  C CG  . LYS   A 1 6   ? -13.994 -7.538  -2.960  1.00 105.58 ? 6   LYS   A CG  1 
ATOM   22  C CD  . LYS   A 1 6   ? -14.646 -7.280  -4.310  1.00 104.77 ? 6   LYS   A CD  1 
ATOM   23  C CE  . LYS   A 1 6   ? -14.662 -5.795  -4.641  1.00 105.20 ? 6   LYS   A CE  1 
ATOM   24  N NZ  . LYS   A 1 6   ? -15.286 -5.536  -5.967  1.00 106.31 ? 6   LYS   A NZ  1 
ATOM   25  N N   . GLU   A 1 7   ? -14.527 -4.790  0.238   1.00 96.10  ? 7   GLU   A N   1 
ATOM   26  C CA  . GLU   A 1 7   ? -14.113 -3.401  0.461   1.00 95.60  ? 7   GLU   A CA  1 
ATOM   27  C C   . GLU   A 1 7   ? -13.078 -3.287  1.579   1.00 93.90  ? 7   GLU   A C   1 
ATOM   28  O O   . GLU   A 1 7   ? -12.164 -2.467  1.496   1.00 97.08  ? 7   GLU   A O   1 
ATOM   29  C CB  . GLU   A 1 7   ? -15.333 -2.517  0.770   1.00 97.76  ? 7   GLU   A CB  1 
ATOM   30  C CG  . GLU   A 1 7   ? -15.024 -1.104  1.268   1.00 98.30  ? 7   GLU   A CG  1 
ATOM   31  C CD  . GLU   A 1 7   ? -14.061 -0.337  0.373   1.00 100.97 ? 7   GLU   A CD  1 
ATOM   32  O OE1 . GLU   A 1 7   ? -14.133 -0.487  -0.866  1.00 101.68 ? 7   GLU   A OE1 1 
ATOM   33  O OE2 . GLU   A 1 7   ? -13.226 0.421   0.912   1.00 100.63 ? 7   GLU   A OE2 1 
ATOM   34  N N   . ARG   A 1 8   ? -13.227 -4.093  2.628   1.00 92.43  ? 8   ARG   A N   1 
ATOM   35  C CA  . ARG   A 1 8   ? -12.250 -4.108  3.720   1.00 89.18  ? 8   ARG   A CA  1 
ATOM   36  C C   . ARG   A 1 8   ? -10.872 -4.513  3.188   1.00 85.54  ? 8   ARG   A C   1 
ATOM   37  O O   . ARG   A 1 8   ? -9.863  -3.879  3.506   1.00 76.99  ? 8   ARG   A O   1 
ATOM   38  C CB  . ARG   A 1 8   ? -12.687 -5.068  4.834   1.00 89.90  ? 8   ARG   A CB  1 
ATOM   39  C CG  . ARG   A 1 8   ? -11.884 -4.925  6.121   1.00 92.91  ? 8   ARG   A CG  1 
ATOM   40  C CD  . ARG   A 1 8   ? -12.040 -6.126  7.049   1.00 94.71  ? 8   ARG   A CD  1 
ATOM   41  N NE  . ARG   A 1 8   ? -13.438 -6.432  7.358   1.00 95.69  ? 8   ARG   A NE  1 
ATOM   42  C CZ  . ARG   A 1 8   ? -14.217 -5.726  8.179   1.00 98.34  ? 8   ARG   A CZ  1 
ATOM   43  N NH1 . ARG   A 1 8   ? -13.765 -4.634  8.796   1.00 95.60  ? 8   ARG   A NH1 1 
ATOM   44  N NH2 . ARG   A 1 8   ? -15.473 -6.112  8.381   1.00 101.10 ? 8   ARG   A NH2 1 
ATOM   45  N N   . LEU   A 1 9   ? -10.854 -5.562  2.365   1.00 83.98  ? 9   LEU   A N   1 
ATOM   46  C CA  . LEU   A 1 9   ? -9.625  -6.098  1.786   1.00 84.44  ? 9   LEU   A CA  1 
ATOM   47  C C   . LEU   A 1 9   ? -8.950  -5.087  0.857   1.00 81.53  ? 9   LEU   A C   1 
ATOM   48  O O   . LEU   A 1 9   ? -7.749  -4.841  0.976   1.00 81.15  ? 9   LEU   A O   1 
ATOM   49  C CB  . LEU   A 1 9   ? -9.922  -7.401  1.028   1.00 86.50  ? 9   LEU   A CB  1 
ATOM   50  C CG  . LEU   A 1 9   ? -8.728  -8.218  0.507   1.00 88.56  ? 9   LEU   A CG  1 
ATOM   51  C CD1 . LEU   A 1 9   ? -7.838  -8.697  1.649   1.00 88.73  ? 9   LEU   A CD1 1 
ATOM   52  C CD2 . LEU   A 1 9   ? -9.214  -9.394  -0.332  1.00 86.00  ? 9   LEU   A CD2 1 
ATOM   53  N N   . ARG   A 1 10  ? -9.727  -4.505  -0.054  1.00 78.50  ? 10  ARG   A N   1 
ATOM   54  C CA  . ARG   A 1 10  ? -9.221  -3.508  -1.002  1.00 77.05  ? 10  ARG   A CA  1 
ATOM   55  C C   . ARG   A 1 10  ? -8.333  -2.483  -0.304  1.00 72.40  ? 10  ARG   A C   1 
ATOM   56  O O   . ARG   A 1 10  ? -7.201  -2.251  -0.720  1.00 75.93  ? 10  ARG   A O   1 
ATOM   57  C CB  . ARG   A 1 10  ? -10.385 -2.799  -1.702  1.00 81.55  ? 10  ARG   A CB  1 
ATOM   58  C CG  . ARG   A 1 10  ? -9.992  -1.869  -2.843  1.00 86.03  ? 10  ARG   A CG  1 
ATOM   59  C CD  . ARG   A 1 10  ? -11.154 -0.961  -3.236  1.00 89.81  ? 10  ARG   A CD  1 
ATOM   60  N NE  . ARG   A 1 10  ? -11.017 -0.419  -4.591  1.00 94.38  ? 10  ARG   A NE  1 
ATOM   61  C CZ  . ARG   A 1 10  ? -11.955 0.280   -5.239  1.00 94.68  ? 10  ARG   A CZ  1 
ATOM   62  N NH1 . ARG   A 1 10  ? -13.126 0.544   -4.666  1.00 96.13  ? 10  ARG   A NH1 1 
ATOM   63  N NH2 . ARG   A 1 10  ? -11.723 0.720   -6.473  1.00 93.26  ? 10  ARG   A NH2 1 
ATOM   64  N N   . ALA   A 1 11  ? -8.845  -1.883  0.762   1.00 67.27  ? 11  ALA   A N   1 
ATOM   65  C CA  . ALA   A 1 11  ? -8.076  -0.902  1.534   1.00 66.68  ? 11  ALA   A CA  1 
ATOM   66  C C   . ALA   A 1 11  ? -6.804  -1.506  2.128   1.00 62.89  ? 11  ALA   A C   1 
ATOM   67  O O   . ALA   A 1 11  ? -5.730  -0.914  2.055   1.00 60.04  ? 11  ALA   A O   1 
ATOM   68  C CB  . ALA   A 1 11  ? -8.936  -0.314  2.645   1.00 66.67  ? 11  ALA   A CB  1 
ATOM   69  N N   . GLN   A 1 12  ? -6.937  -2.686  2.720   1.00 61.18  ? 12  GLN   A N   1 
ATOM   70  C CA  . GLN   A 1 12  ? -5.821  -3.333  3.399   1.00 59.94  ? 12  GLN   A CA  1 
ATOM   71  C C   . GLN   A 1 12  ? -4.741  -3.816  2.427   1.00 57.80  ? 12  GLN   A C   1 
ATOM   72  O O   . GLN   A 1 12  ? -3.560  -3.775  2.753   1.00 57.46  ? 12  GLN   A O   1 
ATOM   73  C CB  . GLN   A 1 12  ? -6.334  -4.475  4.271   1.00 60.15  ? 12  GLN   A CB  1 
ATOM   74  C CG  . GLN   A 1 12  ? -7.164  -3.963  5.441   1.00 64.41  ? 12  GLN   A CG  1 
ATOM   75  C CD  . GLN   A 1 12  ? -7.971  -5.034  6.166   1.00 67.87  ? 12  GLN   A CD  1 
ATOM   76  O OE1 . GLN   A 1 12  ? -8.169  -6.155  5.676   1.00 66.45  ? 12  GLN   A OE1 1 
ATOM   77  N NE2 . GLN   A 1 12  ? -8.451  -4.680  7.353   1.00 70.55  ? 12  GLN   A NE2 1 
ATOM   78  N N   . THR   A 1 13  ? -5.142  -4.263  1.240   1.00 55.16  ? 13  THR   A N   1 
ATOM   79  C CA  . THR   A 1 13  ? -4.185  -4.639  0.206   1.00 55.66  ? 13  THR   A CA  1 
ATOM   80  C C   . THR   A 1 13  ? -3.404  -3.407  -0.240  1.00 56.51  ? 13  THR   A C   1 
ATOM   81  O O   . THR   A 1 13  ? -2.175  -3.402  -0.214  1.00 57.20  ? 13  THR   A O   1 
ATOM   82  C CB  . THR   A 1 13  ? -4.884  -5.263  -1.014  1.00 55.49  ? 13  THR   A CB  1 
ATOM   83  O OG1 . THR   A 1 13  ? -5.585  -6.446  -0.612  1.00 56.73  ? 13  THR   A OG1 1 
ATOM   84  C CG2 . THR   A 1 13  ? -3.877  -5.626  -2.087  1.00 55.94  ? 13  THR   A CG2 1 
ATOM   85  N N   . ASN   A 1 14  ? -4.137  -2.367  -0.637  1.00 57.19  ? 14  ASN   A N   1 
ATOM   86  C CA  . ASN   A 1 14  ? -3.550  -1.080  -1.005  1.00 56.05  ? 14  ASN   A CA  1 
ATOM   87  C C   . ASN   A 1 14  ? -2.540  -0.582  0.017   1.00 55.34  ? 14  ASN   A C   1 
ATOM   88  O O   . ASN   A 1 14  ? -1.497  -0.072  -0.343  1.00 58.43  ? 14  ASN   A O   1 
ATOM   89  C CB  . ASN   A 1 14  ? -4.636  -0.015  -1.184  1.00 55.81  ? 14  ASN   A CB  1 
ATOM   90  C CG  . ASN   A 1 14  ? -5.149  0.062   -2.604  1.00 58.14  ? 14  ASN   A CG  1 
ATOM   91  O OD1 . ASN   A 1 14  ? -4.882  1.029   -3.312  1.00 58.05  ? 14  ASN   A OD1 1 
ATOM   92  N ND2 . ASN   A 1 14  ? -5.880  -0.961  -3.035  1.00 59.90  ? 14  ASN   A ND2 1 
HETATM 93  N N1  . A1D64 A 1 15  ? -0.482  5.587   5.110   1.00 78.58  ? 15  A1D64 A N1  1 
HETATM 94  C C4  . A1D64 A 1 15  ? -2.178  2.522   4.188   1.00 69.06  ? 15  A1D64 A C4  1 
HETATM 95  C C5  . A1D64 A 1 15  ? -1.818  3.858   4.203   1.00 71.69  ? 15  A1D64 A C5  1 
HETATM 96  C C6  . A1D64 A 1 15  ? -0.829  4.290   5.090   1.00 74.99  ? 15  A1D64 A C6  1 
HETATM 97  C C7  . A1D64 A 1 15  ? -0.193  3.413   5.961   1.00 73.46  ? 15  A1D64 A C7  1 
HETATM 98  C C8  . A1D64 A 1 15  ? -0.556  2.077   5.945   1.00 71.73  ? 15  A1D64 A C8  1 
HETATM 99  C C   . A1D64 A 1 15  ? -0.723  -1.055  2.465   1.00 56.06  ? 15  A1D64 A C   1 
HETATM 100 O O   . A1D64 A 1 15  ? 0.350   -0.422  2.628   1.00 52.44  ? 15  A1D64 A O   1 
HETATM 101 C CA  . A1D64 A 1 15  ? -2.006  -0.268  2.403   1.00 56.78  ? 15  A1D64 A CA  1 
HETATM 102 N N   . A1D64 A 1 15  ? -2.853  -0.717  1.292   1.00 54.88  ? 15  A1D64 A N   1 
HETATM 103 C CB  . A1D64 A 1 15  ? -2.832  -0.438  3.673   1.00 60.19  ? 15  A1D64 A CB  1 
HETATM 104 S SG  . A1D64 A 1 15  ? -1.905  -0.008  5.100   1.00 66.11  ? 15  A1D64 A SG  1 
HETATM 105 C C3  . A1D64 A 1 15  ? -1.536  1.638   5.061   1.00 68.92  ? 15  A1D64 A C3  1 
ATOM   106 N N   . ILE   A 1 16  ? -0.827  -2.387  2.340   1.00 55.69  ? 16  ILE   A N   1 
ATOM   107 C CA  . ILE   A 1 16  ? 0.303   -3.297  2.347   1.00 55.92  ? 16  ILE   A CA  1 
ATOM   108 C C   . ILE   A 1 16  ? 1.219   -3.044  1.150   1.00 56.39  ? 16  ILE   A C   1 
ATOM   109 O O   . ILE   A 1 16  ? 2.426   -2.947  1.314   1.00 53.37  ? 16  ILE   A O   1 
ATOM   110 C CB  . ILE   A 1 16  ? -0.180  -4.764  2.382   1.00 55.32  ? 16  ILE   A CB  1 
ATOM   111 C CG1 . ILE   A 1 16  ? -0.798  -5.052  3.753   1.00 56.83  ? 16  ILE   A CG1 1 
ATOM   112 C CG2 . ILE   A 1 16  ? 0.965   -5.737  2.128   1.00 54.89  ? 16  ILE   A CG2 1 
ATOM   113 C CD1 . ILE   A 1 16  ? -1.683  -6.274  3.790   1.00 57.63  ? 16  ILE   A CD1 1 
ATOM   114 N N   . LEU   A 1 17  ? 0.621   -2.918  -0.037  1.00 55.25  ? 17  LEU   A N   1 
ATOM   115 C CA  . LEU   A 1 17  ? 1.365   -2.659  -1.266  1.00 53.46  ? 17  LEU   A CA  1 
ATOM   116 C C   . LEU   A 1 17  ? 2.169   -1.367  -1.185  1.00 54.62  ? 17  LEU   A C   1 
ATOM   117 O O   . LEU   A 1 17  ? 3.357   -1.373  -1.484  1.00 59.21  ? 17  LEU   A O   1 
ATOM   118 C CB  . LEU   A 1 17  ? 0.422   -2.622  -2.468  1.00 53.16  ? 17  LEU   A CB  1 
ATOM   119 C CG  . LEU   A 1 17  ? -0.219  -3.963  -2.841  1.00 54.32  ? 17  LEU   A CG  1 
ATOM   120 C CD1 . LEU   A 1 17  ? -1.166  -3.806  -4.025  1.00 54.62  ? 17  LEU   A CD1 1 
ATOM   121 C CD2 . LEU   A 1 17  ? 0.845   -5.008  -3.146  1.00 55.00  ? 17  LEU   A CD2 1 
ATOM   122 N N   . LEU   A 1 18  ? 1.536   -0.274  -0.762  1.00 53.25  ? 18  LEU   A N   1 
ATOM   123 C CA  . LEU   A 1 18  ? 2.238   1.005   -0.591  1.00 53.61  ? 18  LEU   A CA  1 
ATOM   124 C C   . LEU   A 1 18  ? 3.366   0.949   0.438   1.00 54.29  ? 18  LEU   A C   1 
ATOM   125 O O   . LEU   A 1 18  ? 4.340   1.698   0.332   1.00 57.75  ? 18  LEU   A O   1 
ATOM   126 C CB  . LEU   A 1 18  ? 1.274   2.124   -0.189  1.00 53.34  ? 18  LEU   A CB  1 
ATOM   127 C CG  . LEU   A 1 18  ? 0.277   2.581   -1.249  1.00 55.35  ? 18  LEU   A CG  1 
ATOM   128 C CD1 . LEU   A 1 18  ? -0.654  3.622   -0.652  1.00 55.12  ? 18  LEU   A CD1 1 
ATOM   129 C CD2 . LEU   A 1 18  ? 0.988   3.131   -2.477  1.00 55.77  ? 18  LEU   A CD2 1 
ATOM   130 N N   . ASN   A 1 19  ? 3.232   0.093   1.445   1.00 51.54  ? 19  ASN   A N   1 
ATOM   131 C CA  . ASN   A 1 19  ? 4.303   -0.063  2.420   1.00 53.88  ? 19  ASN   A CA  1 
ATOM   132 C C   . ASN   A 1 19  ? 5.484   -0.852  1.874   1.00 53.82  ? 19  ASN   A C   1 
ATOM   133 O O   . ASN   A 1 19  ? 6.606   -0.682  2.348   1.00 56.10  ? 19  ASN   A O   1 
ATOM   134 C CB  . ASN   A 1 19  ? 3.791   -0.671  3.724   1.00 55.31  ? 19  ASN   A CB  1 
ATOM   135 C CG  . ASN   A 1 19  ? 3.350   0.388   4.713   1.00 56.72  ? 19  ASN   A CG  1 
ATOM   136 O OD1 . ASN   A 1 19  ? 4.172   0.961   5.430   1.00 57.89  ? 19  ASN   A OD1 1 
ATOM   137 N ND2 . ASN   A 1 19  ? 2.055   0.675   4.739   1.00 57.16  ? 19  ASN   A ND2 1 
ATOM   138 N N   . VAL   A 1 20  ? 5.240   -1.695  0.874   1.00 51.38  ? 20  VAL   A N   1 
ATOM   139 C CA  . VAL   A 1 20  ? 6.325   -2.384  0.187   1.00 51.05  ? 20  VAL   A CA  1 
ATOM   140 C C   . VAL   A 1 20  ? 7.135   -1.357  -0.591  1.00 51.50  ? 20  VAL   A C   1 
ATOM   141 O O   . VAL   A 1 20  ? 8.361   -1.370  -0.552  1.00 51.51  ? 20  VAL   A O   1 
ATOM   142 C CB  . VAL   A 1 20  ? 5.812   -3.474  -0.776  1.00 50.70  ? 20  VAL   A CB  1 
ATOM   143 C CG1 . VAL   A 1 20  ? 6.964   -4.052  -1.598  1.00 48.88  ? 20  VAL   A CG1 1 
ATOM   144 C CG2 . VAL   A 1 20  ? 5.096   -4.573  -0.001  1.00 50.10  ? 20  VAL   A CG2 1 
ATOM   145 N N   . LEU   A 1 21  ? 6.433   -0.462  -1.277  1.00 54.04  ? 21  LEU   A N   1 
ATOM   146 C CA  . LEU   A 1 21  ? 7.069   0.608   -2.037  1.00 57.80  ? 21  LEU   A CA  1 
ATOM   147 C C   . LEU   A 1 21  ? 7.726   1.642   -1.139  1.00 60.72  ? 21  LEU   A C   1 
ATOM   148 O O   . LEU   A 1 21  ? 8.573   2.397   -1.601  1.00 65.29  ? 21  LEU   A O   1 
ATOM   149 C CB  . LEU   A 1 21  ? 6.060   1.298   -2.959  1.00 57.76  ? 21  LEU   A CB  1 
ATOM   150 C CG  . LEU   A 1 21  ? 5.410   0.402   -4.014  1.00 58.58  ? 21  LEU   A CG  1 
ATOM   151 C CD1 . LEU   A 1 21  ? 4.550   1.243   -4.941  1.00 58.37  ? 21  LEU   A CD1 1 
ATOM   152 C CD2 . LEU   A 1 21  ? 6.449   -0.384  -4.808  1.00 59.05  ? 21  LEU   A CD2 1 
ATOM   153 N N   . LYS   A 1 22  ? 7.320   1.686   0.129   1.00 65.07  ? 22  LYS   A N   1 
ATOM   154 C CA  . LYS   A 1 22  ? 8.026   2.462   1.151   1.00 66.07  ? 22  LYS   A CA  1 
ATOM   155 C C   . LYS   A 1 22  ? 9.429   1.905   1.379   1.00 64.47  ? 22  LYS   A C   1 
ATOM   156 O O   . LYS   A 1 22  ? 10.378  2.662   1.552   1.00 64.02  ? 22  LYS   A O   1 
ATOM   157 C CB  . LYS   A 1 22  ? 7.267   2.446   2.481   1.00 68.87  ? 22  LYS   A CB  1 
ATOM   158 C CG  . LYS   A 1 22  ? 7.500   3.693   3.320   1.00 70.19  ? 22  LYS   A CG  1 
ATOM   159 C CD  . LYS   A 1 22  ? 6.505   4.781   2.943   1.00 73.38  ? 22  LYS   A CD  1 
ATOM   160 C CE  . LYS   A 1 22  ? 7.143   6.155   2.848   1.00 75.22  ? 22  LYS   A CE  1 
ATOM   161 N NZ  . LYS   A 1 22  ? 7.704   6.649   4.135   1.00 76.20  ? 22  LYS   A NZ  1 
ATOM   162 N N   . GLN   A 1 23  ? 9.553   0.579   1.369   1.00 65.81  ? 23  GLN   A N   1 
ATOM   163 C CA  . GLN   A 1 23  ? 10.855  -0.081  1.562   1.00 67.20  ? 23  GLN   A CA  1 
ATOM   164 C C   . GLN   A 1 23  ? 11.815  0.092   0.374   1.00 63.28  ? 23  GLN   A C   1 
ATOM   165 O O   . GLN   A 1 23  ? 12.994  -0.245  0.479   1.00 62.62  ? 23  GLN   A O   1 
ATOM   166 C CB  . GLN   A 1 23  ? 10.681  -1.581  1.840   1.00 70.02  ? 23  GLN   A CB  1 
ATOM   167 C CG  . GLN   A 1 23  ? 9.616   -1.951  2.865   1.00 73.99  ? 23  GLN   A CG  1 
ATOM   168 C CD  . GLN   A 1 23  ? 9.627   -1.068  4.104   1.00 77.57  ? 23  GLN   A CD  1 
ATOM   169 O OE1 . GLN   A 1 23  ? 10.689  -0.732  4.638   1.00 79.06  ? 23  GLN   A OE1 1 
ATOM   170 N NE2 . GLN   A 1 23  ? 8.439   -0.699  4.579   1.00 79.68  ? 23  GLN   A NE2 1 
ATOM   171 N N   . GLY   A 1 24  ? 11.312  0.604   -0.745  1.00 58.66  ? 24  GLY   A N   1 
ATOM   172 C CA  . GLY   A 1 24  ? 12.114  0.786   -1.942  1.00 55.27  ? 24  GLY   A CA  1 
ATOM   173 C C   . GLY   A 1 24  ? 11.321  0.440   -3.182  1.00 52.18  ? 24  GLY   A C   1 
ATOM   174 O O   . GLY   A 1 24  ? 10.371  -0.346  -3.134  1.00 50.67  ? 24  GLY   A O   1 
ATOM   175 N N   . ASP   A 1 25  ? 11.722  1.028   -4.304  1.00 49.53  ? 25  ASP   A N   1 
ATOM   176 C CA  . ASP   A 1 25  ? 11.075  0.754   -5.577  1.00 47.70  ? 25  ASP   A CA  1 
ATOM   177 C C   . ASP   A 1 25  ? 11.057  -0.745  -5.822  1.00 47.54  ? 25  ASP   A C   1 
ATOM   178 O O   . ASP   A 1 25  ? 11.964  -1.455  -5.380  1.00 49.06  ? 25  ASP   A O   1 
ATOM   179 C CB  . ASP   A 1 25  ? 11.820  1.445   -6.713  1.00 47.52  ? 25  ASP   A CB  1 
ATOM   180 C CG  . ASP   A 1 25  ? 11.805  2.950   -6.590  1.00 49.16  ? 25  ASP   A CG  1 
ATOM   181 O OD1 . ASP   A 1 25  ? 11.435  3.462   -5.516  1.00 48.75  ? 25  ASP   A OD1 1 
ATOM   182 O OD2 . ASP   A 1 25  ? 12.172  3.624   -7.570  1.00 51.88  ? 25  ASP   A OD2 1 
ATOM   183 N N   . ASN   A 1 26  ? 10.035  -1.236  -6.517  1.00 45.59  ? 26  ASN   A N   1 
ATOM   184 C CA  . ASN   A 1 26  ? 9.949   -2.668  -6.798  1.00 43.98  ? 26  ASN   A CA  1 
ATOM   185 C C   . ASN   A 1 26  ? 9.128   -2.994  -8.039  1.00 42.91  ? 26  ASN   A C   1 
ATOM   186 O O   . ASN   A 1 26  ? 8.479   -2.127  -8.627  1.00 42.80  ? 26  ASN   A O   1 
ATOM   187 C CB  . ASN   A 1 26  ? 9.385   -3.402  -5.577  1.00 46.10  ? 26  ASN   A CB  1 
ATOM   188 C CG  . ASN   A 1 26  ? 10.008  -4.776  -5.372  1.00 45.69  ? 26  ASN   A CG  1 
ATOM   189 O OD1 . ASN   A 1 26  ? 10.388  -5.451  -6.328  1.00 42.88  ? 26  ASN   A OD1 1 
ATOM   190 N ND2 . ASN   A 1 26  ? 10.098  -5.200  -4.113  1.00 44.62  ? 26  ASN   A ND2 1 
ATOM   191 N N   . TYR   A 1 27  ? 9.179   -4.259  -8.433  1.00 41.59  ? 27  TYR   A N   1 
ATOM   192 C CA  . TYR   A 1 27  ? 8.513   -4.741  -9.632  1.00 42.44  ? 27  TYR   A CA  1 
ATOM   193 C C   . TYR   A 1 27  ? 7.603   -5.877  -9.174  1.00 44.12  ? 27  TYR   A C   1 
ATOM   194 O O   . TYR   A 1 27  ? 7.798   -6.427  -8.084  1.00 44.30  ? 27  TYR   A O   1 
ATOM   195 C CB  . TYR   A 1 27  ? 9.539   -5.203  -10.685 1.00 41.28  ? 27  TYR   A CB  1 
ATOM   196 C CG  . TYR   A 1 27  ? 10.260  -6.471  -10.305 1.00 40.20  ? 27  TYR   A CG  1 
ATOM   197 C CD1 . TYR   A 1 27  ? 11.197  -6.482  -9.278  1.00 39.20  ? 27  TYR   A CD1 1 
ATOM   198 C CD2 . TYR   A 1 27  ? 9.985   -7.667  -10.958 1.00 39.75  ? 27  TYR   A CD2 1 
ATOM   199 C CE1 . TYR   A 1 27  ? 11.834  -7.649  -8.910  1.00 39.72  ? 27  TYR   A CE1 1 
ATOM   200 C CE2 . TYR   A 1 27  ? 10.626  -8.837  -10.606 1.00 40.03  ? 27  TYR   A CE2 1 
ATOM   201 C CZ  . TYR   A 1 27  ? 11.545  -8.824  -9.580  1.00 41.01  ? 27  TYR   A CZ  1 
ATOM   202 O OH  . TYR   A 1 27  ? 12.176  -9.995  -9.222  1.00 44.46  ? 27  TYR   A OH  1 
ATOM   203 N N   . VAL   A 1 28  ? 6.617   -6.218  -9.998  1.00 45.17  ? 28  VAL   A N   1 
ATOM   204 C CA  . VAL   A 1 28  ? 5.533   -7.129  -9.590  1.00 46.30  ? 28  VAL   A CA  1 
ATOM   205 C C   . VAL   A 1 28  ? 5.992   -8.294  -8.716  1.00 45.25  ? 28  VAL   A C   1 
ATOM   206 O O   . VAL   A 1 28  ? 5.628   -8.374  -7.545  1.00 44.64  ? 28  VAL   A O   1 
ATOM   207 C CB  . VAL   A 1 28  ? 4.785   -7.687  -10.816 1.00 48.11  ? 28  VAL   A CB  1 
ATOM   208 C CG1 . VAL   A 1 28  ? 3.766   -8.744  -10.412 1.00 48.86  ? 28  VAL   A CG1 1 
ATOM   209 C CG2 . VAL   A 1 28  ? 4.093   -6.555  -11.546 1.00 51.17  ? 28  VAL   A CG2 1 
ATOM   210 N N   . TYR   A 1 29  ? 6.794   -9.190  -9.282  1.00 44.55  ? 29  TYR   A N   1 
ATOM   211 C CA  . TYR   A 1 29  ? 7.125   -10.441 -8.596  1.00 43.48  ? 29  TYR   A CA  1 
ATOM   212 C C   . TYR   A 1 29  ? 7.935   -10.203 -7.327  1.00 42.52  ? 29  TYR   A C   1 
ATOM   213 O O   . TYR   A 1 29  ? 7.741   -10.880 -6.326  1.00 42.99  ? 29  TYR   A O   1 
ATOM   214 C CB  . TYR   A 1 29  ? 7.816   -11.417 -9.555  1.00 42.35  ? 29  TYR   A CB  1 
ATOM   215 C CG  . TYR   A 1 29  ? 6.885   -11.887 -10.654 1.00 41.34  ? 29  TYR   A CG  1 
ATOM   216 C CD1 . TYR   A 1 29  ? 5.747   -12.633 -10.353 1.00 41.47  ? 29  TYR   A CD1 1 
ATOM   217 C CD2 . TYR   A 1 29  ? 7.123   -11.569 -11.986 1.00 41.08  ? 29  TYR   A CD2 1 
ATOM   218 C CE1 . TYR   A 1 29  ? 4.877   -13.055 -11.345 1.00 41.42  ? 29  TYR   A CE1 1 
ATOM   219 C CE2 . TYR   A 1 29  ? 6.263   -11.989 -12.988 1.00 41.23  ? 29  TYR   A CE2 1 
ATOM   220 C CZ  . TYR   A 1 29  ? 5.139   -12.734 -12.664 1.00 42.04  ? 29  TYR   A CZ  1 
ATOM   221 O OH  . TYR   A 1 29  ? 4.273   -13.163 -13.653 1.00 41.32  ? 29  TYR   A OH  1 
ATOM   222 N N   . GLY   A 1 30  ? 8.806   -9.208  -7.354  1.00 43.22  ? 30  GLY   A N   1 
ATOM   223 C CA  . GLY   A 1 30  ? 9.485   -8.774  -6.141  1.00 45.04  ? 30  GLY   A CA  1 
ATOM   224 C C   . GLY   A 1 30  ? 8.496   -8.415  -5.046  1.00 46.38  ? 30  GLY   A C   1 
ATOM   225 O O   . GLY   A 1 30  ? 8.691   -8.794  -3.891  1.00 47.54  ? 30  GLY   A O   1 
ATOM   226 N N   . ILE   A 1 31  ? 7.433   -7.697  -5.419  1.00 46.37  ? 31  ILE   A N   1 
ATOM   227 C CA  . ILE   A 1 31  ? 6.371   -7.304  -4.487  1.00 46.32  ? 31  ILE   A CA  1 
ATOM   228 C C   . ILE   A 1 31  ? 5.582   -8.521  -4.008  1.00 47.27  ? 31  ILE   A C   1 
ATOM   229 O O   . ILE   A 1 31  ? 5.380   -8.702  -2.801  1.00 46.27  ? 31  ILE   A O   1 
ATOM   230 C CB  . ILE   A 1 31  ? 5.375   -6.312  -5.128  1.00 46.75  ? 31  ILE   A CB  1 
ATOM   231 C CG1 . ILE   A 1 31  ? 6.076   -5.015  -5.554  1.00 47.51  ? 31  ILE   A CG1 1 
ATOM   232 C CG2 . ILE   A 1 31  ? 4.235   -5.988  -4.173  1.00 46.78  ? 31  ILE   A CG2 1 
ATOM   233 C CD1 . ILE   A 1 31  ? 5.360   -4.308  -6.688  1.00 47.06  ? 31  ILE   A CD1 1 
ATOM   234 N N   . ILE   A 1 32  ? 5.132   -9.342  -4.956  1.00 47.26  ? 32  ILE   A N   1 
ATOM   235 C CA  . ILE   A 1 32  ? 4.344   -10.535 -4.639  1.00 46.86  ? 32  ILE   A CA  1 
ATOM   236 C C   . ILE   A 1 32  ? 5.092   -11.491 -3.708  1.00 49.91  ? 32  ILE   A C   1 
ATOM   237 O O   . ILE   A 1 32  ? 4.511   -12.006 -2.761  1.00 50.63  ? 32  ILE   A O   1 
ATOM   238 C CB  . ILE   A 1 32  ? 3.905   -11.276 -5.913  1.00 44.68  ? 32  ILE   A CB  1 
ATOM   239 C CG1 . ILE   A 1 32  ? 2.812   -10.477 -6.621  1.00 44.12  ? 32  ILE   A CG1 1 
ATOM   240 C CG2 . ILE   A 1 32  ? 3.393   -12.678 -5.591  1.00 43.96  ? 32  ILE   A CG2 1 
ATOM   241 C CD1 . ILE   A 1 32  ? 2.416   -11.034 -7.979  1.00 44.09  ? 32  ILE   A CD1 1 
ATOM   242 N N   . LYS   A 1 33  ? 6.374   -11.721 -3.969  1.00 55.37  ? 33  LYS   A N   1 
ATOM   243 C CA  . LYS   A 1 33  ? 7.165   -12.608 -3.122  1.00 59.31  ? 33  LYS   A CA  1 
ATOM   244 C C   . LYS   A 1 33  ? 7.389   -12.005 -1.742  1.00 59.64  ? 33  LYS   A C   1 
ATOM   245 O O   . LYS   A 1 33  ? 7.377   -12.725 -0.747  1.00 62.42  ? 33  LYS   A O   1 
ATOM   246 C CB  . LYS   A 1 33  ? 8.514   -12.941 -3.764  1.00 63.07  ? 33  LYS   A CB  1 
ATOM   247 C CG  . LYS   A 1 33  ? 9.248   -14.079 -3.061  1.00 65.99  ? 33  LYS   A CG  1 
ATOM   248 C CD  . LYS   A 1 33  ? 10.661  -14.266 -3.593  1.00 68.99  ? 33  LYS   A CD  1 
ATOM   249 C CE  . LYS   A 1 33  ? 11.579  -14.894 -2.554  1.00 69.56  ? 33  LYS   A CE  1 
ATOM   250 N NZ  . LYS   A 1 33  ? 13.000  -14.540 -2.819  1.00 70.09  ? 33  LYS   A NZ  1 
ATOM   251 N N   . GLN   A 1 34  ? 7.605   -10.694 -1.683  1.00 59.83  ? 34  GLN   A N   1 
ATOM   252 C CA  . GLN   A 1 34  ? 7.761   -10.011 -0.400  1.00 62.54  ? 34  GLN   A CA  1 
ATOM   253 C C   . GLN   A 1 34  ? 6.483   -10.046 0.447   1.00 63.82  ? 34  GLN   A C   1 
ATOM   254 O O   . GLN   A 1 34  ? 6.550   -10.149 1.673   1.00 63.69  ? 34  GLN   A O   1 
ATOM   255 C CB  . GLN   A 1 34  ? 8.208   -8.560  -0.594  1.00 63.45  ? 34  GLN   A CB  1 
ATOM   256 C CG  . GLN   A 1 34  ? 9.710   -8.359  -0.468  1.00 66.73  ? 34  GLN   A CG  1 
ATOM   257 C CD  . GLN   A 1 34  ? 10.069  -6.932  -0.090  1.00 70.14  ? 34  GLN   A CD  1 
ATOM   258 O OE1 . GLN   A 1 34  ? 10.403  -6.641  1.064   1.00 72.05  ? 34  GLN   A OE1 1 
ATOM   259 N NE2 . GLN   A 1 34  ? 9.977   -6.028  -1.057  1.00 72.11  ? 34  GLN   A NE2 1 
ATOM   260 N N   . VAL   A 1 35  ? 5.327   -9.956  -0.205  1.00 65.00  ? 35  VAL   A N   1 
ATOM   261 C CA  . VAL   A 1 35  ? 4.037   -9.978  0.490   1.00 65.73  ? 35  VAL   A CA  1 
ATOM   262 C C   . VAL   A 1 35  ? 3.734   -11.381 1.025   1.00 65.88  ? 35  VAL   A C   1 
ATOM   263 O O   . VAL   A 1 35  ? 3.330   -11.532 2.175   1.00 67.98  ? 35  VAL   A O   1 
ATOM   264 C CB  . VAL   A 1 35  ? 2.902   -9.469  -0.427  1.00 65.21  ? 35  VAL   A CB  1 
ATOM   265 C CG1 . VAL   A 1 35  ? 1.532   -9.746  0.175   1.00 65.49  ? 35  VAL   A CG1 1 
ATOM   266 C CG2 . VAL   A 1 35  ? 3.075   -7.980  -0.687  1.00 64.33  ? 35  VAL   A CG2 1 
ATOM   267 N N   . LYS   A 1 36  ? 3.930   -12.393 0.183   1.00 65.07  ? 36  LYS   A N   1 
ATOM   268 C CA  . LYS   A 1 36  ? 3.854   -13.801 0.586   1.00 66.15  ? 36  LYS   A CA  1 
ATOM   269 C C   . LYS   A 1 36  ? 4.711   -14.086 1.822   1.00 68.93  ? 36  LYS   A C   1 
ATOM   270 O O   . LYS   A 1 36  ? 4.279   -14.772 2.747   1.00 71.55  ? 36  LYS   A O   1 
ATOM   271 C CB  . LYS   A 1 36  ? 4.321   -14.685 -0.574  1.00 67.35  ? 36  LYS   A CB  1 
ATOM   272 C CG  . LYS   A 1 36  ? 4.200   -16.184 -0.351  1.00 69.73  ? 36  LYS   A CG  1 
ATOM   273 C CD  . LYS   A 1 36  ? 4.480   -16.948 -1.640  1.00 71.56  ? 36  LYS   A CD  1 
ATOM   274 C CE  . LYS   A 1 36  ? 4.249   -18.446 -1.492  1.00 72.04  ? 36  LYS   A CE  1 
ATOM   275 N NZ  . LYS   A 1 36  ? 5.378   -19.147 -0.821  1.00 72.06  ? 36  LYS   A NZ  1 
ATOM   276 N N   . GLU   A 1 37  ? 5.928   -13.548 1.822   1.00 72.14  ? 37  GLU   A N   1 
ATOM   277 C CA  . GLU   A 1 37  ? 6.882   -13.744 2.912   1.00 72.28  ? 37  GLU   A CA  1 
ATOM   278 C C   . GLU   A 1 37  ? 6.378   -13.097 4.202   1.00 69.84  ? 37  GLU   A C   1 
ATOM   279 O O   . GLU   A 1 37  ? 6.191   -13.772 5.217   1.00 69.22  ? 37  GLU   A O   1 
ATOM   280 C CB  . GLU   A 1 37  ? 8.241   -13.141 2.524   1.00 75.70  ? 37  GLU   A CB  1 
ATOM   281 C CG  . GLU   A 1 37  ? 9.424   -13.589 3.377   1.00 79.36  ? 37  GLU   A CG  1 
ATOM   282 C CD  . GLU   A 1 37  ? 10.380  -14.542 2.659   1.00 85.16  ? 37  GLU   A CD  1 
ATOM   283 O OE1 . GLU   A 1 37  ? 10.238  -14.759 1.428   1.00 85.07  ? 37  GLU   A OE1 1 
ATOM   284 O OE2 . GLU   A 1 37  ? 11.293  -15.073 3.337   1.00 86.82  ? 37  GLU   A OE2 1 
ATOM   285 N N   . ALA   A 1 38  ? 6.136   -11.790 4.143   1.00 68.19  ? 38  ALA   A N   1 
ATOM   286 C CA  . ALA   A 1 38  ? 5.803   -11.005 5.332   1.00 66.74  ? 38  ALA   A CA  1 
ATOM   287 C C   . ALA   A 1 38  ? 4.413   -11.319 5.885   1.00 67.03  ? 38  ALA   A C   1 
ATOM   288 O O   . ALA   A 1 38  ? 4.112   -10.960 7.017   1.00 68.49  ? 38  ALA   A O   1 
ATOM   289 C CB  . ALA   A 1 38  ? 5.935   -9.518  5.036   1.00 65.55  ? 38  ALA   A CB  1 
ATOM   290 N N   . SER   A 1 39  ? 3.576   -11.980 5.085   1.00 68.02  ? 39  SER   A N   1 
ATOM   291 C CA  . SER   A 1 39  ? 2.252   -12.416 5.515   1.00 67.51  ? 39  SER   A CA  1 
ATOM   292 C C   . SER   A 1 39  ? 2.205   -13.914 5.836   1.00 70.04  ? 39  SER   A C   1 
ATOM   293 O O   . SER   A 1 39  ? 1.119   -14.493 5.958   1.00 69.29  ? 39  SER   A O   1 
ATOM   294 C CB  . SER   A 1 39  ? 1.230   -12.100 4.425   1.00 67.94  ? 39  SER   A CB  1 
ATOM   295 O OG  . SER   A 1 39  ? 1.390   -12.964 3.316   1.00 67.68  ? 39  SER   A OG  1 
ATOM   296 N N   . ASN   A 1 40  ? 3.378   -14.537 5.964   1.00 69.79  ? 40  ASN   A N   1 
ATOM   297 C CA  . ASN   A 1 40  ? 3.492   -15.956 6.309   1.00 70.91  ? 40  ASN   A CA  1 
ATOM   298 C C   . ASN   A 1 40  ? 2.713   -16.884 5.371   1.00 68.38  ? 40  ASN   A C   1 
ATOM   299 O O   . ASN   A 1 40  ? 2.179   -17.898 5.805   1.00 70.92  ? 40  ASN   A O   1 
ATOM   300 C CB  . ASN   A 1 40  ? 3.061   -16.188 7.771   1.00 73.34  ? 40  ASN   A CB  1 
ATOM   301 C CG  . ASN   A 1 40  ? 3.906   -15.405 8.769   1.00 75.19  ? 40  ASN   A CG  1 
ATOM   302 O OD1 . ASN   A 1 40  ? 5.132   -15.340 8.648   1.00 75.45  ? 40  ASN   A OD1 1 
ATOM   303 N ND2 . ASN   A 1 40  ? 3.253   -14.821 9.775   1.00 75.24  ? 40  ASN   A ND2 1 
ATOM   304 N N   . GLY   A 1 41  ? 2.645   -16.530 4.088   1.00 68.83  ? 41  GLY   A N   1 
ATOM   305 C CA  . GLY   A 1 41  ? 1.979   -17.366 3.082   1.00 67.81  ? 41  GLY   A CA  1 
ATOM   306 C C   . GLY   A 1 41  ? 0.489   -17.123 2.895   1.00 68.87  ? 41  GLY   A C   1 
ATOM   307 O O   . GLY   A 1 41  ? -0.100  -17.619 1.933   1.00 67.04  ? 41  GLY   A O   1 
ATOM   308 N N   . GLU   A 1 42  ? -0.123  -16.352 3.794   1.00 71.95  ? 42  GLU   A N   1 
ATOM   309 C CA  . GLU   A 1 42  ? -1.565  -16.081 3.742   1.00 73.87  ? 42  GLU   A CA  1 
ATOM   310 C C   . GLU   A 1 42  ? -1.964  -15.332 2.475   1.00 73.33  ? 42  GLU   A C   1 
ATOM   311 O O   . GLU   A 1 42  ? -2.866  -15.749 1.753   1.00 74.56  ? 42  GLU   A O   1 
ATOM   312 C CB  . GLU   A 1 42  ? -1.996  -15.251 4.955   1.00 75.88  ? 42  GLU   A CB  1 
ATOM   313 C CG  . GLU   A 1 42  ? -1.909  -15.973 6.290   1.00 77.90  ? 42  GLU   A CG  1 
ATOM   314 C CD  . GLU   A 1 42  ? -2.383  -15.106 7.442   1.00 79.73  ? 42  GLU   A CD  1 
ATOM   315 O OE1 . GLU   A 1 42  ? -1.835  -14.001 7.627   1.00 80.61  ? 42  GLU   A OE1 1 
ATOM   316 O OE2 . GLU   A 1 42  ? -3.305  -15.528 8.167   1.00 84.08  ? 42  GLU   A OE2 1 
ATOM   317 N N   . MET   A 1 43  ? -1.273  -14.223 2.225   1.00 73.59  ? 43  MET   A N   1 
ATOM   318 C CA  . MET   A 1 43  ? -1.582  -13.322 1.121   1.00 71.76  ? 43  MET   A CA  1 
ATOM   319 C C   . MET   A 1 43  ? -0.696  -13.620 -0.093  1.00 72.17  ? 43  MET   A C   1 
ATOM   320 O O   . MET   A 1 43  ? 0.421   -13.098 -0.217  1.00 71.51  ? 43  MET   A O   1 
ATOM   321 C CB  . MET   A 1 43  ? -1.392  -11.880 1.591   1.00 71.71  ? 43  MET   A CB  1 
ATOM   322 C CG  . MET   A 1 43  ? -2.050  -10.835 0.707   1.00 74.02  ? 43  MET   A CG  1 
ATOM   323 S SD  . MET   A 1 43  ? -1.949  -9.173  1.414   1.00 76.75  ? 43  MET   A SD  1 
ATOM   324 C CE  . MET   A 1 43  ? -2.702  -9.449  3.018   1.00 78.03  ? 43  MET   A CE  1 
ATOM   325 N N   . GLU   A 1 44  ? -1.201  -14.482 -0.973  1.00 70.62  ? 44  GLU   A N   1 
ATOM   326 C CA  . GLU   A 1 44  ? -0.537  -14.808 -2.234  1.00 68.46  ? 44  GLU   A CA  1 
ATOM   327 C C   . GLU   A 1 44  ? -1.178  -14.001 -3.344  1.00 64.69  ? 44  GLU   A C   1 
ATOM   328 O O   . GLU   A 1 44  ? -2.226  -14.385 -3.867  1.00 64.69  ? 44  GLU   A O   1 
ATOM   329 C CB  . GLU   A 1 44  ? -0.675  -16.295 -2.560  1.00 71.33  ? 44  GLU   A CB  1 
ATOM   330 C CG  . GLU   A 1 44  ? 0.296   -17.206 -1.830  1.00 75.28  ? 44  GLU   A CG  1 
ATOM   331 C CD  . GLU   A 1 44  ? 0.402   -18.562 -2.500  1.00 77.46  ? 44  GLU   A CD  1 
ATOM   332 O OE1 . GLU   A 1 44  ? -0.651  -19.167 -2.788  1.00 77.99  ? 44  GLU   A OE1 1 
ATOM   333 O OE2 . GLU   A 1 44  ? 1.539   -19.015 -2.752  1.00 81.90  ? 44  GLU   A OE2 1 
ATOM   334 N N   . LEU   A 1 45  ? -0.545  -12.894 -3.718  1.00 60.80  ? 45  LEU   A N   1 
ATOM   335 C CA  . LEU   A 1 45  ? -1.177  -11.949 -4.634  1.00 58.28  ? 45  LEU   A CA  1 
ATOM   336 C C   . LEU   A 1 45  ? -1.142  -12.376 -6.090  1.00 54.06  ? 45  LEU   A C   1 
ATOM   337 O O   . LEU   A 1 45  ? -0.256  -13.090 -6.535  1.00 51.29  ? 45  LEU   A O   1 
ATOM   338 C CB  . LEU   A 1 45  ? -0.570  -10.553 -4.485  1.00 58.16  ? 45  LEU   A CB  1 
ATOM   339 C CG  . LEU   A 1 45  ? -1.152  -9.769  -3.313  1.00 56.99  ? 45  LEU   A CG  1 
ATOM   340 C CD1 . LEU   A 1 45  ? -0.341  -8.509  -3.049  1.00 56.88  ? 45  LEU   A CD1 1 
ATOM   341 C CD2 . LEU   A 1 45  ? -2.614  -9.437  -3.570  1.00 56.94  ? 45  LEU   A CD2 1 
ATOM   342 N N   . ASN   A 1 46  ? -2.138  -11.907 -6.819  1.00 55.53  ? 46  ASN   A N   1 
ATOM   343 C CA  . ASN   A 1 46  ? -2.290  -12.199 -8.226  1.00 55.87  ? 46  ASN   A CA  1 
ATOM   344 C C   . ASN   A 1 46  ? -1.678  -11.053 -9.022  1.00 53.61  ? 46  ASN   A C   1 
ATOM   345 O O   . ASN   A 1 46  ? -1.747  -9.910  -8.583  1.00 51.59  ? 46  ASN   A O   1 
ATOM   346 C CB  . ASN   A 1 46  ? -3.777  -12.322 -8.543  1.00 56.29  ? 46  ASN   A CB  1 
ATOM   347 C CG  . ASN   A 1 46  ? -4.036  -13.167 -9.758  1.00 59.97  ? 46  ASN   A CG  1 
ATOM   348 O OD1 . ASN   A 1 46  ? -4.108  -12.656 -10.875 1.00 66.83  ? 46  ASN   A OD1 1 
ATOM   349 N ND2 . ASN   A 1 46  ? -4.150  -14.475 -9.557  1.00 60.78  ? 46  ASN   A ND2 1 
ATOM   350 N N   . GLU   A 1 47  ? -1.086  -11.344 -10.180 1.00 53.19  ? 47  GLU   A N   1 
ATOM   351 C CA  . GLU   A 1 47  ? -0.521  -10.280 -11.021 1.00 51.97  ? 47  GLU   A CA  1 
ATOM   352 C C   . GLU   A 1 47  ? -1.632  -9.355  -11.529 1.00 49.66  ? 47  GLU   A C   1 
ATOM   353 O O   . GLU   A 1 47  ? -1.493  -8.135  -11.494 1.00 46.83  ? 47  GLU   A O   1 
ATOM   354 C CB  . GLU   A 1 47  ? 0.266   -10.839 -12.210 1.00 52.18  ? 47  GLU   A CB  1 
ATOM   355 C CG  . GLU   A 1 47  ? 1.390   -11.797 -11.852 1.00 51.96  ? 47  GLU   A CG  1 
ATOM   356 C CD  . GLU   A 1 47  ? 1.023   -13.240 -12.129 1.00 53.75  ? 47  GLU   A CD  1 
ATOM   357 O OE1 . GLU   A 1 47  ? -0.092  -13.654 -11.720 1.00 55.54  ? 47  GLU   A OE1 1 
ATOM   358 O OE2 . GLU   A 1 47  ? 1.844   -13.949 -12.763 1.00 50.01  ? 47  GLU   A OE2 1 
ATOM   359 N N   . ALA   A 1 48  ? -2.737  -9.946  -11.982 1.00 49.24  ? 48  ALA   A N   1 
ATOM   360 C CA  . ALA   A 1 48  ? -3.904  -9.182  -12.431 1.00 47.59  ? 48  ALA   A CA  1 
ATOM   361 C C   . ALA   A 1 48  ? -4.418  -8.213  -11.370 1.00 45.63  ? 48  ALA   A C   1 
ATOM   362 O O   . ALA   A 1 48  ? -4.774  -7.079  -11.676 1.00 44.62  ? 48  ALA   A O   1 
ATOM   363 C CB  . ALA   A 1 48  ? -5.019  -10.122 -12.850 1.00 46.59  ? 48  ALA   A CB  1 
ATOM   364 N N   . THR   A 1 49  ? -4.463  -8.671  -10.129 1.00 46.29  ? 49  THR   A N   1 
ATOM   365 C CA  . THR   A 1 49  ? -4.959  -7.863  -9.030  1.00 47.87  ? 49  THR   A CA  1 
ATOM   366 C C   . THR   A 1 49  ? -4.021  -6.698  -8.790  1.00 49.00  ? 49  THR   A C   1 
ATOM   367 O O   . THR   A 1 49  ? -4.440  -5.538  -8.768  1.00 48.22  ? 49  THR   A O   1 
ATOM   368 C CB  . THR   A 1 49  ? -5.061  -8.687  -7.735  1.00 49.89  ? 49  THR   A CB  1 
ATOM   369 O OG1 . THR   A 1 49  ? -5.908  -9.820  -7.955  1.00 52.56  ? 49  THR   A OG1 1 
ATOM   370 C CG2 . THR   A 1 49  ? -5.624  -7.843  -6.592  1.00 50.89  ? 49  THR   A CG2 1 
ATOM   371 N N   . LEU   A 1 50  ? -2.745  -7.029  -8.617  1.00 49.97  ? 50  LEU   A N   1 
ATOM   372 C CA  . LEU   A 1 50  ? -1.694  -6.046  -8.366  1.00 49.67  ? 50  LEU   A CA  1 
ATOM   373 C C   . LEU   A 1 50  ? -1.642  -4.943  -9.431  1.00 48.20  ? 50  LEU   A C   1 
ATOM   374 O O   . LEU   A 1 50  ? -1.513  -3.768  -9.103  1.00 46.26  ? 50  LEU   A O   1 
ATOM   375 C CB  . LEU   A 1 50  ? -0.350  -6.767  -8.264  1.00 50.07  ? 50  LEU   A CB  1 
ATOM   376 C CG  . LEU   A 1 50  ? 0.876   -5.909  -7.955  1.00 51.88  ? 50  LEU   A CG  1 
ATOM   377 C CD1 . LEU   A 1 50  ? 1.728   -6.528  -6.859  1.00 51.46  ? 50  LEU   A CD1 1 
ATOM   378 C CD2 . LEU   A 1 50  ? 1.694   -5.699  -9.219  1.00 53.75  ? 50  LEU   A CD2 1 
ATOM   379 N N   . TYR   A 1 51  ? -1.765  -5.328  -10.695 1.00 48.45  ? 51  TYR   A N   1 
ATOM   380 C CA  . TYR   A 1 51  ? -1.741  -4.370  -11.798 1.00 50.50  ? 51  TYR   A CA  1 
ATOM   381 C C   . TYR   A 1 51  ? -2.994  -3.499  -11.887 1.00 50.53  ? 51  TYR   A C   1 
ATOM   382 O O   . TYR   A 1 51  ? -2.909  -2.344  -12.305 1.00 50.89  ? 51  TYR   A O   1 
ATOM   383 C CB  . TYR   A 1 51  ? -1.527  -5.086  -13.131 1.00 52.51  ? 51  TYR   A CB  1 
ATOM   384 C CG  . TYR   A 1 51  ? -0.073  -5.254  -13.502 1.00 55.09  ? 51  TYR   A CG  1 
ATOM   385 C CD1 . TYR   A 1 51  ? 0.727   -4.143  -13.757 1.00 56.77  ? 51  TYR   A CD1 1 
ATOM   386 C CD2 . TYR   A 1 51  ? 0.500   -6.521  -13.624 1.00 56.11  ? 51  TYR   A CD2 1 
ATOM   387 C CE1 . TYR   A 1 51  ? 2.059   -4.286  -14.110 1.00 58.05  ? 51  TYR   A CE1 1 
ATOM   388 C CE2 . TYR   A 1 51  ? 1.829   -6.675  -13.979 1.00 56.38  ? 51  TYR   A CE2 1 
ATOM   389 C CZ  . TYR   A 1 51  ? 2.604   -5.555  -14.220 1.00 56.74  ? 51  TYR   A CZ  1 
ATOM   390 O OH  . TYR   A 1 51  ? 3.925   -5.699  -14.570 1.00 54.62  ? 51  TYR   A OH  1 
ATOM   391 N N   . THR   A 1 52  ? -4.148  -4.052  -11.524 1.00 50.17  ? 52  THR   A N   1 
ATOM   392 C CA  . THR   A 1 52  ? -5.393  -3.286  -11.494 1.00 48.19  ? 52  THR   A CA  1 
ATOM   393 C C   . THR   A 1 52  ? -5.298  -2.191  -10.446 1.00 46.74  ? 52  THR   A C   1 
ATOM   394 O O   . THR   A 1 52  ? -5.655  -1.045  -10.709 1.00 47.91  ? 52  THR   A O   1 
ATOM   395 C CB  . THR   A 1 52  ? -6.603  -4.183  -11.177 1.00 49.17  ? 52  THR   A CB  1 
ATOM   396 O OG1 . THR   A 1 52  ? -6.844  -5.060  -12.285 1.00 49.00  ? 52  THR   A OG1 1 
ATOM   397 C CG2 . THR   A 1 52  ? -7.858  -3.348  -10.902 1.00 48.34  ? 52  THR   A CG2 1 
ATOM   398 N N   . ILE   A 1 53  ? -4.809  -2.564  -9.268  1.00 45.79  ? 53  ILE   A N   1 
ATOM   399 C CA  . ILE   A 1 53  ? -4.606  -1.637  -8.159  1.00 46.66  ? 53  ILE   A CA  1 
ATOM   400 C C   . ILE   A 1 53  ? -3.539  -0.594  -8.497  1.00 48.85  ? 53  ILE   A C   1 
ATOM   401 O O   . ILE   A 1 53  ? -3.673  0.584   -8.154  1.00 51.06  ? 53  ILE   A O   1 
ATOM   402 C CB  . ILE   A 1 53  ? -4.175  -2.397  -6.887  1.00 46.49  ? 53  ILE   A CB  1 
ATOM   403 C CG1 . ILE   A 1 53  ? -5.333  -3.258  -6.367  1.00 47.46  ? 53  ILE   A CG1 1 
ATOM   404 C CG2 . ILE   A 1 53  ? -3.700  -1.435  -5.805  1.00 46.36  ? 53  ILE   A CG2 1 
ATOM   405 C CD1 . ILE   A 1 53  ? -4.892  -4.470  -5.568  1.00 47.79  ? 53  ILE   A CD1 1 
ATOM   406 N N   . PHE   A 1 54  ? -2.478  -1.040  -9.162  1.00 47.75  ? 54  PHE   A N   1 
ATOM   407 C CA  . PHE   A 1 54  ? -1.370  -0.159  -9.501  1.00 46.52  ? 54  PHE   A CA  1 
ATOM   408 C C   . PHE   A 1 54  ? -1.751  0.788   -10.614 1.00 45.63  ? 54  PHE   A C   1 
ATOM   409 O O   . PHE   A 1 54  ? -1.373  1.948   -10.576 1.00 47.67  ? 54  PHE   A O   1 
ATOM   410 C CB  . PHE   A 1 54  ? -0.108  -0.972  -9.828  1.00 46.33  ? 54  PHE   A CB  1 
ATOM   411 C CG  . PHE   A 1 54  ? 0.758   -1.254  -8.625  1.00 44.95  ? 54  PHE   A CG  1 
ATOM   412 C CD1 . PHE   A 1 54  ? 0.243   -1.190  -7.330  1.00 44.63  ? 54  PHE   A CD1 1 
ATOM   413 C CD2 . PHE   A 1 54  ? 2.092   -1.583  -8.785  1.00 43.89  ? 54  PHE   A CD2 1 
ATOM   414 C CE1 . PHE   A 1 54  ? 1.050   -1.431  -6.234  1.00 44.55  ? 54  PHE   A CE1 1 
ATOM   415 C CE2 . PHE   A 1 54  ? 2.901   -1.830  -7.691  1.00 42.66  ? 54  PHE   A CE2 1 
ATOM   416 C CZ  . PHE   A 1 54  ? 2.382   -1.753  -6.416  1.00 43.77  ? 54  PHE   A CZ  1 
ATOM   417 N N   . ASP   A 1 55  ? -2.527  0.313   -11.579 1.00 47.08  ? 55  ASP   A N   1 
ATOM   418 C CA  . ASP   A 1 55  ? -3.066  1.191   -12.626 1.00 50.65  ? 55  ASP   A CA  1 
ATOM   419 C C   . ASP   A 1 55  ? -3.948  2.347   -12.088 1.00 54.88  ? 55  ASP   A C   1 
ATOM   420 O O   . ASP   A 1 55  ? -3.921  3.443   -12.638 1.00 56.40  ? 55  ASP   A O   1 
ATOM   421 C CB  . ASP   A 1 55  ? -3.819  0.375   -13.684 1.00 47.01  ? 55  ASP   A CB  1 
ATOM   422 C CG  . ASP   A 1 55  ? -2.883  -0.394  -14.623 1.00 46.82  ? 55  ASP   A CG  1 
ATOM   423 O OD1 . ASP   A 1 55  ? -1.670  -0.109  -14.681 1.00 44.27  ? 55  ASP   A OD1 1 
ATOM   424 O OD2 . ASP   A 1 55  ? -3.366  -1.300  -15.325 1.00 49.97  ? 55  ASP   A OD2 1 
ATOM   425 N N   . ARG   A 1 56  ? -4.711  2.116   -11.020 1.00 59.99  ? 56  ARG   A N   1 
ATOM   426 C CA  . ARG   A 1 56  ? -5.462  3.205   -10.368 1.00 65.35  ? 56  ARG   A CA  1 
ATOM   427 C C   . ARG   A 1 56  ? -4.536  4.142   -9.597  1.00 63.48  ? 56  ARG   A C   1 
ATOM   428 O O   . ARG   A 1 56  ? -4.603  5.364   -9.749  1.00 64.47  ? 56  ARG   A O   1 
ATOM   429 C CB  . ARG   A 1 56  ? -6.506  2.662   -9.389  1.00 69.79  ? 56  ARG   A CB  1 
ATOM   430 C CG  . ARG   A 1 56  ? -7.736  2.053   -10.037 1.00 74.47  ? 56  ARG   A CG  1 
ATOM   431 C CD  . ARG   A 1 56  ? -8.460  1.138   -9.060  1.00 78.44  ? 56  ARG   A CD  1 
ATOM   432 N NE  . ARG   A 1 56  ? -9.402  0.240   -9.731  1.00 81.63  ? 56  ARG   A NE  1 
ATOM   433 C CZ  . ARG   A 1 56  ? -9.864  -0.899  -9.217  1.00 82.51  ? 56  ARG   A CZ  1 
ATOM   434 N NH1 . ARG   A 1 56  ? -9.473  -1.313  -8.012  1.00 85.11  ? 56  ARG   A NH1 1 
ATOM   435 N NH2 . ARG   A 1 56  ? -10.717 -1.640  -9.917  1.00 81.23  ? 56  ARG   A NH2 1 
ATOM   436 N N   . LEU   A 1 57  ? -3.688  3.557   -8.754  1.00 58.43  ? 57  LEU   A N   1 
ATOM   437 C CA  . LEU   A 1 57  ? -2.760  4.329   -7.941  1.00 56.42  ? 57  LEU   A CA  1 
ATOM   438 C C   . LEU   A 1 57  ? -1.875  5.249   -8.780  1.00 56.44  ? 57  LEU   A C   1 
ATOM   439 O O   . LEU   A 1 57  ? -1.560  6.364   -8.355  1.00 53.42  ? 57  LEU   A O   1 
ATOM   440 C CB  . LEU   A 1 57  ? -1.895  3.395   -7.094  1.00 55.81  ? 57  LEU   A CB  1 
ATOM   441 C CG  . LEU   A 1 57  ? -2.583  2.794   -5.862  1.00 55.34  ? 57  LEU   A CG  1 
ATOM   442 C CD1 . LEU   A 1 57  ? -1.797  1.611   -5.323  1.00 56.42  ? 57  LEU   A CD1 1 
ATOM   443 C CD2 . LEU   A 1 57  ? -2.763  3.837   -4.769  1.00 54.57  ? 57  LEU   A CD2 1 
ATOM   444 N N   . GLU   A 1 58  ? -1.488  4.784   -9.970  1.00 58.03  ? 58  GLU   A N   1 
ATOM   445 C CA  . GLU   A 1 58  ? -0.651  5.582   -10.866 1.00 58.70  ? 58  GLU   A CA  1 
ATOM   446 C C   . GLU   A 1 58  ? -1.459  6.737   -11.449 1.00 60.76  ? 58  GLU   A C   1 
ATOM   447 O O   . GLU   A 1 58  ? -0.976  7.865   -11.492 1.00 57.80  ? 58  GLU   A O   1 
ATOM   448 C CB  . GLU   A 1 58  ? -0.032  4.730   -11.984 1.00 57.69  ? 58  GLU   A CB  1 
ATOM   449 C CG  . GLU   A 1 58  ? 1.442   5.050   -12.205 1.00 59.05  ? 58  GLU   A CG  1 
ATOM   450 C CD  . GLU   A 1 58  ? 2.029   4.493   -13.491 1.00 57.40  ? 58  GLU   A CD  1 
ATOM   451 O OE1 . GLU   A 1 58  ? 1.353   3.711   -14.186 1.00 56.68  ? 58  GLU   A OE1 1 
ATOM   452 O OE2 . GLU   A 1 58  ? 3.185   4.854   -13.803 1.00 57.60  ? 58  GLU   A OE2 1 
ATOM   453 N N   . GLN   A 1 59  ? -2.690  6.451   -11.873 1.00 65.71  ? 59  GLN   A N   1 
ATOM   454 C CA  . GLN   A 1 59  ? -3.629  7.490   -12.332 1.00 67.97  ? 59  GLN   A CA  1 
ATOM   455 C C   . GLN   A 1 59  ? -3.824  8.613   -11.318 1.00 65.54  ? 59  GLN   A C   1 
ATOM   456 O O   . GLN   A 1 59  ? -3.804  9.786   -11.673 1.00 66.99  ? 59  GLN   A O   1 
ATOM   457 C CB  . GLN   A 1 59  ? -5.002  6.897   -12.662 1.00 71.37  ? 59  GLN   A CB  1 
ATOM   458 C CG  . GLN   A 1 59  ? -5.243  6.662   -14.144 1.00 76.45  ? 59  GLN   A CG  1 
ATOM   459 C CD  . GLN   A 1 59  ? -6.721  6.538   -14.478 1.00 83.16  ? 59  GLN   A CD  1 
ATOM   460 O OE1 . GLN   A 1 59  ? -7.584  6.745   -13.621 1.00 87.82  ? 59  GLN   A OE1 1 
ATOM   461 N NE2 . GLN   A 1 59  ? -7.019  6.203   -15.730 1.00 86.29  ? 59  GLN   A NE2 1 
ATOM   462 N N   . ASP   A 1 60  ? -4.011  8.247   -10.056 1.00 62.15  ? 60  ASP   A N   1 
ATOM   463 C CA  . ASP   A 1 60  ? -4.219  9.227   -9.000  1.00 59.44  ? 60  ASP   A CA  1 
ATOM   464 C C   . ASP   A 1 60  ? -2.900  9.844   -8.505  1.00 58.78  ? 60  ASP   A C   1 
ATOM   465 O O   . ASP   A 1 60  ? -2.910  10.635  -7.564  1.00 61.61  ? 60  ASP   A O   1 
ATOM   466 C CB  . ASP   A 1 60  ? -4.988  8.592   -7.834  1.00 59.54  ? 60  ASP   A CB  1 
ATOM   467 C CG  . ASP   A 1 60  ? -6.335  8.001   -8.262  1.00 60.63  ? 60  ASP   A CG  1 
ATOM   468 O OD1 . ASP   A 1 60  ? -6.739  8.178   -9.431  1.00 60.46  ? 60  ASP   A OD1 1 
ATOM   469 O OD2 . ASP   A 1 60  ? -6.992  7.347   -7.423  1.00 60.69  ? 60  ASP   A OD2 1 
ATOM   470 N N   . GLY   A 1 61  ? -1.774  9.483   -9.119  1.00 53.92  ? 61  GLY   A N   1 
ATOM   471 C CA  . GLY   A 1 61  ? -0.496  10.126  -8.820  1.00 53.15  ? 61  GLY   A CA  1 
ATOM   472 C C   . GLY   A 1 61  ? 0.173   9.719   -7.516  1.00 53.32  ? 61  GLY   A C   1 
ATOM   473 O O   . GLY   A 1 61  ? 1.062   10.426  -7.026  1.00 49.33  ? 61  GLY   A O   1 
ATOM   474 N N   . ILE   A 1 62  ? -0.227  8.567   -6.972  1.00 53.62  ? 62  ILE   A N   1 
ATOM   475 C CA  . ILE   A 1 62  ? 0.319   8.056   -5.706  1.00 53.38  ? 62  ILE   A CA  1 
ATOM   476 C C   . ILE   A 1 62  ? 1.597   7.246   -5.945  1.00 51.33  ? 62  ILE   A C   1 
ATOM   477 O O   . ILE   A 1 62  ? 2.458   7.146   -5.063  1.00 46.75  ? 62  ILE   A O   1 
ATOM   478 C CB  . ILE   A 1 62  ? -0.697  7.148   -4.966  1.00 56.45  ? 62  ILE   A CB  1 
ATOM   479 C CG1 . ILE   A 1 62  ? -2.078  7.809   -4.858  1.00 58.17  ? 62  ILE   A CG1 1 
ATOM   480 C CG2 . ILE   A 1 62  ? -0.190  6.778   -3.575  1.00 56.77  ? 62  ILE   A CG2 1 
ATOM   481 C CD1 . ILE   A 1 62  ? -2.082  9.142   -4.143  1.00 59.18  ? 62  ILE   A CD1 1 
ATOM   482 N N   . ILE   A 1 63  ? 1.695   6.633   -7.122  1.00 50.86  ? 63  ILE   A N   1 
ATOM   483 C CA  . ILE   A 1 63  ? 2.893   5.895   -7.510  1.00 51.19  ? 63  ILE   A CA  1 
ATOM   484 C C   . ILE   A 1 63  ? 3.215   6.177   -8.965  1.00 50.50  ? 63  ILE   A C   1 
ATOM   485 O O   . ILE   A 1 63  ? 2.324   6.520   -9.744  1.00 48.73  ? 63  ILE   A O   1 
ATOM   486 C CB  . ILE   A 1 63  ? 2.742   4.367   -7.305  1.00 50.26  ? 63  ILE   A CB  1 
ATOM   487 C CG1 . ILE   A 1 63  ? 1.685   3.785   -8.249  1.00 50.95  ? 63  ILE   A CG1 1 
ATOM   488 C CG2 . ILE   A 1 63  ? 2.406   4.054   -5.855  1.00 48.77  ? 63  ILE   A CG2 1 
ATOM   489 C CD1 . ILE   A 1 63  ? 1.597   2.276   -8.198  1.00 52.27  ? 63  ILE   A CD1 1 
ATOM   490 N N   . SER   A 1 64  ? 4.494   6.036   -9.307  1.00 51.85  ? 64  SER   A N   1 
ATOM   491 C CA  . SER   A 1 64  ? 4.976   6.201   -10.679 1.00 52.78  ? 64  SER   A CA  1 
ATOM   492 C C   . SER   A 1 64  ? 5.660   4.924   -11.112 1.00 52.30  ? 64  SER   A C   1 
ATOM   493 O O   . SER   A 1 64  ? 6.174   4.176   -10.267 1.00 50.97  ? 64  SER   A O   1 
ATOM   494 C CB  . SER   A 1 64  ? 5.991   7.337   -10.761 1.00 54.06  ? 64  SER   A CB  1 
ATOM   495 O OG  . SER   A 1 64  ? 7.153   7.018   -10.001 1.00 56.48  ? 64  SER   A OG  1 
ATOM   496 N N   . SER   A 1 65  ? 5.679   4.693   -12.425 1.00 51.48  ? 65  SER   A N   1 
ATOM   497 C CA  . SER   A 1 65  ? 6.365   3.543   -13.006 1.00 50.12  ? 65  SER   A CA  1 
ATOM   498 C C   . SER   A 1 65  ? 7.509   4.007   -13.891 1.00 51.53  ? 65  SER   A C   1 
ATOM   499 O O   . SER   A 1 65  ? 7.429   5.061   -14.525 1.00 50.65  ? 65  SER   A O   1 
ATOM   500 C CB  . SER   A 1 65  ? 5.405   2.685   -13.837 1.00 49.44  ? 65  SER   A CB  1 
ATOM   501 O OG  . SER   A 1 65  ? 5.234   3.201   -15.149 1.00 46.81  ? 65  SER   A OG  1 
ATOM   502 N N   . TYR   A 1 66  ? 8.564   3.200   -13.939 1.00 50.25  ? 66  TYR   A N   1 
ATOM   503 C CA  . TYR   A 1 66  ? 9.683   3.449   -14.828 1.00 47.24  ? 66  TYR   A CA  1 
ATOM   504 C C   . TYR   A 1 66  ? 10.348  2.140   -15.282 1.00 47.89  ? 66  TYR   A C   1 
ATOM   505 O O   . TYR   A 1 66  ? 10.247  1.117   -14.595 1.00 46.59  ? 66  TYR   A O   1 
ATOM   506 C CB  . TYR   A 1 66  ? 10.681  4.367   -14.134 1.00 45.43  ? 66  TYR   A CB  1 
ATOM   507 C CG  . TYR   A 1 66  ? 11.392  3.768   -12.944 1.00 43.45  ? 66  TYR   A CG  1 
ATOM   508 C CD1 . TYR   A 1 66  ? 12.465  2.907   -13.117 1.00 43.08  ? 66  TYR   A CD1 1 
ATOM   509 C CD2 . TYR   A 1 66  ? 11.025  4.100   -11.647 1.00 43.22  ? 66  TYR   A CD2 1 
ATOM   510 C CE1 . TYR   A 1 66  ? 13.142  2.376   -12.031 1.00 43.15  ? 66  TYR   A CE1 1 
ATOM   511 C CE2 . TYR   A 1 66  ? 11.695  3.572   -10.558 1.00 42.36  ? 66  TYR   A CE2 1 
ATOM   512 C CZ  . TYR   A 1 66  ? 12.754  2.710   -10.758 1.00 41.74  ? 66  TYR   A CZ  1 
ATOM   513 O OH  . TYR   A 1 66  ? 13.426  2.153   -9.701  1.00 41.59  ? 66  TYR   A OH  1 
ATOM   514 N N   . TRP   A 1 67  ? 11.023  2.182   -16.434 1.00 47.71  ? 67  TRP   A N   1 
ATOM   515 C CA  . TRP   A 1 67  ? 11.736  1.008   -16.960 1.00 47.81  ? 67  TRP   A CA  1 
ATOM   516 C C   . TRP   A 1 67  ? 13.075  0.786   -16.274 1.00 47.09  ? 67  TRP   A C   1 
ATOM   517 O O   . TRP   A 1 67  ? 13.840  1.720   -16.073 1.00 49.37  ? 67  TRP   A O   1 
ATOM   518 C CB  . TRP   A 1 67  ? 11.951  1.136   -18.460 1.00 47.29  ? 67  TRP   A CB  1 
ATOM   519 C CG  . TRP   A 1 67  ? 10.682  1.096   -19.224 1.00 50.75  ? 67  TRP   A CG  1 
ATOM   520 C CD1 . TRP   A 1 67  ? 10.132  2.108   -19.953 1.00 52.18  ? 67  TRP   A CD1 1 
ATOM   521 C CD2 . TRP   A 1 67  ? 9.780   -0.010  -19.323 1.00 51.85  ? 67  TRP   A CD2 1 
ATOM   522 N NE1 . TRP   A 1 67  ? 8.946   1.695   -20.517 1.00 53.34  ? 67  TRP   A NE1 1 
ATOM   523 C CE2 . TRP   A 1 67  ? 8.704   0.399   -20.141 1.00 52.58  ? 67  TRP   A CE2 1 
ATOM   524 C CE3 . TRP   A 1 67  ? 9.771   -1.307  -18.796 1.00 51.72  ? 67  TRP   A CE3 1 
ATOM   525 C CZ2 . TRP   A 1 67  ? 7.634   -0.441  -20.447 1.00 53.00  ? 67  TRP   A CZ2 1 
ATOM   526 C CZ3 . TRP   A 1 67  ? 8.709   -2.142  -19.104 1.00 52.98  ? 67  TRP   A CZ3 1 
ATOM   527 C CH2 . TRP   A 1 67  ? 7.654   -1.705  -19.921 1.00 53.41  ? 67  TRP   A CH2 1 
ATOM   528 N N   . GLY   A 1 68  ? 13.362  -0.456  -15.917 1.00 46.89  ? 68  GLY   A N   1 
ATOM   529 C CA  . GLY   A 1 68  ? 14.603  -0.766  -15.227 1.00 49.65  ? 68  GLY   A CA  1 
ATOM   530 C C   . GLY   A 1 68  ? 15.765  -1.024  -16.170 1.00 50.57  ? 68  GLY   A C   1 
ATOM   531 O O   . GLY   A 1 68  ? 15.625  -1.001  -17.393 1.00 48.00  ? 68  GLY   A O   1 
ATOM   532 N N   . ASP   A 1 69  ? 16.921  -1.266  -15.573 1.00 55.99  ? 69  ASP   A N   1 
ATOM   533 C CA  . ASP   A 1 69  ? 18.101  -1.738  -16.290 1.00 61.85  ? 69  ASP   A CA  1 
ATOM   534 C C   . ASP   A 1 69  ? 17.773  -2.946  -17.185 1.00 62.77  ? 69  ASP   A C   1 
ATOM   535 O O   . ASP   A 1 69  ? 17.133  -3.895  -16.743 1.00 62.70  ? 69  ASP   A O   1 
ATOM   536 C CB  . ASP   A 1 69  ? 19.177  -2.124  -15.270 1.00 63.79  ? 69  ASP   A CB  1 
ATOM   537 C CG  . ASP   A 1 69  ? 20.536  -2.239  -15.883 1.00 65.09  ? 69  ASP   A CG  1 
ATOM   538 O OD1 . ASP   A 1 69  ? 20.729  -3.139  -16.726 1.00 68.88  ? 69  ASP   A OD1 1 
ATOM   539 O OD2 . ASP   A 1 69  ? 21.407  -1.428  -15.516 1.00 67.08  ? 69  ASP   A OD2 1 
ATOM   540 N N   . GLU   A 1 70  ? 18.220  -2.910  -18.436 1.00 64.97  ? 70  GLU   A N   1 
ATOM   541 C CA  . GLU   A 1 70  ? 17.907  -3.966  -19.395 1.00 66.01  ? 70  GLU   A CA  1 
ATOM   542 C C   . GLU   A 1 70  ? 19.149  -4.756  -19.794 1.00 70.28  ? 70  GLU   A C   1 
ATOM   543 O O   . GLU   A 1 70  ? 19.268  -5.192  -20.941 1.00 73.28  ? 70  GLU   A O   1 
ATOM   544 C CB  . GLU   A 1 70  ? 17.213  -3.373  -20.626 1.00 64.90  ? 70  GLU   A CB  1 
ATOM   545 C CG  . GLU   A 1 70  ? 15.906  -2.667  -20.281 1.00 67.23  ? 70  GLU   A CG  1 
ATOM   546 C CD  . GLU   A 1 70  ? 15.077  -2.266  -21.494 1.00 67.63  ? 70  GLU   A CD  1 
ATOM   547 O OE1 . GLU   A 1 70  ? 15.421  -2.679  -22.628 1.00 66.19  ? 70  GLU   A OE1 1 
ATOM   548 O OE2 . GLU   A 1 70  ? 14.077  -1.528  -21.305 1.00 66.24  ? 70  GLU   A OE2 1 
ATOM   549 N N   . SER   A 1 71  ? 20.056  -4.969  -18.836 1.00 72.58  ? 71  SER   A N   1 
ATOM   550 C CA  . SER   A 1 71  ? 21.257  -5.785  -19.057 1.00 77.18  ? 71  SER   A CA  1 
ATOM   551 C C   . SER   A 1 71  ? 20.980  -7.298  -18.943 1.00 88.67  ? 71  SER   A C   1 
ATOM   552 O O   . SER   A 1 71  ? 21.909  -8.109  -18.962 1.00 93.11  ? 71  SER   A O   1 
ATOM   553 C CB  . SER   A 1 71  ? 22.359  -5.381  -18.079 1.00 72.18  ? 71  SER   A CB  1 
ATOM   554 O OG  . SER   A 1 71  ? 21.924  -5.535  -16.745 1.00 69.66  ? 71  SER   A OG  1 
ATOM   555 N N   . GLN   A 1 72  ? 19.706  -7.665  -18.809 1.00 98.19  ? 72  GLN   A N   1 
ATOM   556 C CA  . GLN   A 1 72  ? 19.263  -9.060  -18.915 1.00 100.02 ? 72  GLN   A CA  1 
ATOM   557 C C   . GLN   A 1 72  ? 18.767  -9.404  -20.328 1.00 101.17 ? 72  GLN   A C   1 
ATOM   558 O O   . GLN   A 1 72  ? 18.563  -10.578 -20.651 1.00 102.23 ? 72  GLN   A O   1 
ATOM   559 C CB  . GLN   A 1 72  ? 18.146  -9.353  -17.902 1.00 101.77 ? 72  GLN   A CB  1 
ATOM   560 C CG  . GLN   A 1 72  ? 16.893  -8.478  -18.000 1.00 100.52 ? 72  GLN   A CG  1 
ATOM   561 C CD  . GLN   A 1 72  ? 16.885  -7.306  -17.027 1.00 98.67  ? 72  GLN   A CD  1 
ATOM   562 O OE1 . GLN   A 1 72  ? 17.919  -6.934  -16.464 1.00 95.83  ? 72  GLN   A OE1 1 
ATOM   563 N NE2 . GLN   A 1 72  ? 15.710  -6.716  -16.828 1.00 96.22  ? 72  GLN   A NE2 1 
ATOM   564 N N   . GLY   A 1 73  ? 18.578  -8.379  -21.157 1.00 99.95  ? 73  GLY   A N   1 
ATOM   565 C CA  . GLY   A 1 73  ? 17.947  -8.540  -22.460 1.00 98.37  ? 73  GLY   A CA  1 
ATOM   566 C C   . GLY   A 1 73  ? 16.444  -8.660  -22.302 1.00 99.53  ? 73  GLY   A C   1 
ATOM   567 O O   . GLY   A 1 73  ? 15.822  -9.542  -22.895 1.00 106.05 ? 73  GLY   A O   1 
ATOM   568 N N   . GLY   A 1 74  ? 15.859  -7.777  -21.492 1.00 95.32  ? 74  GLY   A N   1 
ATOM   569 C CA  . GLY   A 1 74  ? 14.417  -7.786  -21.271 1.00 89.58  ? 74  GLY   A CA  1 
ATOM   570 C C   . GLY   A 1 74  ? 13.882  -6.632  -20.439 1.00 86.08  ? 74  GLY   A C   1 
ATOM   571 O O   . GLY   A 1 74  ? 14.580  -6.075  -19.586 1.00 85.93  ? 74  GLY   A O   1 
ATOM   572 N N   . ARG   A 1 75  ? 12.616  -6.304  -20.681 1.00 81.96  ? 75  ARG   A N   1 
ATOM   573 C CA  . ARG   A 1 75  ? 11.940  -5.177  -20.043 1.00 77.05  ? 75  ARG   A CA  1 
ATOM   574 C C   . ARG   A 1 75  ? 11.535  -5.577  -18.624 1.00 69.03  ? 75  ARG   A C   1 
ATOM   575 O O   . ARG   A 1 75  ? 11.226  -6.740  -18.374 1.00 70.54  ? 75  ARG   A O   1 
ATOM   576 C CB  . ARG   A 1 75  ? 10.687  -4.776  -20.849 1.00 80.36  ? 75  ARG   A CB  1 
ATOM   577 C CG  . ARG   A 1 75  ? 10.897  -4.564  -22.352 1.00 81.96  ? 75  ARG   A CG  1 
ATOM   578 C CD  . ARG   A 1 75  ? 11.168  -3.110  -22.711 1.00 83.59  ? 75  ARG   A CD  1 
ATOM   579 N NE  . ARG   A 1 75  ? 9.951   -2.374  -23.054 1.00 86.33  ? 75  ARG   A NE  1 
ATOM   580 C CZ  . ARG   A 1 75  ? 9.906   -1.072  -23.339 1.00 90.47  ? 75  ARG   A CZ  1 
ATOM   581 N NH1 . ARG   A 1 75  ? 11.010  -0.327  -23.316 1.00 93.14  ? 75  ARG   A NH1 1 
ATOM   582 N NH2 . ARG   A 1 75  ? 8.745   -0.500  -23.643 1.00 91.38  ? 75  ARG   A NH2 1 
ATOM   583 N N   . ARG   A 1 76  ? 11.538  -4.617  -17.704 1.00 61.23  ? 76  ARG   A N   1 
ATOM   584 C CA  . ARG   A 1 76  ? 11.119  -4.853  -16.323 1.00 56.70  ? 76  ARG   A CA  1 
ATOM   585 C C   . ARG   A 1 76  ? 10.629  -3.561  -15.708 1.00 54.06  ? 76  ARG   A C   1 
ATOM   586 O O   . ARG   A 1 76  ? 11.407  -2.630  -15.530 1.00 54.66  ? 76  ARG   A O   1 
ATOM   587 C CB  . ARG   A 1 76  ? 12.270  -5.400  -15.488 1.00 56.57  ? 76  ARG   A CB  1 
ATOM   588 C CG  . ARG   A 1 76  ? 11.971  -5.499  -13.998 1.00 56.59  ? 76  ARG   A CG  1 
ATOM   589 C CD  . ARG   A 1 76  ? 12.895  -6.490  -13.319 1.00 57.99  ? 76  ARG   A CD  1 
ATOM   590 N NE  . ARG   A 1 76  ? 12.722  -7.825  -13.888 1.00 63.01  ? 76  ARG   A NE  1 
ATOM   591 C CZ  . ARG   A 1 76  ? 13.586  -8.833  -13.760 1.00 68.73  ? 76  ARG   A CZ  1 
ATOM   592 N NH1 . ARG   A 1 76  ? 14.718  -8.684  -13.073 1.00 73.65  ? 76  ARG   A NH1 1 
ATOM   593 N NH2 . ARG   A 1 76  ? 13.321  -10.001 -14.332 1.00 68.47  ? 76  ARG   A NH2 1 
ATOM   594 N N   . LYS   A 1 77  ? 9.346   -3.515  -15.368 1.00 51.72  ? 77  LYS   A N   1 
ATOM   595 C CA  . LYS   A 1 77  ? 8.725   -2.282  -14.920 1.00 50.10  ? 77  LYS   A CA  1 
ATOM   596 C C   . LYS   A 1 77  ? 8.871   -2.124  -13.417 1.00 49.41  ? 77  LYS   A C   1 
ATOM   597 O O   . LYS   A 1 77  ? 8.392   -2.956  -12.652 1.00 51.97  ? 77  LYS   A O   1 
ATOM   598 C CB  . LYS   A 1 77  ? 7.253   -2.261  -15.317 1.00 50.04  ? 77  LYS   A CB  1 
ATOM   599 C CG  . LYS   A 1 77  ? 6.630   -0.877  -15.290 1.00 51.97  ? 77  LYS   A CG  1 
ATOM   600 C CD  . LYS   A 1 77  ? 5.212   -0.927  -15.832 1.00 54.02  ? 77  LYS   A CD  1 
ATOM   601 C CE  . LYS   A 1 77  ? 4.764   0.391   -16.439 1.00 56.33  ? 77  LYS   A CE  1 
ATOM   602 N NZ  . LYS   A 1 77  ? 3.896   0.147   -17.627 1.00 58.23  ? 77  LYS   A NZ  1 
ATOM   603 N N   . TYR   A 1 78  ? 9.542   -1.059  -12.992 1.00 48.55  ? 78  TYR   A N   1 
ATOM   604 C CA  . TYR   A 1 78  ? 9.628   -0.743  -11.571 1.00 46.60  ? 78  TYR   A CA  1 
ATOM   605 C C   . TYR   A 1 78  ? 8.547   0.246   -11.174 1.00 44.65  ? 78  TYR   A C   1 
ATOM   606 O O   . TYR   A 1 78  ? 7.993   0.952   -12.024 1.00 42.27  ? 78  TYR   A O   1 
ATOM   607 C CB  . TYR   A 1 78  ? 11.018  -0.235  -11.195 1.00 45.27  ? 78  TYR   A CB  1 
ATOM   608 C CG  . TYR   A 1 78  ? 11.952  -1.371  -10.909 1.00 45.76  ? 78  TYR   A CG  1 
ATOM   609 C CD1 . TYR   A 1 78  ? 12.666  -1.987  -11.942 1.00 48.26  ? 78  TYR   A CD1 1 
ATOM   610 C CD2 . TYR   A 1 78  ? 12.088  -1.873  -9.623  1.00 44.22  ? 78  TYR   A CD2 1 
ATOM   611 C CE1 . TYR   A 1 78  ? 13.519  -3.055  -11.689 1.00 47.17  ? 78  TYR   A CE1 1 
ATOM   612 C CE2 . TYR   A 1 78  ? 12.932  -2.941  -9.357  1.00 46.27  ? 78  TYR   A CE2 1 
ATOM   613 C CZ  . TYR   A 1 78  ? 13.651  -3.530  -10.393 1.00 47.16  ? 78  TYR   A CZ  1 
ATOM   614 O OH  . TYR   A 1 78  ? 14.494  -4.597  -10.136 1.00 47.26  ? 78  TYR   A OH  1 
ATOM   615 N N   . TYR   A 1 79  ? 8.235   0.256   -9.877  1.00 43.02  ? 79  TYR   A N   1 
ATOM   616 C CA  . TYR   A 1 79  ? 7.214   1.132   -9.330  1.00 42.95  ? 79  TYR   A CA  1 
ATOM   617 C C   . TYR   A 1 79  ? 7.785   1.871   -8.150  1.00 44.27  ? 79  TYR   A C   1 
ATOM   618 O O   . TYR   A 1 79  ? 8.479   1.288   -7.318  1.00 42.28  ? 79  TYR   A O   1 
ATOM   619 C CB  . TYR   A 1 79  ? 5.966   0.351   -8.913  1.00 42.49  ? 79  TYR   A CB  1 
ATOM   620 C CG  . TYR   A 1 79  ? 5.053   0.009   -10.071 1.00 40.82  ? 79  TYR   A CG  1 
ATOM   621 C CD1 . TYR   A 1 79  ? 4.143   0.932   -10.562 1.00 38.44  ? 79  TYR   A CD1 1 
ATOM   622 C CD2 . TYR   A 1 79  ? 5.106   -1.246  -10.672 1.00 41.46  ? 79  TYR   A CD2 1 
ATOM   623 C CE1 . TYR   A 1 79  ? 3.309   0.614   -11.617 1.00 39.41  ? 79  TYR   A CE1 1 
ATOM   624 C CE2 . TYR   A 1 79  ? 4.278   -1.570  -11.730 1.00 41.03  ? 79  TYR   A CE2 1 
ATOM   625 C CZ  . TYR   A 1 79  ? 3.384   -0.639  -12.196 1.00 40.22  ? 79  TYR   A CZ  1 
ATOM   626 O OH  . TYR   A 1 79  ? 2.569   -0.984  -13.242 1.00 41.45  ? 79  TYR   A OH  1 
ATOM   627 N N   . ARG   A 1 80  ? 7.466   3.160   -8.097  1.00 47.08  ? 80  ARG   A N   1 
ATOM   628 C CA  . ARG   A 1 80  ? 8.029   4.077   -7.132  1.00 51.69  ? 80  ARG   A CA  1 
ATOM   629 C C   . ARG   A 1 80  ? 6.890   4.821   -6.465  1.00 53.76  ? 80  ARG   A C   1 
ATOM   630 O O   . ARG   A 1 80  ? 5.874   5.127   -7.098  1.00 53.11  ? 80  ARG   A O   1 
ATOM   631 C CB  . ARG   A 1 80  ? 8.932   5.068   -7.859  1.00 54.89  ? 80  ARG   A CB  1 
ATOM   632 C CG  . ARG   A 1 80  ? 9.736   6.004   -6.968  1.00 57.95  ? 80  ARG   A CG  1 
ATOM   633 C CD  . ARG   A 1 80  ? 10.506  7.005   -7.817  1.00 60.60  ? 80  ARG   A CD  1 
ATOM   634 N NE  . ARG   A 1 80  ? 9.601   7.754   -8.691  1.00 61.51  ? 80  ARG   A NE  1 
ATOM   635 C CZ  . ARG   A 1 80  ? 8.946   8.865   -8.352  1.00 61.22  ? 80  ARG   A CZ  1 
ATOM   636 N NH1 . ARG   A 1 80  ? 9.078   9.407   -7.144  1.00 60.92  ? 80  ARG   A NH1 1 
ATOM   637 N NH2 . ARG   A 1 80  ? 8.145   9.440   -9.236  1.00 60.86  ? 80  ARG   A NH2 1 
ATOM   638 N N   . LEU   A 1 81  ? 7.071   5.114   -5.184  1.00 53.98  ? 81  LEU   A N   1 
ATOM   639 C CA  . LEU   A 1 81  ? 6.098   5.862   -4.411  1.00 56.66  ? 81  LEU   A CA  1 
ATOM   640 C C   . LEU   A 1 81  ? 6.351   7.363   -4.619  1.00 56.09  ? 81  LEU   A C   1 
ATOM   641 O O   . LEU   A 1 81  ? 7.418   7.855   -4.262  1.00 57.88  ? 81  LEU   A O   1 
ATOM   642 C CB  . LEU   A 1 81  ? 6.254   5.460   -2.942  1.00 58.60  ? 81  LEU   A CB  1 
ATOM   643 C CG  . LEU   A 1 81  ? 5.230   5.877   -1.888  1.00 60.25  ? 81  LEU   A CG  1 
ATOM   644 C CD1 . LEU   A 1 81  ? 3.808   5.558   -2.325  1.00 61.07  ? 81  LEU   A CD1 1 
ATOM   645 C CD2 . LEU   A 1 81  ? 5.565   5.192   -0.568  1.00 59.96  ? 81  LEU   A CD2 1 
ATOM   646 N N   . THR   A 1 82  ? 5.389   8.082   -5.203  1.00 55.41  ? 82  THR   A N   1 
ATOM   647 C CA  . THR   A 1 82  ? 5.586   9.504   -5.541  1.00 58.79  ? 82  THR   A CA  1 
ATOM   648 C C   . THR   A 1 82  ? 5.615   10.417  -4.305  1.00 62.69  ? 82  THR   A C   1 
ATOM   649 O O   . THR   A 1 82  ? 5.595   9.947   -3.163  1.00 62.80  ? 82  THR   A O   1 
ATOM   650 C CB  . THR   A 1 82  ? 4.530   10.048  -6.546  1.00 57.98  ? 82  THR   A CB  1 
ATOM   651 O OG1 . THR   A 1 82  ? 3.254   10.181  -5.910  1.00 57.12  ? 82  THR   A OG1 1 
ATOM   652 C CG2 . THR   A 1 82  ? 4.403   9.154   -7.758  1.00 58.41  ? 82  THR   A CG2 1 
ATOM   653 N N   . GLU   A 1 83  ? 5.693   11.725  -4.554  1.00 67.45  ? 83  GLU   A N   1 
ATOM   654 C CA  . GLU   A 1 83  ? 5.718   12.728  -3.500  1.00 69.15  ? 83  GLU   A CA  1 
ATOM   655 C C   . GLU   A 1 83  ? 4.353   12.801  -2.837  1.00 67.00  ? 83  GLU   A C   1 
ATOM   656 O O   . GLU   A 1 83  ? 4.238   12.688  -1.614  1.00 62.77  ? 83  GLU   A O   1 
ATOM   657 C CB  . GLU   A 1 83  ? 6.107   14.092  -4.091  1.00 73.98  ? 83  GLU   A CB  1 
ATOM   658 C CG  . GLU   A 1 83  ? 6.309   15.217  -3.083  1.00 77.48  ? 83  GLU   A CG  1 
ATOM   659 C CD  . GLU   A 1 83  ? 7.470   14.970  -2.130  1.00 82.62  ? 83  GLU   A CD  1 
ATOM   660 O OE1 . GLU   A 1 83  ? 8.142   13.918  -2.239  1.00 84.04  ? 83  GLU   A OE1 1 
ATOM   661 O OE2 . GLU   A 1 83  ? 7.718   15.839  -1.263  1.00 85.55  ? 83  GLU   A OE2 1 
ATOM   662 N N   . ILE   A 1 84  ? 3.323   12.974  -3.660  1.00 66.77  ? 84  ILE   A N   1 
ATOM   663 C CA  . ILE   A 1 84  ? 1.933   12.934  -3.201  1.00 66.97  ? 84  ILE   A CA  1 
ATOM   664 C C   . ILE   A 1 84  ? 1.654   11.678  -2.372  1.00 67.27  ? 84  ILE   A C   1 
ATOM   665 O O   . ILE   A 1 84  ? 1.009   11.752  -1.327  1.00 70.93  ? 84  ILE   A O   1 
ATOM   666 C CB  . ILE   A 1 84  ? 0.955   12.987  -4.395  1.00 67.95  ? 84  ILE   A CB  1 
ATOM   667 C CG1 . ILE   A 1 84  ? 0.963   14.382  -5.027  1.00 66.44  ? 84  ILE   A CG1 1 
ATOM   668 C CG2 . ILE   A 1 84  ? -0.462  12.617  -3.963  1.00 69.64  ? 84  ILE   A CG2 1 
ATOM   669 C CD1 . ILE   A 1 84  ? 0.402   14.417  -6.429  1.00 67.04  ? 84  ILE   A CD1 1 
ATOM   670 N N   . GLY   A 1 85  ? 2.149   10.535  -2.847  1.00 66.19  ? 85  GLY   A N   1 
ATOM   671 C CA  . GLY   A 1 85  ? 1.954   9.260   -2.170  1.00 63.85  ? 85  GLY   A CA  1 
ATOM   672 C C   . GLY   A 1 85  ? 2.617   9.157   -0.813  1.00 62.91  ? 85  GLY   A C   1 
ATOM   673 O O   . GLY   A 1 85  ? 2.078   8.521   0.095   1.00 62.56  ? 85  GLY   A O   1 
ATOM   674 N N   . HIS   A 1 86  ? 3.796   9.757   -0.676  1.00 63.70  ? 86  HIS   A N   1 
ATOM   675 C CA  . HIS   A 1 86  ? 4.468   9.843   0.626   1.00 64.27  ? 86  HIS   A CA  1 
ATOM   676 C C   . HIS   A 1 86  ? 3.653   10.720  1.573   1.00 63.96  ? 86  HIS   A C   1 
ATOM   677 O O   . HIS   A 1 86  ? 3.492   10.404  2.756   1.00 59.43  ? 86  HIS   A O   1 
ATOM   678 C CB  . HIS   A 1 86  ? 5.884   10.419  0.481   1.00 63.69  ? 86  HIS   A CB  1 
ATOM   679 C CG  . HIS   A 1 86  ? 6.923   9.397   0.132   1.00 63.04  ? 86  HIS   A CG  1 
ATOM   680 N ND1 . HIS   A 1 86  ? 7.290   9.118   -1.169  1.00 60.66  ? 86  HIS   A ND1 1 
ATOM   681 C CD2 . HIS   A 1 86  ? 7.679   8.596   0.918   1.00 60.64  ? 86  HIS   A CD2 1 
ATOM   682 C CE1 . HIS   A 1 86  ? 8.224   8.181   -1.165  1.00 60.21  ? 86  HIS   A CE1 1 
ATOM   683 N NE2 . HIS   A 1 86  ? 8.475   7.845   0.087   1.00 58.26  ? 86  HIS   A NE2 1 
ATOM   684 N N   . GLU   A 1 87  ? 3.141   11.823  1.040   1.00 63.89  ? 87  GLU   A N   1 
ATOM   685 C CA  . GLU   A 1 87  ? 2.376   12.766  1.831   1.00 68.65  ? 87  GLU   A CA  1 
ATOM   686 C C   . GLU   A 1 87  ? 1.060   12.116  2.261   1.00 70.34  ? 87  GLU   A C   1 
ATOM   687 O O   . GLU   A 1 87  ? 0.758   12.059  3.454   1.00 69.45  ? 87  GLU   A O   1 
ATOM   688 C CB  . GLU   A 1 87  ? 2.156   14.068  1.038   1.00 70.81  ? 87  GLU   A CB  1 
ATOM   689 C CG  . GLU   A 1 87  ? 1.376   15.167  1.756   1.00 72.46  ? 87  GLU   A CG  1 
ATOM   690 C CD  . GLU   A 1 87  ? 1.940   15.534  3.119   1.00 73.40  ? 87  GLU   A CD  1 
ATOM   691 O OE1 . GLU   A 1 87  ? 1.163   16.024  3.966   1.00 75.20  ? 87  GLU   A OE1 1 
ATOM   692 O OE2 . GLU   A 1 87  ? 3.150   15.335  3.356   1.00 74.74  ? 87  GLU   A OE2 1 
ATOM   693 N N   . ASN   A 1 88  ? 0.305   11.590  1.297   1.00 70.99  ? 88  ASN   A N   1 
ATOM   694 C CA  . ASN   A 1 88  ? -0.934  10.865  1.600   1.00 70.89  ? 88  ASN   A CA  1 
ATOM   695 C C   . ASN   A 1 88  ? -0.739  9.739   2.609   1.00 69.13  ? 88  ASN   A C   1 
ATOM   696 O O   . ASN   A 1 88  ? -1.615  9.494   3.432   1.00 72.31  ? 88  ASN   A O   1 
ATOM   697 C CB  . ASN   A 1 88  ? -1.598  10.324  0.324   1.00 72.77  ? 88  ASN   A CB  1 
ATOM   698 C CG  . ASN   A 1 88  ? -2.621  11.290  -0.262  1.00 76.53  ? 88  ASN   A CG  1 
ATOM   699 O OD1 . ASN   A 1 88  ? -2.977  12.291  0.361   1.00 81.53  ? 88  ASN   A OD1 1 
ATOM   700 N ND2 . ASN   A 1 88  ? -3.115  10.981  -1.456  1.00 76.17  ? 88  ASN   A ND2 1 
ATOM   701 N N   . MET   A 1 89  ? 0.404   9.067   2.559   1.00 68.79  ? 89  MET   A N   1 
ATOM   702 C CA  . MET   A 1 89  ? 0.708   8.036   3.549   1.00 70.86  ? 89  MET   A CA  1 
ATOM   703 C C   . MET   A 1 89  ? 0.930   8.613   4.953   1.00 70.81  ? 89  MET   A C   1 
ATOM   704 O O   . MET   A 1 89  ? 0.620   7.963   5.951   1.00 69.94  ? 89  MET   A O   1 
ATOM   705 C CB  . MET   A 1 89  ? 1.914   7.175   3.126   1.00 72.11  ? 89  MET   A CB  1 
ATOM   706 C CG  . MET   A 1 89  ? 1.555   6.010   2.207   1.00 72.52  ? 89  MET   A CG  1 
ATOM   707 S SD  . MET   A 1 89  ? 2.872   4.792   1.973   1.00 71.78  ? 89  MET   A SD  1 
ATOM   708 C CE  . MET   A 1 89  ? 3.052   4.118   3.624   1.00 70.44  ? 89  MET   A CE  1 
ATOM   709 N N   . ARG   A 1 90  ? 1.467   9.828   5.026   1.00 71.83  ? 90  ARG   A N   1 
ATOM   710 C CA  . ARG   A 1 90  ? 1.720   10.492  6.308   1.00 71.23  ? 90  ARG   A CA  1 
ATOM   711 C C   . ARG   A 1 90  ? 0.424   11.013  6.935   1.00 68.62  ? 90  ARG   A C   1 
ATOM   712 O O   . ARG   A 1 90  ? 0.199   10.867  8.145   1.00 62.81  ? 90  ARG   A O   1 
ATOM   713 C CB  . ARG   A 1 90  ? 2.695   11.649  6.105   1.00 72.02  ? 90  ARG   A CB  1 
ATOM   714 C CG  . ARG   A 1 90  ? 3.337   12.163  7.383   1.00 73.91  ? 90  ARG   A CG  1 
ATOM   715 C CD  . ARG   A 1 90  ? 4.100   13.453  7.123   1.00 76.17  ? 90  ARG   A CD  1 
ATOM   716 N NE  . ARG   A 1 90  ? 3.234   14.493  6.564   1.00 76.90  ? 90  ARG   A NE  1 
ATOM   717 C CZ  . ARG   A 1 90  ? 2.390   15.248  7.268   1.00 76.79  ? 90  ARG   A CZ  1 
ATOM   718 N NH1 . ARG   A 1 90  ? 1.651   16.155  6.644   1.00 77.65  ? 90  ARG   A NH1 1 
ATOM   719 N NH2 . ARG   A 1 90  ? 2.273   15.107  8.589   1.00 74.65  ? 90  ARG   A NH2 1 
ATOM   720 N N   . LEU   A 1 91  ? -0.414  11.623  6.098   1.00 66.38  ? 91  LEU   A N   1 
ATOM   721 C CA  . LEU   A 1 91  ? -1.718  12.142  6.510   1.00 67.40  ? 91  LEU   A CA  1 
ATOM   722 C C   . LEU   A 1 91  ? -2.612  11.022  7.031   1.00 71.10  ? 91  LEU   A C   1 
ATOM   723 O O   . LEU   A 1 91  ? -3.349  11.204  8.002   1.00 73.36  ? 91  LEU   A O   1 
ATOM   724 C CB  . LEU   A 1 91  ? -2.423  12.827  5.334   1.00 67.12  ? 91  LEU   A CB  1 
ATOM   725 C CG  . LEU   A 1 91  ? -1.753  14.035  4.675   1.00 66.72  ? 91  LEU   A CG  1 
ATOM   726 C CD1 . LEU   A 1 91  ? -2.597  14.525  3.506   1.00 65.25  ? 91  LEU   A CD1 1 
ATOM   727 C CD2 . LEU   A 1 91  ? -1.515  15.148  5.685   1.00 66.28  ? 91  LEU   A CD2 1 
ATOM   728 N N   . ASP   A 1 92  ? -2.549  9.870   6.372   1.00 72.14  ? 92  ASP   A N   1 
ATOM   729 C CA  . ASP   A 1 92  ? -3.282  8.693   6.807   1.00 72.07  ? 92  ASP   A CA  1 
ATOM   730 C C   . ASP   A 1 92  ? -2.981  8.413   8.269   1.00 71.74  ? 92  ASP   A C   1 
ATOM   731 O O   . ASP   A 1 92  ? -3.885  8.360   9.093   1.00 75.59  ? 92  ASP   A O   1 
ATOM   732 C CB  . ASP   A 1 92  ? -2.886  7.481   5.966   1.00 74.42  ? 92  ASP   A CB  1 
ATOM   733 C CG  . ASP   A 1 92  ? -3.890  6.348   6.060   1.00 75.34  ? 92  ASP   A CG  1 
ATOM   734 O OD1 . ASP   A 1 92  ? -4.917  6.425   5.349   1.00 76.80  ? 92  ASP   A OD1 1 
ATOM   735 O OD2 . ASP   A 1 92  ? -3.642  5.382   6.826   1.00 71.77  ? 92  ASP   A OD2 1 
ATOM   736 N N   . ILE   A 1 93  ? -1.701  8.262   8.587   1.00 73.96  ? 93  ILE   A N   1 
ATOM   737 C CA  . ILE   A 1 93  ? -1.281  7.911   9.943   1.00 76.05  ? 93  ILE   A CA  1 
ATOM   738 C C   . ILE   A 1 93  ? -1.653  9.030   10.917  1.00 74.86  ? 93  ILE   A C   1 
ATOM   739 O O   . ILE   A 1 93  ? -2.005  8.767   12.068  1.00 72.96  ? 93  ILE   A O   1 
ATOM   740 C CB  . ILE   A 1 93  ? 0.234   7.600   10.006  1.00 77.86  ? 93  ILE   A CB  1 
ATOM   741 C CG1 . ILE   A 1 93  ? 0.551   6.380   9.122   1.00 79.49  ? 93  ILE   A CG1 1 
ATOM   742 C CG2 . ILE   A 1 93  ? 0.677   7.347   11.446  1.00 76.67  ? 93  ILE   A CG2 1 
ATOM   743 C CD1 . ILE   A 1 93  ? 1.998   5.931   9.139   1.00 80.03  ? 93  ILE   A CD1 1 
ATOM   744 N N   . GLU   A 1 94  ? -1.580  10.268  10.434  1.00 74.89  ? 94  GLU   A N   1 
ATOM   745 C CA  . GLU   A 1 94  ? -1.970  11.442  11.211  1.00 74.88  ? 94  GLU   A CA  1 
ATOM   746 C C   . GLU   A 1 94  ? -3.460  11.392  11.544  1.00 74.23  ? 94  GLU   A C   1 
ATOM   747 O O   . GLU   A 1 94  ? -3.839  11.437  12.715  1.00 77.19  ? 94  GLU   A O   1 
ATOM   748 C CB  . GLU   A 1 94  ? -1.647  12.724  10.432  1.00 74.43  ? 94  GLU   A CB  1 
ATOM   749 C CG  . GLU   A 1 94  ? -1.477  13.962  11.293  1.00 74.13  ? 94  GLU   A CG  1 
ATOM   750 C CD  . GLU   A 1 94  ? -1.003  15.168  10.500  1.00 75.63  ? 94  GLU   A CD  1 
ATOM   751 O OE1 . GLU   A 1 94  ? -1.200  15.198  9.264   1.00 75.93  ? 94  GLU   A OE1 1 
ATOM   752 O OE2 . GLU   A 1 94  ? -0.434  16.093  11.115  1.00 75.01  ? 94  GLU   A OE2 1 
ATOM   753 N N   . SER   A 1 95  ? -4.292  11.280  10.512  1.00 70.42  ? 95  SER   A N   1 
ATOM   754 C CA  . SER   A 1 95  ? -5.741  11.230  10.682  1.00 69.08  ? 95  SER   A CA  1 
ATOM   755 C C   . SER   A 1 95  ? -6.177  10.069  11.571  1.00 69.38  ? 95  SER   A C   1 
ATOM   756 O O   . SER   A 1 95  ? -6.963  10.260  12.500  1.00 69.36  ? 95  SER   A O   1 
ATOM   757 C CB  . SER   A 1 95  ? -6.438  11.092  9.329   1.00 68.67  ? 95  SER   A CB  1 
ATOM   758 O OG  . SER   A 1 95  ? -6.130  12.161  8.461   1.00 71.61  ? 95  SER   A OG  1 
ATOM   759 N N   . TRP   A 1 96  ? -5.660  8.874   11.284  1.00 66.46  ? 96  TRP   A N   1 
ATOM   760 C CA  . TRP   A 1 96  ? -6.103  7.655   11.966  1.00 66.31  ? 96  TRP   A CA  1 
ATOM   761 C C   . TRP   A 1 96  ? -5.656  7.539   13.423  1.00 67.08  ? 96  TRP   A C   1 
ATOM   762 O O   . TRP   A 1 96  ? -6.343  6.908   14.224  1.00 69.15  ? 96  TRP   A O   1 
ATOM   763 C CB  . TRP   A 1 96  ? -5.696  6.399   11.181  1.00 66.05  ? 96  TRP   A CB  1 
ATOM   764 C CG  . TRP   A 1 96  ? -6.671  6.067   10.087  1.00 67.09  ? 96  TRP   A CG  1 
ATOM   765 C CD1 . TRP   A 1 96  ? -6.490  6.224   8.739   1.00 65.55  ? 96  TRP   A CD1 1 
ATOM   766 C CD2 . TRP   A 1 96  ? -7.994  5.542   10.253  1.00 67.17  ? 96  TRP   A CD2 1 
ATOM   767 N NE1 . TRP   A 1 96  ? -7.613  5.821   8.059   1.00 64.42  ? 96  TRP   A NE1 1 
ATOM   768 C CE2 . TRP   A 1 96  ? -8.552  5.398   8.964   1.00 66.01  ? 96  TRP   A CE2 1 
ATOM   769 C CE3 . TRP   A 1 96  ? -8.760  5.174   11.368  1.00 66.14  ? 96  TRP   A CE3 1 
ATOM   770 C CZ2 . TRP   A 1 96  ? -9.844  4.904   8.760   1.00 65.23  ? 96  TRP   A CZ2 1 
ATOM   771 C CZ3 . TRP   A 1 96  ? -10.041 4.681   11.163  1.00 65.12  ? 96  TRP   A CZ3 1 
ATOM   772 C CH2 . TRP   A 1 96  ? -10.570 4.552   9.870   1.00 64.74  ? 96  TRP   A CH2 1 
ATOM   773 N N   . SER   A 1 97  ? -4.520  8.130   13.774  1.00 67.11  ? 97  SER   A N   1 
ATOM   774 C CA  . SER   A 1 97  ? -4.117  8.177   15.178  1.00 69.25  ? 97  SER   A CA  1 
ATOM   775 C C   . SER   A 1 97  ? -4.958  9.213   15.933  1.00 71.42  ? 97  SER   A C   1 
ATOM   776 O O   . SER   A 1 97  ? -5.244  9.039   17.119  1.00 71.02  ? 97  SER   A O   1 
ATOM   777 C CB  . SER   A 1 97  ? -2.631  8.497   15.308  1.00 69.95  ? 97  SER   A CB  1 
ATOM   778 O OG  . SER   A 1 97  ? -2.350  9.782   14.780  1.00 73.82  ? 97  SER   A OG  1 
ATOM   779 N N   . ARG   A 1 98  ? -5.349  10.286  15.243  1.00 71.41  ? 98  ARG   A N   1 
ATOM   780 C CA  . ARG   A 1 98  ? -6.242  11.288  15.819  1.00 73.28  ? 98  ARG   A CA  1 
ATOM   781 C C   . ARG   A 1 98  ? -7.600  10.665  16.108  1.00 73.05  ? 98  ARG   A C   1 
ATOM   782 O O   . ARG   A 1 98  ? -8.137  10.814  17.206  1.00 72.58  ? 98  ARG   A O   1 
ATOM   783 C CB  . ARG   A 1 98  ? -6.400  12.494  14.885  1.00 76.53  ? 98  ARG   A CB  1 
ATOM   784 C CG  . ARG   A 1 98  ? -7.398  13.545  15.356  1.00 80.14  ? 98  ARG   A CG  1 
ATOM   785 C CD  . ARG   A 1 98  ? -7.183  13.945  16.812  1.00 82.98  ? 98  ARG   A CD  1 
ATOM   786 N NE  . ARG   A 1 98  ? -8.097  15.005  17.244  1.00 86.04  ? 98  ARG   A NE  1 
ATOM   787 C CZ  . ARG   A 1 98  ? -8.298  15.367  18.512  1.00 87.67  ? 98  ARG   A CZ  1 
ATOM   788 N NH1 . ARG   A 1 98  ? -7.657  14.758  19.510  1.00 87.59  ? 98  ARG   A NH1 1 
ATOM   789 N NH2 . ARG   A 1 98  ? -9.155  16.345  18.788  1.00 88.18  ? 98  ARG   A NH2 1 
ATOM   790 N N   . VAL   A 1 99  ? -8.144  9.966   15.113  1.00 70.85  ? 99  VAL   A N   1 
ATOM   791 C CA  . VAL   A 1 99  ? -9.366  9.185   15.285  1.00 67.85  ? 99  VAL   A CA  1 
ATOM   792 C C   . VAL   A 1 99  ? -9.289  8.347   16.557  1.00 72.15  ? 99  VAL   A C   1 
ATOM   793 O O   . VAL   A 1 99  ? -10.203 8.386   17.381  1.00 78.92  ? 99  VAL   A O   1 
ATOM   794 C CB  . VAL   A 1 99  ? -9.629  8.275   14.066  1.00 64.33  ? 99  VAL   A CB  1 
ATOM   795 C CG1 . VAL   A 1 99  ? -10.565 7.117   14.408  1.00 63.23  ? 99  VAL   A CG1 1 
ATOM   796 C CG2 . VAL   A 1 99  ? -10.200 9.093   12.919  1.00 63.36  ? 99  VAL   A CG2 1 
ATOM   797 N N   . ASP   A 1 100 ? -8.195  7.609   16.722  1.00 73.74  ? 100 ASP   A N   1 
ATOM   798 C CA  . ASP   A 1 100 ? -8.026  6.728   17.883  1.00 74.72  ? 100 ASP   A CA  1 
ATOM   799 C C   . ASP   A 1 100 ? -7.987  7.488   19.207  1.00 73.85  ? 100 ASP   A C   1 
ATOM   800 O O   . ASP   A 1 100 ? -8.367  6.939   20.238  1.00 70.74  ? 100 ASP   A O   1 
ATOM   801 C CB  . ASP   A 1 100 ? -6.766  5.869   17.735  1.00 75.75  ? 100 ASP   A CB  1 
ATOM   802 C CG  . ASP   A 1 100 ? -6.893  4.831   16.637  1.00 76.69  ? 100 ASP   A CG  1 
ATOM   803 O OD1 . ASP   A 1 100 ? -7.889  4.854   15.881  1.00 76.39  ? 100 ASP   A OD1 1 
ATOM   804 O OD2 . ASP   A 1 100 ? -5.987  3.985   16.527  1.00 81.09  ? 100 ASP   A OD2 1 
ATOM   805 N N   . LYS   A 1 101 ? -7.523  8.737   19.178  1.00 76.09  ? 101 LYS   A N   1 
ATOM   806 C CA  . LYS   A 1 101 ? -7.591  9.603   20.354  1.00 78.39  ? 101 LYS   A CA  1 
ATOM   807 C C   . LYS   A 1 101 ? -9.047  9.978   20.628  1.00 75.71  ? 101 LYS   A C   1 
ATOM   808 O O   . LYS   A 1 101 ? -9.505  9.952   21.776  1.00 73.57  ? 101 LYS   A O   1 
ATOM   809 C CB  . LYS   A 1 101 ? -6.726  10.863  20.173  1.00 81.29  ? 101 LYS   A CB  1 
ATOM   810 C CG  . LYS   A 1 101 ? -6.504  11.661  21.458  1.00 85.33  ? 101 LYS   A CG  1 
ATOM   811 C CD  . LYS   A 1 101 ? -5.626  10.912  22.462  1.00 88.38  ? 101 LYS   A CD  1 
ATOM   812 C CE  . LYS   A 1 101 ? -6.106  11.056  23.907  1.00 90.07  ? 101 LYS   A CE  1 
ATOM   813 N NZ  . LYS   A 1 101 ? -5.610  12.293  24.577  1.00 91.13  ? 101 LYS   A NZ  1 
ATOM   814 N N   . ILE   A 1 102 ? -9.769  10.311  19.564  1.00 70.07  ? 102 ILE   A N   1 
ATOM   815 C CA  . ILE   A 1 102 ? -11.178 10.656  19.674  1.00 67.60  ? 102 ILE   A CA  1 
ATOM   816 C C   . ILE   A 1 102 ? -11.996 9.483   20.223  1.00 66.70  ? 102 ILE   A C   1 
ATOM   817 O O   . ILE   A 1 102 ? -12.942 9.697   20.969  1.00 63.60  ? 102 ILE   A O   1 
ATOM   818 C CB  . ILE   A 1 102 ? -11.738 11.151  18.321  1.00 67.65  ? 102 ILE   A CB  1 
ATOM   819 C CG1 . ILE   A 1 102 ? -11.114 12.516  17.993  1.00 67.15  ? 102 ILE   A CG1 1 
ATOM   820 C CG2 . ILE   A 1 102 ? -13.264 11.235  18.352  1.00 66.95  ? 102 ILE   A CG2 1 
ATOM   821 C CD1 . ILE   A 1 102 ? -11.548 13.121  16.675  1.00 67.56  ? 102 ILE   A CD1 1 
ATOM   822 N N   . ILE   A 1 103 ? -11.615 8.256   19.879  1.00 67.23  ? 103 ILE   A N   1 
ATOM   823 C CA  . ILE   A 1 103 ? -12.333 7.068   20.343  1.00 68.58  ? 103 ILE   A CA  1 
ATOM   824 C C   . ILE   A 1 103 ? -12.071 6.771   21.816  1.00 70.49  ? 103 ILE   A C   1 
ATOM   825 O O   . ILE   A 1 103 ? -13.000 6.438   22.548  1.00 71.94  ? 103 ILE   A O   1 
ATOM   826 C CB  . ILE   A 1 103 ? -11.992 5.825   19.497  1.00 69.81  ? 103 ILE   A CB  1 
ATOM   827 C CG1 . ILE   A 1 103 ? -12.569 5.978   18.087  1.00 70.24  ? 103 ILE   A CG1 1 
ATOM   828 C CG2 . ILE   A 1 103 ? -12.545 4.560   20.145  1.00 70.53  ? 103 ILE   A CG2 1 
ATOM   829 C CD1 . ILE   A 1 103 ? -12.067 4.942   17.103  1.00 71.50  ? 103 ILE   A CD1 1 
ATOM   830 N N   . GLU   A 1 104 ? -10.819 6.872   22.250  1.00 74.33  ? 104 GLU   A N   1 
ATOM   831 C CA  . GLU   A 1 104 ? -10.494 6.648   23.667  1.00 75.63  ? 104 GLU   A CA  1 
ATOM   832 C C   . GLU   A 1 104 ? -11.086 7.749   24.550  1.00 73.90  ? 104 GLU   A C   1 
ATOM   833 O O   . GLU   A 1 104 ? -11.320 7.527   25.736  1.00 74.71  ? 104 GLU   A O   1 
ATOM   834 C CB  . GLU   A 1 104 ? -8.980  6.488   23.896  1.00 78.08  ? 104 GLU   A CB  1 
ATOM   835 C CG  . GLU   A 1 104 ? -8.122  7.692   23.530  1.00 82.38  ? 104 GLU   A CG  1 
ATOM   836 C CD  . GLU   A 1 104 ? -6.630  7.378   23.521  1.00 85.42  ? 104 GLU   A CD  1 
ATOM   837 O OE1 . GLU   A 1 104 ? -6.065  7.123   24.607  1.00 87.35  ? 104 GLU   A OE1 1 
ATOM   838 O OE2 . GLU   A 1 104 ? -6.018  7.396   22.428  1.00 83.18  ? 104 GLU   A OE2 1 
ATOM   839 N N   . ASN   A 1 105 ? -11.337 8.920   23.965  1.00 74.21  ? 105 ASN   A N   1 
ATOM   840 C CA  . ASN   A 1 105 ? -12.081 9.989   24.642  1.00 75.94  ? 105 ASN   A CA  1 
ATOM   841 C C   . ASN   A 1 105 ? -13.572 9.658   24.824  1.00 76.69  ? 105 ASN   A C   1 
ATOM   842 O O   . ASN   A 1 105 ? -14.166 10.030  25.830  1.00 80.00  ? 105 ASN   A O   1 
ATOM   843 C CB  . ASN   A 1 105 ? -11.926 11.323  23.894  1.00 75.35  ? 105 ASN   A CB  1 
ATOM   844 C CG  . ASN   A 1 105 ? -10.502 11.863  23.931  1.00 74.90  ? 105 ASN   A CG  1 
ATOM   845 O OD1 . ASN   A 1 105 ? -9.653  11.374  24.679  1.00 75.76  ? 105 ASN   A OD1 1 
ATOM   846 N ND2 . ASN   A 1 105 ? -10.236 12.880  23.117  1.00 72.67  ? 105 ASN   A ND2 1 
ATOM   847 N N   . LEU   A 1 106 ? -14.172 8.967   23.856  1.00 78.16  ? 106 LEU   A N   1 
ATOM   848 C CA  . LEU   A 1 106 ? -15.560 8.496   23.978  1.00 79.10  ? 106 LEU   A CA  1 
ATOM   849 C C   . LEU   A 1 106 ? -15.694 7.326   24.956  1.00 81.28  ? 106 LEU   A C   1 
ATOM   850 O O   . LEU   A 1 106 ? -16.730 7.167   25.601  1.00 79.91  ? 106 LEU   A O   1 
ATOM   851 C CB  . LEU   A 1 106 ? -16.119 8.077   22.614  1.00 76.01  ? 106 LEU   A CB  1 
ATOM   852 C CG  . LEU   A 1 106 ? -16.239 9.171   21.553  1.00 75.39  ? 106 LEU   A CG  1 
ATOM   853 C CD1 . LEU   A 1 106 ? -16.529 8.553   20.191  1.00 75.08  ? 106 LEU   A CD1 1 
ATOM   854 C CD2 . LEU   A 1 106 ? -17.312 10.180  21.927  1.00 75.69  ? 106 LEU   A CD2 1 
ATOM   855 N N   . GLU   A 1 107 ? -14.653 6.502   25.044  1.00 84.90  ? 107 GLU   A N   1 
ATOM   856 C CA  . GLU   A 1 107 ? -14.608 5.416   26.021  1.00 87.12  ? 107 GLU   A CA  1 
ATOM   857 C C   . GLU   A 1 107 ? -14.326 5.969   27.422  1.00 89.18  ? 107 GLU   A C   1 
ATOM   858 O O   . GLU   A 1 107 ? -14.625 5.309   28.418  1.00 90.42  ? 107 GLU   A O   1 
ATOM   859 C CB  . GLU   A 1 107 ? -13.560 4.367   25.619  1.00 87.32  ? 107 GLU   A CB  1 
ATOM   860 C CG  . GLU   A 1 107 ? -13.941 3.570   24.372  1.00 89.23  ? 107 GLU   A CG  1 
ATOM   861 C CD  . GLU   A 1 107 ? -12.777 2.818   23.737  1.00 90.82  ? 107 GLU   A CD  1 
ATOM   862 O OE1 . GLU   A 1 107 ? -11.647 3.349   23.731  1.00 95.02  ? 107 GLU   A OE1 1 
ATOM   863 O OE2 . GLU   A 1 107 ? -12.993 1.696   23.224  1.00 88.38  ? 107 GLU   A OE2 1 
ATOM   864 N N   . ALA   A 1 108 ? -13.760 7.177   27.485  1.00 89.37  ? 108 ALA   A N   1 
ATOM   865 C CA  . ALA   A 1 108 ? -13.474 7.867   28.749  1.00 89.41  ? 108 ALA   A CA  1 
ATOM   866 C C   . ALA   A 1 108 ? -14.638 8.746   29.222  1.00 89.93  ? 108 ALA   A C   1 
ATOM   867 O O   . ALA   A 1 108 ? -14.887 8.847   30.423  1.00 89.60  ? 108 ALA   A O   1 
ATOM   868 C CB  . ALA   A 1 108 ? -12.206 8.700   28.617  1.00 86.83  ? 108 ALA   A CB  1 
ATOM   869 N N   . ASN   A 1 109 ? -15.340 9.383   28.285  1.00 92.23  ? 109 ASN   A N   1 
ATOM   870 C CA  . ASN   A 1 109 ? -16.535 10.171  28.615  1.00 94.13  ? 109 ASN   A CA  1 
ATOM   871 C C   . ASN   A 1 109 ? -17.679 9.304   29.144  1.00 95.60  ? 109 ASN   A C   1 
ATOM   872 O O   . ASN   A 1 109 ? -18.575 9.803   29.823  1.00 91.49  ? 109 ASN   A O   1 
ATOM   873 C CB  . ASN   A 1 109 ? -17.012 10.984  27.405  1.00 94.70  ? 109 ASN   A CB  1 
ATOM   874 C CG  . ASN   A 1 109 ? -16.084 12.140  27.075  1.00 97.29  ? 109 ASN   A CG  1 
ATOM   875 O OD1 . ASN   A 1 109 ? -15.128 12.418  27.804  1.00 97.32  ? 109 ASN   A OD1 1 
ATOM   876 N ND2 . ASN   A 1 109 ? -16.361 12.822  25.968  1.00 98.41  ? 109 ASN   A ND2 1 
ATOM   877 N N   . LYS   A 1 110 ? -17.645 8.014   28.816  1.00 98.48  ? 110 LYS   A N   1 
ATOM   878 C CA  . LYS   A 1 110 ? -18.512 7.022   29.450  1.00 103.09 ? 110 LYS   A CA  1 
ATOM   879 C C   . LYS   A 1 110 ? -18.221 6.911   30.951  1.00 109.28 ? 110 LYS   A C   1 
ATOM   880 O O   . LYS   A 1 110 ? -19.140 6.953   31.774  1.00 106.70 ? 110 LYS   A O   1 
ATOM   881 C CB  . LYS   A 1 110 ? -18.319 5.654   28.788  1.00 102.16 ? 110 LYS   A CB  1 
ATOM   882 C CG  . LYS   A 1 110 ? -19.053 4.514   29.480  1.00 100.33 ? 110 LYS   A CG  1 
ATOM   883 C CD  . LYS   A 1 110 ? -19.219 3.312   28.569  1.00 98.89  ? 110 LYS   A CD  1 
ATOM   884 C CE  . LYS   A 1 110 ? -20.399 2.453   28.993  1.00 97.82  ? 110 LYS   A CE  1 
ATOM   885 N NZ  . LYS   A 1 110 ? -20.747 1.446   27.957  1.00 96.87  ? 110 LYS   A NZ  1 
ATOM   886 N N   . LYS   A 1 111 ? -16.936 6.774   31.286  1.00 116.26 ? 111 LYS   A N   1 
ATOM   887 C CA  . LYS   A 1 111 ? -16.488 6.600   32.677  1.00 118.62 ? 111 LYS   A CA  1 
ATOM   888 C C   . LYS   A 1 111 ? -16.875 7.796   33.544  1.00 121.01 ? 111 LYS   A C   1 
ATOM   889 O O   . LYS   A 1 111 ? -17.189 7.636   34.724  1.00 125.86 ? 111 LYS   A O   1 
ATOM   890 C CB  . LYS   A 1 111 ? -14.966 6.391   32.756  1.00 117.39 ? 111 LYS   A CB  1 
ATOM   891 C CG  . LYS   A 1 111 ? -14.384 5.335   31.822  1.00 115.72 ? 111 LYS   A CG  1 
ATOM   892 C CD  . LYS   A 1 111 ? -15.068 3.981   31.931  1.00 114.73 ? 111 LYS   A CD  1 
ATOM   893 C CE  . LYS   A 1 111 ? -14.805 3.331   33.278  1.00 114.40 ? 111 LYS   A CE  1 
ATOM   894 N NZ  . LYS   A 1 111 ? -15.275 1.921   33.309  1.00 113.84 ? 111 LYS   A NZ  1 
ATOM   895 N N   . SER   A 1 112 ? -16.837 8.989   32.955  1.00 120.90 ? 112 SER   A N   1 
ATOM   896 C CA  . SER   A 1 112 ? -17.306 10.206  33.613  1.00 120.98 ? 112 SER   A CA  1 
ATOM   897 C C   . SER   A 1 112 ? -18.816 10.139  33.880  1.00 124.20 ? 112 SER   A C   1 
ATOM   898 O O   . SER   A 1 112 ? -19.259 10.298  35.021  1.00 122.83 ? 112 SER   A O   1 
ATOM   899 C CB  . SER   A 1 112 ? -16.971 11.431  32.751  1.00 118.32 ? 112 SER   A CB  1 
ATOM   900 O OG  . SER   A 1 112 ? -17.331 12.640  33.393  1.00 112.70 ? 112 SER   A OG  1 
ATOM   901 N N   . GLU   A 1 113 ? -19.592 9.880   32.825  1.00 126.41 ? 113 GLU   A N   1 
ATOM   902 C CA  . GLU   A 1 113 ? -21.059 9.847   32.907  1.00 124.00 ? 113 GLU   A CA  1 
ATOM   903 C C   . GLU   A 1 113 ? -21.558 8.461   33.312  1.00 117.59 ? 113 GLU   A C   1 
ATOM   904 O O   . GLU   A 1 113 ? -21.250 7.967   34.396  1.00 108.80 ? 113 GLU   A O   1 
ATOM   905 C CB  . GLU   A 1 113 ? -21.690 10.237  31.561  1.00 125.02 ? 113 GLU   A CB  1 
ATOM   906 C CG  . GLU   A 1 113 ? -21.190 11.546  30.949  1.00 123.92 ? 113 GLU   A CG  1 
ATOM   907 C CD  . GLU   A 1 113 ? -21.575 12.786  31.740  1.00 122.09 ? 113 GLU   A CD  1 
ATOM   908 O OE1 . GLU   A 1 113 ? -22.657 12.802  32.367  1.00 120.22 ? 113 GLU   A OE1 1 
ATOM   909 O OE2 . GLU   A 1 113 ? -20.794 13.760  31.720  1.00 118.77 ? 113 GLU   A OE2 1 
HETATM 910 C C1  . EDO   B 2 .   ? 6.979   12.483  -8.865  1.00 38.38  ? 201 EDO   A C1  1 
HETATM 911 O O1  . EDO   B 2 .   ? 6.307   13.742  -8.906  1.00 41.57  ? 201 EDO   A O1  1 
HETATM 912 C C2  . EDO   B 2 .   ? 8.279   12.662  -8.109  1.00 37.50  ? 201 EDO   A C2  1 
HETATM 913 O O2  . EDO   B 2 .   ? 7.980   12.592  -6.720  1.00 35.94  ? 201 EDO   A O2  1 
# 
